data_6ITO
#
_entry.id   6ITO
#
_cell.length_a   125.550
_cell.length_b   125.550
_cell.length_c   143.821
_cell.angle_alpha   90.00
_cell.angle_beta   90.00
_cell.angle_gamma   120.00
#
_symmetry.space_group_name_H-M   'P 31'
#
loop_
_entity.id
_entity.type
_entity.pdbx_description
1 polymer 'Pyruvate kinase'
2 non-polymer 'MAGNESIUM ION'
3 non-polymer 'OXALATE ION'
4 non-polymer RIBOSE-5-PHOSPHATE
5 non-polymer 'ADENOSINE MONOPHOSPHATE'
6 water water
#
_entity_poly.entity_id   1
_entity_poly.type   'polypeptide(L)'
_entity_poly.pdbx_seq_one_letter_code
;GGHMTRRGKIVCTLGPATQRDDLVRALVEAGMDVARMNFSHGDYDDHKVAYERVRVASDATGRAVGVLADLQGPKIRLGR
FASGATHWAEGETVRITVGACEGSHDRVSTTYKRLAQDAVAGDRVLVDDGKVALVVDAVEGDDVVCTVVEGGPVSDNKGI
SLPGMNVTAPALSEKDIEDLTFALNLGVDMVALSFVRSPADVELVHEVMDRIGRRVPVIAKLEKPEAIDNLEAIVLAFDA
VMVARGDLGVELPLEEVPLVQKRAIQMARENAKPVIVATQMLDSMIENSRPTRAEASDVANAVLDGADALMLSGETSVGK
YPLAAVRTMSRIICAVEENSTAAPPLTHIPRTKRGVISYAARDIGERLDAKALVAFTQSGDTVRRLARLHTPLPLLAFTA
WPEVRSQLAMTWGTETFIVPKMQSTDGMIRQVDKSLLELARYKRGDLVVIVAGAPPGTVGSTNLIHVHRIGEDDV
;
_entity_poly.pdbx_strand_id   A,B,C,D
#
loop_
_chem_comp.id
_chem_comp.type
_chem_comp.name
_chem_comp.formula
AMP non-polymer 'ADENOSINE MONOPHOSPHATE' 'C10 H14 N5 O7 P'
MG non-polymer 'MAGNESIUM ION' 'Mg 2'
OXL non-polymer 'OXALATE ION' 'C2 O4 -2'
R5P saccharide RIBOSE-5-PHOSPHATE 'C5 H11 O8 P'
#
# COMPACT_ATOMS: atom_id res chain seq x y z
N THR A 5 0.55 29.95 11.82
CA THR A 5 1.75 30.61 11.33
C THR A 5 2.64 29.62 10.57
N ARG A 6 3.65 30.13 9.90
CA ARG A 6 4.38 29.47 8.80
C ARG A 6 5.39 28.48 9.37
N ARG A 7 5.63 27.39 8.63
CA ARG A 7 6.59 26.31 9.01
C ARG A 7 7.87 26.45 8.18
N GLY A 8 7.77 26.55 6.85
CA GLY A 8 8.92 26.68 5.94
C GLY A 8 9.73 27.96 6.21
N LYS A 9 11.05 27.88 6.20
CA LYS A 9 11.93 28.99 6.60
C LYS A 9 12.34 29.81 5.37
N ILE A 10 12.56 31.12 5.57
CA ILE A 10 12.89 32.11 4.51
C ILE A 10 14.29 32.67 4.76
N VAL A 11 15.20 32.48 3.80
CA VAL A 11 16.57 33.05 3.79
C VAL A 11 16.58 34.30 2.90
N CYS A 12 17.04 35.43 3.44
CA CYS A 12 17.20 36.69 2.68
C CYS A 12 18.68 37.03 2.53
N THR A 13 19.04 37.62 1.41
CA THR A 13 20.41 38.10 1.14
C THR A 13 20.44 39.60 1.37
N LEU A 14 21.43 40.06 2.13
CA LEU A 14 21.65 41.48 2.46
C LEU A 14 22.53 42.08 1.39
N GLY A 15 22.27 43.33 1.06
CA GLY A 15 23.11 44.16 0.16
C GLY A 15 22.58 45.57 0.11
N PRO A 16 22.97 46.38 -0.90
CA PRO A 16 22.56 47.78 -0.99
C PRO A 16 21.12 48.08 -0.56
N ALA A 17 20.15 47.23 -0.96
CA ALA A 17 18.71 47.48 -0.79
C ALA A 17 18.29 47.24 0.66
N THR A 18 19.08 46.49 1.44
CA THR A 18 18.85 46.23 2.89
C THR A 18 19.91 46.95 3.74
N GLN A 19 20.27 48.17 3.36
CA GLN A 19 21.22 49.03 4.10
C GLN A 19 20.50 50.28 4.57
N ARG A 20 19.34 50.56 3.98
CA ARG A 20 18.43 51.66 4.37
C ARG A 20 18.09 51.56 5.84
N ASP A 21 17.74 52.67 6.45
CA ASP A 21 17.50 52.73 7.91
C ASP A 21 16.35 51.75 8.24
N ASP A 22 16.61 50.82 9.15
CA ASP A 22 15.63 49.91 9.78
C ASP A 22 15.19 48.82 8.81
N LEU A 23 15.81 48.69 7.62
CA LEU A 23 15.35 47.71 6.60
C LEU A 23 15.59 46.30 7.08
N VAL A 24 16.76 46.00 7.61
CA VAL A 24 17.08 44.66 8.18
C VAL A 24 16.03 44.35 9.25
N ARG A 25 15.65 45.35 10.05
CA ARG A 25 14.56 45.23 11.06
C ARG A 25 13.27 44.84 10.37
N ALA A 26 12.89 45.58 9.32
CA ALA A 26 11.64 45.37 8.54
C ALA A 26 11.61 43.93 7.99
N LEU A 27 12.75 43.40 7.55
CA LEU A 27 12.86 42.04 6.96
C LEU A 27 12.54 41.00 8.03
N VAL A 28 13.17 41.12 9.18
CA VAL A 28 13.00 40.19 10.33
C VAL A 28 11.52 40.21 10.74
N GLU A 29 10.91 41.42 10.81
CA GLU A 29 9.51 41.63 11.25
C GLU A 29 8.56 41.03 10.20
N ALA A 30 9.02 40.88 8.97
CA ALA A 30 8.24 40.35 7.81
C ALA A 30 8.45 38.84 7.67
N GLY A 31 9.51 38.29 8.29
CA GLY A 31 9.65 36.83 8.50
C GLY A 31 11.04 36.28 8.13
N MET A 32 12.03 37.11 7.85
CA MET A 32 13.40 36.61 7.53
C MET A 32 13.91 35.73 8.67
N ASP A 33 14.22 34.48 8.38
CA ASP A 33 14.69 33.49 9.39
C ASP A 33 16.21 33.42 9.34
N VAL A 34 16.79 33.55 8.17
CA VAL A 34 18.26 33.53 7.98
C VAL A 34 18.66 34.74 7.12
N ALA A 35 19.75 35.41 7.49
CA ALA A 35 20.35 36.52 6.76
C ALA A 35 21.62 36.03 6.11
N ARG A 36 21.64 36.01 4.77
CA ARG A 36 22.83 35.64 3.99
C ARG A 36 23.69 36.87 3.76
N MET A 37 24.94 36.79 4.18
CA MET A 37 26.01 37.75 3.89
C MET A 37 26.80 37.19 2.71
N ASN A 38 26.69 37.83 1.55
CA ASN A 38 27.33 37.35 0.31
C ASN A 38 28.68 38.06 0.18
N PHE A 39 29.76 37.32 0.39
CA PHE A 39 31.15 37.84 0.46
C PHE A 39 31.73 38.02 -0.94
N SER A 40 30.93 37.79 -1.99
CA SER A 40 31.25 38.18 -3.39
C SER A 40 31.28 39.71 -3.49
N HIS A 41 30.47 40.39 -2.69
CA HIS A 41 30.21 41.85 -2.78
C HIS A 41 30.38 42.48 -1.40
N GLY A 42 30.59 43.80 -1.36
CA GLY A 42 30.68 44.59 -0.13
C GLY A 42 32.08 44.52 0.48
N ASP A 43 32.42 45.48 1.34
CA ASP A 43 33.63 45.42 2.19
C ASP A 43 33.20 45.06 3.61
N TYR A 44 34.18 44.82 4.46
CA TYR A 44 34.01 44.29 5.83
C TYR A 44 33.19 45.28 6.69
N ASP A 45 33.29 46.58 6.44
CA ASP A 45 32.44 47.61 7.09
C ASP A 45 30.98 47.30 6.79
N ASP A 46 30.66 47.07 5.52
CA ASP A 46 29.27 46.81 5.05
C ASP A 46 28.72 45.57 5.77
N HIS A 47 29.53 44.52 5.87
CA HIS A 47 29.17 43.24 6.48
C HIS A 47 28.93 43.45 7.99
N LYS A 48 29.93 43.99 8.70
CA LYS A 48 29.83 44.32 10.14
C LYS A 48 28.50 45.05 10.40
N VAL A 49 28.28 46.17 9.73
CA VAL A 49 27.08 47.04 9.94
C VAL A 49 25.81 46.20 9.75
N ALA A 50 25.81 45.29 8.78
CA ALA A 50 24.65 44.46 8.41
C ALA A 50 24.42 43.41 9.51
N TYR A 51 25.48 42.68 9.88
CA TYR A 51 25.50 41.67 10.96
C TYR A 51 25.03 42.27 12.29
N GLU A 52 25.50 43.47 12.62
CA GLU A 52 25.02 44.26 13.80
C GLU A 52 23.49 44.39 13.71
N ARG A 53 23.00 44.90 12.59
CA ARG A 53 21.58 45.24 12.37
C ARG A 53 20.71 43.97 12.53
N VAL A 54 21.26 42.80 12.20
CA VAL A 54 20.53 41.49 12.27
C VAL A 54 20.42 41.07 13.73
N ARG A 55 21.52 41.10 14.47
CA ARG A 55 21.57 40.71 15.90
C ARG A 55 20.62 41.60 16.69
N VAL A 56 20.58 42.89 16.39
CA VAL A 56 19.70 43.86 17.09
C VAL A 56 18.25 43.51 16.82
N ALA A 57 17.90 43.38 15.56
CA ALA A 57 16.54 43.01 15.08
C ALA A 57 16.11 41.68 15.70
N SER A 58 16.98 40.65 15.66
CA SER A 58 16.74 39.31 16.27
C SER A 58 16.45 39.49 17.76
N ASP A 59 17.30 40.22 18.47
CA ASP A 59 17.21 40.37 19.95
C ASP A 59 16.02 41.30 20.29
N ALA A 60 15.76 42.32 19.46
CA ALA A 60 14.70 43.33 19.70
C ALA A 60 13.32 42.71 19.45
N THR A 61 13.19 41.77 18.52
CA THR A 61 11.89 41.14 18.10
C THR A 61 11.70 39.81 18.83
N GLY A 62 12.79 39.22 19.28
CA GLY A 62 12.82 37.87 19.86
C GLY A 62 12.57 36.81 18.80
N ARG A 63 12.64 37.18 17.51
CA ARG A 63 12.68 36.23 16.37
C ARG A 63 14.11 35.75 16.21
N ALA A 64 14.32 34.46 16.29
CA ALA A 64 15.57 33.79 15.88
C ALA A 64 15.93 34.27 14.48
N VAL A 65 17.18 34.68 14.28
CA VAL A 65 17.70 34.93 12.91
C VAL A 65 19.13 34.43 12.82
N GLY A 66 19.32 33.31 12.13
CA GLY A 66 20.64 32.78 11.73
C GLY A 66 21.34 33.76 10.81
N VAL A 67 22.65 33.84 10.92
CA VAL A 67 23.50 34.64 10.01
C VAL A 67 24.37 33.69 9.22
N LEU A 68 24.22 33.69 7.90
CA LEU A 68 24.92 32.76 6.97
C LEU A 68 26.00 33.54 6.21
N ALA A 69 27.25 33.16 6.38
CA ALA A 69 28.39 33.71 5.62
C ALA A 69 28.59 32.86 4.37
N ASP A 70 28.23 33.42 3.22
CA ASP A 70 28.39 32.77 1.91
C ASP A 70 29.75 33.15 1.32
N LEU A 71 30.63 32.16 1.18
CA LEU A 71 32.01 32.34 0.66
C LEU A 71 32.02 32.19 -0.87
N GLN A 72 32.62 33.16 -1.58
CA GLN A 72 32.57 33.29 -3.05
C GLN A 72 33.04 31.99 -3.71
N GLY A 73 33.98 31.27 -3.09
CA GLY A 73 34.58 30.05 -3.66
C GLY A 73 35.49 30.38 -4.86
N PRO A 74 35.99 29.37 -5.60
CA PRO A 74 36.77 29.60 -6.82
C PRO A 74 35.88 30.02 -8.00
N LYS A 75 35.22 31.16 -7.86
CA LYS A 75 34.42 31.81 -8.92
C LYS A 75 35.38 32.39 -9.95
N ILE A 76 35.14 32.13 -11.21
CA ILE A 76 35.92 32.74 -12.32
C ILE A 76 35.22 34.02 -12.76
N ARG A 77 36.01 35.06 -12.97
CA ARG A 77 35.56 36.45 -13.19
C ARG A 77 36.39 37.08 -14.30
N LEU A 78 35.80 38.05 -15.02
CA LEU A 78 36.52 38.91 -16.00
C LEU A 78 37.36 39.92 -15.23
N GLY A 79 38.38 40.48 -15.89
CA GLY A 79 39.28 41.50 -15.32
C GLY A 79 38.60 42.85 -15.25
N ARG A 80 39.38 43.93 -15.28
CA ARG A 80 38.90 45.33 -15.38
C ARG A 80 38.96 45.79 -16.84
N PHE A 81 37.96 46.57 -17.29
CA PHE A 81 37.96 47.29 -18.60
C PHE A 81 38.44 48.74 -18.38
N ALA A 82 39.24 49.26 -19.31
CA ALA A 82 39.63 50.68 -19.41
C ALA A 82 38.40 51.59 -19.18
N SER A 83 37.20 51.13 -19.60
CA SER A 83 35.94 51.92 -19.64
C SER A 83 35.05 51.61 -18.44
N GLY A 84 35.42 50.63 -17.64
CA GLY A 84 34.56 50.06 -16.59
C GLY A 84 33.58 49.08 -17.20
N ALA A 85 32.79 49.53 -18.16
CA ALA A 85 31.81 48.67 -18.89
C ALA A 85 31.91 48.91 -20.40
N THR A 86 31.74 47.83 -21.19
CA THR A 86 31.69 47.84 -22.69
C THR A 86 30.43 47.07 -23.13
N HIS A 87 30.12 47.09 -24.44
CA HIS A 87 29.02 46.28 -25.04
C HIS A 87 29.60 45.24 -25.98
N TRP A 88 29.32 43.97 -25.68
CA TRP A 88 29.69 42.80 -26.49
C TRP A 88 28.53 42.43 -27.42
N ALA A 89 28.65 42.83 -28.71
CA ALA A 89 27.61 42.72 -29.77
C ALA A 89 27.72 41.36 -30.49
N GLU A 90 26.59 40.63 -30.60
CA GLU A 90 26.46 39.37 -31.38
C GLU A 90 27.23 39.53 -32.69
N GLY A 91 28.31 38.76 -32.87
CA GLY A 91 29.09 38.72 -34.12
C GLY A 91 30.53 39.19 -33.94
N GLU A 92 30.85 39.79 -32.78
CA GLU A 92 32.16 40.43 -32.49
C GLU A 92 33.14 39.37 -31.99
N THR A 93 34.44 39.57 -32.28
CA THR A 93 35.57 38.76 -31.77
C THR A 93 36.11 39.40 -30.49
N VAL A 94 36.24 38.61 -29.41
CA VAL A 94 36.72 39.07 -28.08
C VAL A 94 37.85 38.14 -27.58
N ARG A 95 38.97 38.75 -27.14
CA ARG A 95 40.13 38.05 -26.50
C ARG A 95 40.00 38.13 -24.96
N ILE A 96 40.04 36.99 -24.28
CA ILE A 96 40.07 36.88 -22.79
C ILE A 96 41.40 36.24 -22.39
N THR A 97 42.33 37.01 -21.80
CA THR A 97 43.74 36.57 -21.58
C THR A 97 43.97 36.23 -20.10
N VAL A 98 44.89 35.28 -19.86
CA VAL A 98 45.47 34.90 -18.54
C VAL A 98 46.64 35.84 -18.21
N GLY A 99 47.10 36.60 -19.20
CA GLY A 99 48.10 37.68 -19.02
C GLY A 99 47.48 38.85 -18.26
N ALA A 100 48.30 39.59 -17.51
CA ALA A 100 47.90 40.86 -16.88
C ALA A 100 47.73 41.90 -18.00
N CYS A 101 46.61 42.63 -17.98
CA CYS A 101 46.38 43.83 -18.82
C CYS A 101 45.14 44.59 -18.31
N GLU A 102 45.10 45.88 -18.60
CA GLU A 102 43.89 46.72 -18.55
C GLU A 102 42.96 46.30 -19.69
N GLY A 103 41.70 46.12 -19.39
CA GLY A 103 40.72 45.60 -20.34
C GLY A 103 40.36 46.63 -21.38
N SER A 104 40.60 46.33 -22.64
CA SER A 104 39.94 46.98 -23.79
C SER A 104 38.64 46.23 -24.12
N HIS A 105 37.77 46.82 -24.94
CA HIS A 105 36.51 46.19 -25.45
C HIS A 105 36.79 44.75 -25.94
N ASP A 106 37.84 44.55 -26.75
CA ASP A 106 38.07 43.29 -27.50
C ASP A 106 39.20 42.47 -26.83
N ARG A 107 39.85 42.99 -25.76
CA ARG A 107 40.86 42.22 -24.98
C ARG A 107 40.75 42.56 -23.48
N VAL A 108 40.44 41.54 -22.65
CA VAL A 108 40.22 41.63 -21.17
C VAL A 108 40.92 40.43 -20.48
N SER A 109 41.29 40.61 -19.22
CA SER A 109 41.85 39.56 -18.34
C SER A 109 40.72 38.74 -17.70
N THR A 110 41.08 37.61 -17.11
CA THR A 110 40.22 36.87 -16.16
C THR A 110 41.07 36.46 -14.96
N THR A 111 40.42 36.07 -13.87
CA THR A 111 41.07 35.63 -12.61
C THR A 111 41.66 34.22 -12.82
N TYR A 112 40.99 33.36 -13.60
CA TYR A 112 41.43 31.97 -13.89
C TYR A 112 42.68 32.02 -14.75
N LYS A 113 43.82 31.69 -14.18
CA LYS A 113 45.13 31.82 -14.87
C LYS A 113 45.43 30.53 -15.62
N ARG A 114 44.53 29.54 -15.53
CA ARG A 114 44.67 28.24 -16.22
C ARG A 114 43.80 28.24 -17.48
N LEU A 115 43.31 29.40 -17.94
CA LEU A 115 42.30 29.47 -19.02
C LEU A 115 42.94 29.06 -20.35
N ALA A 116 44.01 29.73 -20.74
CA ALA A 116 44.75 29.42 -21.98
C ALA A 116 44.98 27.91 -22.06
N GLN A 117 45.42 27.31 -20.97
CA GLN A 117 45.91 25.90 -20.99
C GLN A 117 44.74 24.91 -20.72
N ASP A 118 43.50 25.39 -20.48
CA ASP A 118 42.33 24.51 -20.17
C ASP A 118 41.18 24.69 -21.20
N ALA A 119 41.16 25.81 -21.92
CA ALA A 119 40.08 26.18 -22.88
C ALA A 119 40.45 25.72 -24.29
N VAL A 120 39.59 24.91 -24.94
CA VAL A 120 39.77 24.40 -26.33
C VAL A 120 38.63 24.94 -27.20
N ALA A 121 38.91 25.22 -28.47
CA ALA A 121 37.94 25.76 -29.45
C ALA A 121 36.66 24.95 -29.38
N GLY A 122 35.51 25.62 -29.48
CA GLY A 122 34.18 25.00 -29.35
C GLY A 122 33.63 25.11 -27.92
N ASP A 123 34.49 25.43 -26.94
CA ASP A 123 34.07 25.63 -25.53
C ASP A 123 33.17 26.85 -25.46
N ARG A 124 32.12 26.77 -24.62
CA ARG A 124 31.12 27.85 -24.43
C ARG A 124 31.48 28.66 -23.19
N VAL A 125 31.14 29.95 -23.20
CA VAL A 125 31.39 30.92 -22.09
C VAL A 125 30.09 31.66 -21.79
N LEU A 126 29.45 31.37 -20.66
CA LEU A 126 28.25 32.10 -20.19
C LEU A 126 28.67 33.16 -19.19
N VAL A 127 28.16 34.39 -19.35
CA VAL A 127 28.48 35.58 -18.52
C VAL A 127 27.26 35.91 -17.68
N ASP A 128 27.45 36.41 -16.46
CA ASP A 128 26.37 36.97 -15.61
C ASP A 128 25.22 35.95 -15.56
N ASP A 129 25.55 34.67 -15.30
CA ASP A 129 24.59 33.52 -15.11
C ASP A 129 23.73 33.31 -16.40
N GLY A 130 24.28 33.62 -17.61
CA GLY A 130 23.81 33.04 -18.91
C GLY A 130 23.57 34.07 -20.04
N LYS A 131 23.38 35.37 -19.71
CA LYS A 131 22.71 36.38 -20.60
C LYS A 131 23.59 36.69 -21.82
N VAL A 132 24.89 36.84 -21.64
CA VAL A 132 25.88 37.01 -22.77
C VAL A 132 26.68 35.71 -22.92
N ALA A 133 26.66 35.11 -24.11
CA ALA A 133 27.25 33.78 -24.42
C ALA A 133 28.27 33.92 -25.54
N LEU A 134 29.45 33.35 -25.35
CA LEU A 134 30.51 33.30 -26.38
C LEU A 134 30.82 31.85 -26.72
N VAL A 135 31.51 31.63 -27.83
CA VAL A 135 32.16 30.35 -28.16
C VAL A 135 33.64 30.61 -28.40
N VAL A 136 34.48 29.72 -27.92
CA VAL A 136 35.96 29.76 -28.07
C VAL A 136 36.32 29.40 -29.52
N ASP A 137 36.94 30.34 -30.24
CA ASP A 137 37.48 30.13 -31.61
C ASP A 137 38.91 29.57 -31.52
N ALA A 138 39.84 30.33 -30.91
CA ALA A 138 41.30 29.99 -30.86
C ALA A 138 41.93 30.38 -29.50
N VAL A 139 42.94 29.60 -29.10
CA VAL A 139 43.87 29.88 -27.97
C VAL A 139 45.26 30.21 -28.54
N GLU A 140 45.64 31.51 -28.58
CA GLU A 140 46.95 31.99 -29.12
C GLU A 140 47.92 32.31 -27.95
N GLY A 141 48.87 31.41 -27.66
CA GLY A 141 49.78 31.54 -26.50
C GLY A 141 49.00 31.74 -25.22
N ASP A 142 48.91 33.00 -24.73
CA ASP A 142 48.23 33.38 -23.45
C ASP A 142 46.77 33.88 -23.70
N ASP A 143 46.36 34.10 -24.96
CA ASP A 143 45.02 34.71 -25.27
C ASP A 143 43.99 33.62 -25.65
N VAL A 144 42.71 33.86 -25.34
CA VAL A 144 41.58 32.95 -25.70
C VAL A 144 40.59 33.74 -26.54
N VAL A 145 40.64 33.60 -27.86
CA VAL A 145 39.81 34.42 -28.78
C VAL A 145 38.46 33.72 -28.94
N CYS A 146 37.38 34.47 -28.75
CA CYS A 146 35.98 33.97 -28.70
C CYS A 146 35.12 34.79 -29.64
N THR A 147 33.96 34.26 -30.01
CA THR A 147 32.95 34.96 -30.83
C THR A 147 31.68 35.09 -30.01
N VAL A 148 31.22 36.31 -29.82
CA VAL A 148 29.93 36.59 -29.11
C VAL A 148 28.80 35.97 -29.93
N VAL A 149 28.06 35.03 -29.34
CA VAL A 149 26.98 34.27 -30.01
C VAL A 149 25.63 34.79 -29.49
N GLU A 150 25.58 35.19 -28.25
CA GLU A 150 24.47 36.00 -27.68
C GLU A 150 25.07 37.31 -27.11
N GLY A 151 24.58 38.46 -27.58
CA GLY A 151 25.20 39.77 -27.34
C GLY A 151 24.59 40.48 -26.14
N GLY A 152 25.35 41.40 -25.53
CA GLY A 152 24.90 42.16 -24.35
C GLY A 152 26.03 42.92 -23.65
N PRO A 153 25.70 43.61 -22.52
CA PRO A 153 26.68 44.38 -21.75
C PRO A 153 27.47 43.55 -20.72
N VAL A 154 28.79 43.83 -20.63
CA VAL A 154 29.71 43.28 -19.60
C VAL A 154 30.45 44.44 -18.92
N SER A 155 30.77 44.27 -17.64
CA SER A 155 31.40 45.30 -16.77
C SER A 155 32.63 44.69 -16.10
N ASP A 156 33.35 45.49 -15.30
CA ASP A 156 34.49 45.03 -14.47
C ASP A 156 34.06 43.80 -13.65
N ASN A 157 34.87 42.76 -13.65
CA ASN A 157 34.85 41.68 -12.63
C ASN A 157 33.55 40.87 -12.75
N LYS A 158 32.85 40.94 -13.88
CA LYS A 158 31.63 40.14 -14.14
C LYS A 158 32.00 38.64 -14.16
N GLY A 159 31.15 37.80 -13.56
CA GLY A 159 31.41 36.37 -13.40
C GLY A 159 31.13 35.64 -14.68
N ILE A 160 31.88 34.58 -14.97
CA ILE A 160 31.68 33.74 -16.17
C ILE A 160 31.64 32.28 -15.75
N SER A 161 31.16 31.43 -16.65
CA SER A 161 31.05 29.98 -16.48
C SER A 161 31.50 29.28 -17.76
N LEU A 162 32.37 28.27 -17.62
CA LEU A 162 32.88 27.42 -18.73
C LEU A 162 32.32 26.00 -18.57
N PRO A 163 31.04 25.76 -18.93
CA PRO A 163 30.39 24.49 -18.62
C PRO A 163 31.18 23.33 -19.22
N GLY A 164 31.46 22.31 -18.42
CA GLY A 164 32.04 21.03 -18.88
C GLY A 164 33.56 21.12 -18.96
N MET A 165 34.11 22.32 -19.00
CA MET A 165 35.58 22.56 -18.85
C MET A 165 35.98 22.17 -17.43
N ASN A 166 37.04 21.36 -17.30
CA ASN A 166 37.56 20.92 -15.98
C ASN A 166 38.37 22.07 -15.39
N VAL A 167 37.90 22.63 -14.30
CA VAL A 167 38.52 23.80 -13.62
C VAL A 167 39.37 23.28 -12.46
N THR A 168 40.68 23.53 -12.50
CA THR A 168 41.60 23.31 -11.35
C THR A 168 41.64 24.61 -10.53
N ALA A 169 41.17 24.57 -9.29
CA ALA A 169 41.16 25.70 -8.35
C ALA A 169 40.90 25.17 -6.96
N PRO A 170 41.66 25.63 -5.95
CA PRO A 170 41.43 25.20 -4.57
C PRO A 170 40.00 25.50 -4.10
N ALA A 171 39.42 24.58 -3.30
CA ALA A 171 38.04 24.64 -2.76
C ALA A 171 37.85 25.95 -2.00
N LEU A 172 38.87 26.35 -1.23
CA LEU A 172 38.99 27.66 -0.56
C LEU A 172 40.10 28.47 -1.21
N SER A 173 39.76 29.63 -1.78
CA SER A 173 40.70 30.64 -2.29
C SER A 173 41.32 31.38 -1.11
N GLU A 174 42.45 32.03 -1.32
CA GLU A 174 43.12 32.84 -0.29
C GLU A 174 42.11 33.85 0.30
N LYS A 175 41.29 34.45 -0.55
CA LYS A 175 40.34 35.51 -0.15
C LYS A 175 39.18 34.90 0.66
N ASP A 176 38.80 33.66 0.36
CA ASP A 176 37.75 32.92 1.11
C ASP A 176 38.23 32.68 2.55
N ILE A 177 39.49 32.31 2.72
CA ILE A 177 40.10 31.98 4.05
C ILE A 177 40.04 33.23 4.94
N GLU A 178 40.28 34.41 4.38
CA GLU A 178 40.22 35.71 5.11
C GLU A 178 38.78 36.08 5.39
N ASP A 179 37.88 35.81 4.45
CA ASP A 179 36.43 36.07 4.63
C ASP A 179 35.90 35.12 5.71
N LEU A 180 36.39 33.89 5.73
CA LEU A 180 35.97 32.86 6.69
C LEU A 180 36.45 33.27 8.08
N THR A 181 37.74 33.61 8.22
CA THR A 181 38.34 34.14 9.46
C THR A 181 37.49 35.32 9.96
N PHE A 182 37.25 36.32 9.12
CA PHE A 182 36.52 37.57 9.45
C PHE A 182 35.17 37.20 10.02
N ALA A 183 34.51 36.23 9.38
CA ALA A 183 33.10 35.83 9.61
C ALA A 183 32.98 35.05 10.92
N LEU A 184 33.94 34.15 11.19
CA LEU A 184 34.03 33.37 12.45
C LEU A 184 34.24 34.32 13.65
N ASN A 185 35.11 35.32 13.51
CA ASN A 185 35.39 36.32 14.58
C ASN A 185 34.18 37.24 14.76
N LEU A 186 33.48 37.55 13.68
CA LEU A 186 32.32 38.48 13.70
C LEU A 186 31.16 37.83 14.49
N GLY A 187 31.05 36.49 14.42
CA GLY A 187 30.08 35.68 15.20
C GLY A 187 28.97 35.04 14.34
N VAL A 188 29.17 34.87 13.03
CA VAL A 188 28.19 34.20 12.12
C VAL A 188 27.90 32.82 12.65
N ASP A 189 26.72 32.29 12.34
CA ASP A 189 26.18 31.05 12.94
C ASP A 189 26.42 29.88 11.98
N MET A 190 26.52 30.14 10.67
CA MET A 190 26.74 29.10 9.63
C MET A 190 27.59 29.66 8.52
N VAL A 191 28.24 28.77 7.77
CA VAL A 191 29.13 29.12 6.64
C VAL A 191 28.69 28.32 5.41
N ALA A 192 28.54 28.98 4.26
CA ALA A 192 28.19 28.35 2.98
C ALA A 192 29.38 28.41 2.05
N LEU A 193 29.73 27.28 1.44
CA LEU A 193 30.87 27.21 0.50
C LEU A 193 30.35 27.03 -0.93
N SER A 194 30.69 27.98 -1.80
CA SER A 194 30.38 27.96 -3.24
C SER A 194 31.23 26.89 -3.95
N PHE A 195 30.62 26.22 -4.93
CA PHE A 195 31.29 25.39 -5.95
C PHE A 195 31.96 24.19 -5.30
N VAL A 196 31.31 23.61 -4.29
CA VAL A 196 31.73 22.30 -3.71
C VAL A 196 31.70 21.27 -4.83
N ARG A 197 32.69 20.38 -4.91
CA ARG A 197 32.71 19.27 -5.91
C ARG A 197 33.29 17.98 -5.32
N SER A 198 33.57 17.94 -4.02
CA SER A 198 34.06 16.73 -3.32
C SER A 198 33.61 16.76 -1.87
N PRO A 199 33.39 15.59 -1.24
CA PRO A 199 33.06 15.54 0.18
C PRO A 199 34.21 16.05 1.08
N ALA A 200 35.45 16.02 0.58
CA ALA A 200 36.68 16.39 1.32
C ALA A 200 36.83 17.91 1.40
N ASP A 201 36.04 18.66 0.63
CA ASP A 201 36.10 20.13 0.57
C ASP A 201 35.81 20.70 1.96
N VAL A 202 35.05 19.97 2.78
CA VAL A 202 34.65 20.37 4.15
C VAL A 202 35.85 20.25 5.10
N GLU A 203 36.77 19.32 4.84
CA GLU A 203 38.00 19.11 5.65
C GLU A 203 38.82 20.41 5.65
N LEU A 204 38.93 21.08 4.51
CA LEU A 204 39.74 22.33 4.33
C LEU A 204 39.04 23.49 5.07
N VAL A 205 37.72 23.56 5.02
CA VAL A 205 36.92 24.55 5.79
C VAL A 205 37.20 24.33 7.28
N HIS A 206 37.08 23.07 7.74
CA HIS A 206 37.27 22.65 9.16
C HIS A 206 38.68 23.03 9.63
N GLU A 207 39.69 22.70 8.82
CA GLU A 207 41.13 23.03 9.07
C GLU A 207 41.24 24.49 9.53
N VAL A 208 40.65 25.42 8.77
CA VAL A 208 40.71 26.89 9.03
C VAL A 208 39.99 27.18 10.35
N MET A 209 38.80 26.59 10.52
CA MET A 209 37.97 26.74 11.73
C MET A 209 38.77 26.31 12.95
N ASP A 210 39.53 25.22 12.85
CA ASP A 210 40.30 24.63 13.98
C ASP A 210 41.46 25.60 14.36
N ARG A 211 42.24 26.08 13.39
CA ARG A 211 43.27 27.15 13.59
C ARG A 211 42.65 28.30 14.42
N ILE A 212 41.51 28.83 13.98
CA ILE A 212 40.81 30.00 14.61
C ILE A 212 40.12 29.56 15.91
N GLY A 213 39.97 28.25 16.13
CA GLY A 213 39.34 27.68 17.33
C GLY A 213 37.86 28.02 17.40
N ARG A 214 37.14 27.93 16.27
CA ARG A 214 35.67 28.11 16.20
C ARG A 214 35.12 27.38 14.97
N ARG A 215 34.28 26.37 15.19
CA ARG A 215 33.52 25.62 14.17
C ARG A 215 32.07 26.10 14.15
N VAL A 216 31.51 26.32 12.97
CA VAL A 216 30.05 26.48 12.75
C VAL A 216 29.60 25.46 11.70
N PRO A 217 28.29 25.16 11.61
CA PRO A 217 27.74 24.35 10.53
C PRO A 217 28.12 24.84 9.12
N VAL A 218 28.59 23.92 8.27
CA VAL A 218 29.12 24.21 6.90
C VAL A 218 28.10 23.76 5.87
N ILE A 219 27.56 24.69 5.11
CA ILE A 219 26.57 24.43 4.03
C ILE A 219 27.33 24.22 2.73
N ALA A 220 27.17 23.05 2.12
CA ALA A 220 27.61 22.76 0.74
C ALA A 220 26.59 23.37 -0.24
N LYS A 221 27.02 24.35 -1.02
CA LYS A 221 26.25 24.89 -2.16
C LYS A 221 26.45 23.96 -3.37
N LEU A 222 25.35 23.40 -3.89
CA LEU A 222 25.32 22.48 -5.03
C LEU A 222 25.15 23.28 -6.31
N GLU A 223 26.19 23.39 -7.11
CA GLU A 223 26.15 24.18 -8.36
C GLU A 223 27.21 23.67 -9.34
N LYS A 224 27.59 22.39 -9.25
CA LYS A 224 28.62 21.76 -10.12
C LYS A 224 28.22 20.32 -10.39
N PRO A 225 28.45 19.78 -11.61
CA PRO A 225 28.21 18.36 -11.87
C PRO A 225 28.88 17.45 -10.82
N GLU A 226 30.14 17.72 -10.47
CA GLU A 226 30.91 16.87 -9.51
C GLU A 226 30.13 16.79 -8.19
N ALA A 227 29.44 17.86 -7.80
CA ALA A 227 28.61 17.93 -6.56
C ALA A 227 27.46 16.93 -6.64
N ILE A 228 26.74 16.91 -7.75
CA ILE A 228 25.53 16.06 -7.93
C ILE A 228 25.97 14.61 -8.10
N ASP A 229 27.09 14.38 -8.81
CA ASP A 229 27.69 13.05 -8.99
C ASP A 229 28.03 12.47 -7.61
N ASN A 230 28.36 13.33 -6.63
CA ASN A 230 28.78 12.93 -5.26
C ASN A 230 27.78 13.42 -4.22
N LEU A 231 26.52 13.56 -4.60
CA LEU A 231 25.49 14.22 -3.76
C LEU A 231 25.48 13.56 -2.38
N GLU A 232 25.43 12.24 -2.30
CA GLU A 232 25.23 11.49 -1.05
C GLU A 232 26.40 11.76 -0.10
N ALA A 233 27.62 11.52 -0.58
CA ALA A 233 28.87 11.66 0.20
C ALA A 233 28.96 13.08 0.77
N ILE A 234 28.65 14.07 -0.08
CA ILE A 234 28.69 15.52 0.27
C ILE A 234 27.66 15.80 1.36
N VAL A 235 26.42 15.34 1.18
CA VAL A 235 25.30 15.57 2.15
C VAL A 235 25.68 14.97 3.52
N LEU A 236 26.53 13.95 3.55
CA LEU A 236 26.93 13.23 4.78
C LEU A 236 28.11 13.94 5.45
N ALA A 237 29.05 14.47 4.67
CA ALA A 237 30.28 15.14 5.18
C ALA A 237 29.94 16.58 5.62
N PHE A 238 29.00 17.24 4.94
CA PHE A 238 28.57 18.63 5.23
C PHE A 238 27.36 18.61 6.17
N ASP A 239 27.01 19.74 6.76
CA ASP A 239 25.97 19.86 7.82
C ASP A 239 24.66 20.30 7.19
N ALA A 240 24.70 20.94 6.04
CA ALA A 240 23.51 21.27 5.25
C ALA A 240 23.89 21.39 3.77
N VAL A 241 22.90 21.54 2.91
CA VAL A 241 23.13 21.77 1.47
C VAL A 241 22.19 22.87 0.99
N MET A 242 22.67 23.66 0.03
CA MET A 242 21.91 24.65 -0.73
C MET A 242 21.89 24.21 -2.21
N VAL A 243 20.70 24.10 -2.79
CA VAL A 243 20.52 23.95 -4.25
C VAL A 243 20.68 25.33 -4.86
N ALA A 244 21.88 25.63 -5.33
CA ALA A 244 22.30 26.97 -5.84
C ALA A 244 22.04 27.02 -7.35
N ARG A 245 20.82 27.40 -7.74
CA ARG A 245 20.22 27.05 -9.05
C ARG A 245 20.77 27.98 -10.15
N GLY A 246 21.17 29.20 -9.80
CA GLY A 246 21.85 30.15 -10.69
C GLY A 246 23.01 29.51 -11.42
N ASP A 247 24.05 29.12 -10.68
CA ASP A 247 25.29 28.54 -11.26
C ASP A 247 25.00 27.10 -11.70
N LEU A 248 24.15 26.40 -10.97
CA LEU A 248 23.82 24.98 -11.29
C LEU A 248 23.17 24.94 -12.68
N GLY A 249 22.42 25.97 -13.02
CA GLY A 249 21.65 26.04 -14.26
C GLY A 249 22.46 26.54 -15.44
N VAL A 250 23.76 26.84 -15.25
CA VAL A 250 24.70 27.10 -16.39
C VAL A 250 25.77 26.00 -16.43
N GLU A 251 26.09 25.40 -15.28
CA GLU A 251 27.13 24.34 -15.13
C GLU A 251 26.53 22.99 -15.53
N LEU A 252 25.23 22.87 -15.39
CA LEU A 252 24.39 21.76 -15.92
C LEU A 252 23.41 22.33 -16.93
N PRO A 253 22.83 21.51 -17.83
CA PRO A 253 21.70 21.94 -18.64
C PRO A 253 20.58 22.46 -17.73
N LEU A 254 20.04 23.63 -18.02
CA LEU A 254 19.08 24.30 -17.12
C LEU A 254 17.84 23.42 -16.96
N GLU A 255 17.60 22.53 -17.92
CA GLU A 255 16.41 21.65 -17.94
C GLU A 255 16.62 20.46 -16.97
N GLU A 256 17.86 20.26 -16.48
CA GLU A 256 18.21 19.13 -15.57
C GLU A 256 17.98 19.55 -14.10
N VAL A 257 17.92 20.86 -13.84
CA VAL A 257 17.96 21.44 -12.47
C VAL A 257 16.73 21.02 -11.69
N PRO A 258 15.51 21.14 -12.25
CA PRO A 258 14.30 20.80 -11.52
C PRO A 258 14.34 19.45 -10.79
N LEU A 259 14.88 18.42 -11.42
CA LEU A 259 14.88 17.05 -10.84
C LEU A 259 16.07 16.89 -9.89
N VAL A 260 17.16 17.64 -10.12
CA VAL A 260 18.36 17.63 -9.24
C VAL A 260 17.94 18.25 -7.91
N GLN A 261 17.22 19.36 -7.96
CA GLN A 261 16.62 20.03 -6.78
C GLN A 261 15.84 18.98 -5.99
N LYS A 262 14.91 18.30 -6.65
CA LYS A 262 13.97 17.37 -5.99
C LYS A 262 14.77 16.25 -5.32
N ARG A 263 15.77 15.74 -6.01
N ARG A 263 15.77 15.72 -6.03
CA ARG A 263 16.55 14.56 -5.57
CA ARG A 263 16.60 14.57 -5.60
C ARG A 263 17.53 14.99 -4.45
C ARG A 263 17.52 15.00 -4.43
N ALA A 264 17.90 16.26 -4.39
CA ALA A 264 18.86 16.80 -3.41
C ALA A 264 18.13 17.13 -2.12
N ILE A 265 16.88 17.58 -2.22
CA ILE A 265 16.00 17.82 -1.05
C ILE A 265 15.73 16.49 -0.37
N GLN A 266 15.40 15.48 -1.15
CA GLN A 266 15.08 14.12 -0.66
C GLN A 266 16.30 13.53 0.05
N MET A 267 17.50 13.78 -0.49
CA MET A 267 18.77 13.27 0.05
C MET A 267 19.08 13.97 1.40
N ALA A 268 18.89 15.28 1.46
CA ALA A 268 19.03 16.08 2.68
C ALA A 268 18.17 15.47 3.76
N ARG A 269 16.87 15.32 3.50
CA ARG A 269 15.86 14.91 4.52
C ARG A 269 16.12 13.47 4.98
N GLU A 270 16.56 12.58 4.10
CA GLU A 270 16.87 11.17 4.43
C GLU A 270 17.94 11.14 5.52
N ASN A 271 18.84 12.12 5.54
CA ASN A 271 20.05 12.15 6.39
C ASN A 271 19.91 13.26 7.45
N ALA A 272 18.70 13.84 7.55
CA ALA A 272 18.31 14.83 8.57
C ALA A 272 19.21 16.07 8.47
N LYS A 273 19.50 16.52 7.26
CA LYS A 273 20.28 17.77 7.03
C LYS A 273 19.37 18.82 6.44
N PRO A 274 19.54 20.08 6.86
CA PRO A 274 18.87 21.21 6.24
C PRO A 274 19.19 21.32 4.74
N VAL A 275 18.18 21.66 3.95
CA VAL A 275 18.35 22.00 2.52
C VAL A 275 17.69 23.35 2.28
N ILE A 276 18.43 24.26 1.67
CA ILE A 276 17.92 25.55 1.16
C ILE A 276 17.76 25.43 -0.35
N VAL A 277 16.68 25.96 -0.90
CA VAL A 277 16.51 26.13 -2.36
C VAL A 277 16.72 27.60 -2.69
N ALA A 278 17.58 27.92 -3.65
CA ALA A 278 18.09 29.29 -3.86
C ALA A 278 17.97 29.73 -5.33
N THR A 279 17.68 31.02 -5.52
CA THR A 279 18.04 31.84 -6.69
C THR A 279 16.88 31.88 -7.68
N GLN A 280 16.33 33.09 -7.89
CA GLN A 280 15.35 33.46 -8.95
C GLN A 280 13.95 32.90 -8.63
N MET A 281 13.71 32.52 -7.39
CA MET A 281 12.40 32.00 -6.96
C MET A 281 11.35 33.06 -7.25
N LEU A 282 11.68 34.33 -7.05
CA LEU A 282 10.77 35.48 -7.32
C LEU A 282 11.55 36.56 -8.09
N ASP A 283 12.37 36.14 -9.05
CA ASP A 283 13.33 37.02 -9.78
C ASP A 283 12.64 38.32 -10.20
N SER A 284 11.41 38.25 -10.71
CA SER A 284 10.72 39.38 -11.39
C SER A 284 10.37 40.46 -10.36
N MET A 285 10.46 40.16 -9.06
CA MET A 285 10.07 41.10 -7.97
C MET A 285 11.24 42.05 -7.68
N ILE A 286 12.39 41.84 -8.31
CA ILE A 286 13.48 42.85 -8.38
C ILE A 286 12.92 44.12 -9.01
N GLU A 287 12.05 44.00 -10.02
CA GLU A 287 11.53 45.15 -10.79
C GLU A 287 10.05 45.38 -10.49
N ASN A 288 9.32 44.36 -10.04
CA ASN A 288 7.84 44.35 -10.02
C ASN A 288 7.33 43.98 -8.62
N SER A 289 6.15 44.50 -8.26
CA SER A 289 5.56 44.39 -6.90
C SER A 289 4.88 43.03 -6.70
N ARG A 290 4.53 42.35 -7.79
CA ARG A 290 3.99 40.98 -7.81
C ARG A 290 4.88 40.10 -8.67
N PRO A 291 4.95 38.80 -8.37
CA PRO A 291 5.76 37.87 -9.16
C PRO A 291 5.01 37.30 -10.39
N THR A 292 5.70 36.47 -11.17
CA THR A 292 5.10 35.70 -12.28
C THR A 292 4.37 34.46 -11.71
N ARG A 293 3.50 33.89 -12.50
CA ARG A 293 2.75 32.67 -12.12
C ARG A 293 3.75 31.52 -11.99
N ALA A 294 4.79 31.52 -12.81
CA ALA A 294 5.92 30.56 -12.74
C ALA A 294 6.61 30.67 -11.38
N GLU A 295 6.84 31.89 -10.94
CA GLU A 295 7.57 32.18 -9.70
C GLU A 295 6.73 31.71 -8.51
N ALA A 296 5.47 32.13 -8.42
CA ALA A 296 4.53 31.63 -7.42
C ALA A 296 4.59 30.09 -7.40
N SER A 297 4.51 29.44 -8.57
CA SER A 297 4.55 27.95 -8.72
C SER A 297 5.87 27.40 -8.16
N ASP A 298 6.97 28.05 -8.48
CA ASP A 298 8.32 27.55 -8.16
C ASP A 298 8.45 27.45 -6.64
N VAL A 299 7.97 28.47 -5.94
CA VAL A 299 8.01 28.56 -4.44
C VAL A 299 7.10 27.47 -3.84
N ALA A 300 5.85 27.37 -4.29
CA ALA A 300 4.87 26.36 -3.83
C ALA A 300 5.46 24.96 -3.98
N ASN A 301 6.15 24.70 -5.09
CA ASN A 301 6.66 23.36 -5.45
C ASN A 301 7.92 23.03 -4.61
N ALA A 302 8.75 24.02 -4.29
CA ALA A 302 9.89 23.89 -3.34
C ALA A 302 9.37 23.44 -1.97
N VAL A 303 8.22 23.96 -1.55
CA VAL A 303 7.55 23.58 -0.29
C VAL A 303 7.13 22.10 -0.36
N LEU A 304 6.40 21.70 -1.41
CA LEU A 304 5.86 20.32 -1.57
C LEU A 304 6.99 19.34 -1.80
N ASP A 305 8.10 19.80 -2.37
CA ASP A 305 9.36 19.02 -2.56
C ASP A 305 9.93 18.62 -1.21
N GLY A 306 9.78 19.48 -0.19
CA GLY A 306 10.16 19.20 1.22
C GLY A 306 11.34 20.07 1.69
N ALA A 307 11.57 21.20 1.03
CA ALA A 307 12.67 22.13 1.32
C ALA A 307 12.51 22.69 2.74
N ASP A 308 13.58 22.63 3.54
CA ASP A 308 13.64 23.28 4.88
C ASP A 308 13.40 24.80 4.67
N ALA A 309 14.06 25.39 3.68
CA ALA A 309 14.13 26.85 3.53
C ALA A 309 14.20 27.23 2.05
N LEU A 310 13.52 28.33 1.69
CA LEU A 310 13.61 29.03 0.39
C LEU A 310 14.42 30.31 0.57
N MET A 311 15.21 30.69 -0.43
CA MET A 311 16.12 31.84 -0.34
C MET A 311 15.72 32.89 -1.36
N LEU A 312 15.96 34.14 -1.03
CA LEU A 312 15.86 35.29 -1.93
C LEU A 312 17.26 35.85 -2.08
N SER A 313 17.69 36.12 -3.30
CA SER A 313 19.04 36.62 -3.58
C SER A 313 18.95 38.10 -3.93
N GLY A 314 18.77 38.42 -5.21
CA GLY A 314 18.66 39.80 -5.68
C GLY A 314 17.35 40.43 -5.26
N GLU A 315 16.33 39.63 -4.95
CA GLU A 315 14.99 40.14 -4.57
C GLU A 315 15.14 41.04 -3.36
N THR A 316 16.07 40.74 -2.44
CA THR A 316 16.27 41.50 -1.18
C THR A 316 17.55 42.30 -1.24
N SER A 317 18.59 41.79 -1.90
CA SER A 317 19.96 42.37 -1.89
C SER A 317 19.99 43.68 -2.68
N VAL A 318 19.43 43.72 -3.90
CA VAL A 318 19.51 44.92 -4.80
C VAL A 318 18.12 45.34 -5.28
N GLY A 319 17.08 44.59 -4.95
CA GLY A 319 15.74 44.73 -5.55
C GLY A 319 15.01 45.96 -5.06
N LYS A 320 13.87 46.25 -5.67
CA LYS A 320 13.05 47.45 -5.40
C LYS A 320 12.00 47.11 -4.35
N TYR A 321 11.74 45.83 -4.14
CA TYR A 321 10.65 45.35 -3.25
C TYR A 321 11.15 44.23 -2.36
N PRO A 322 12.19 44.49 -1.55
CA PRO A 322 12.78 43.45 -0.70
C PRO A 322 11.75 42.95 0.31
N LEU A 323 10.95 43.87 0.81
CA LEU A 323 9.92 43.63 1.83
C LEU A 323 8.78 42.81 1.21
N ALA A 324 8.22 43.30 0.11
CA ALA A 324 7.14 42.62 -0.64
C ALA A 324 7.59 41.20 -1.00
N ALA A 325 8.85 41.03 -1.37
CA ALA A 325 9.45 39.75 -1.80
C ALA A 325 9.34 38.75 -0.64
N VAL A 326 9.73 39.16 0.56
CA VAL A 326 9.68 38.32 1.78
C VAL A 326 8.22 38.05 2.11
N ARG A 327 7.39 39.09 2.18
CA ARG A 327 5.95 38.95 2.48
C ARG A 327 5.33 38.00 1.47
N THR A 328 5.59 38.19 0.17
CA THR A 328 4.98 37.40 -0.92
C THR A 328 5.40 35.94 -0.75
N MET A 329 6.69 35.68 -0.57
CA MET A 329 7.22 34.31 -0.40
C MET A 329 6.49 33.68 0.80
N SER A 330 6.27 34.45 1.86
CA SER A 330 5.63 33.98 3.11
C SER A 330 4.17 33.57 2.82
N ARG A 331 3.41 34.40 2.11
CA ARG A 331 2.00 34.11 1.79
C ARG A 331 1.93 32.79 1.03
N ILE A 332 2.78 32.59 0.03
CA ILE A 332 2.78 31.39 -0.85
C ILE A 332 3.03 30.16 0.01
N ILE A 333 4.08 30.16 0.81
CA ILE A 333 4.41 29.01 1.69
C ILE A 333 3.19 28.70 2.55
N CYS A 334 2.59 29.73 3.15
CA CYS A 334 1.47 29.61 4.10
C CYS A 334 0.27 29.01 3.37
N ALA A 335 0.00 29.48 2.14
CA ALA A 335 -1.11 28.97 1.28
C ALA A 335 -0.98 27.46 1.15
N VAL A 336 0.23 26.97 0.84
CA VAL A 336 0.50 25.54 0.58
C VAL A 336 0.27 24.74 1.87
N GLU A 337 0.87 25.20 2.99
CA GLU A 337 0.89 24.48 4.30
C GLU A 337 -0.52 24.43 4.91
N GLU A 338 -1.32 25.48 4.71
CA GLU A 338 -2.77 25.52 5.11
C GLU A 338 -3.45 24.27 4.57
N ASN A 339 -3.25 23.99 3.29
CA ASN A 339 -3.80 22.80 2.61
C ASN A 339 -3.20 21.53 3.23
N SER A 340 -1.87 21.44 3.27
CA SER A 340 -1.13 20.27 3.82
C SER A 340 0.35 20.61 4.01
N THR A 341 0.94 20.14 5.12
CA THR A 341 2.38 20.28 5.45
C THR A 341 3.11 19.03 4.97
N ALA A 342 2.37 18.04 4.45
CA ALA A 342 2.87 16.72 3.97
C ALA A 342 4.06 16.89 3.03
N ALA A 343 5.07 16.01 3.19
CA ALA A 343 6.31 15.93 2.40
C ALA A 343 6.40 14.55 1.75
N PRO A 344 7.20 14.39 0.70
CA PRO A 344 7.44 13.07 0.12
C PRO A 344 7.97 12.11 1.18
N PRO A 345 7.34 10.94 1.38
CA PRO A 345 7.80 10.00 2.39
C PRO A 345 9.30 9.67 2.25
N LEU A 346 9.96 9.29 3.35
CA LEU A 346 11.37 8.78 3.36
C LEU A 346 11.38 7.36 2.80
N THR A 347 12.44 6.97 2.09
CA THR A 347 12.54 5.66 1.41
C THR A 347 13.25 4.64 2.31
N HIS A 348 13.42 4.98 3.59
CA HIS A 348 14.03 4.08 4.60
C HIS A 348 13.35 4.28 5.96
N ILE A 349 13.14 3.18 6.68
CA ILE A 349 12.77 3.20 8.12
C ILE A 349 13.99 3.64 8.90
N PRO A 350 13.83 4.66 9.77
CA PRO A 350 14.94 5.14 10.60
C PRO A 350 15.63 3.98 11.36
N ARG A 351 16.97 4.05 11.50
CA ARG A 351 17.80 3.00 12.19
C ARG A 351 18.54 3.57 13.41
N THR A 352 18.83 4.88 13.43
CA THR A 352 19.56 5.55 14.53
C THR A 352 18.58 5.84 15.66
N LYS A 353 19.07 5.75 16.89
CA LYS A 353 18.25 5.92 18.12
C LYS A 353 17.43 7.19 18.01
N ARG A 354 18.05 8.27 17.54
CA ARG A 354 17.43 9.62 17.54
C ARG A 354 16.35 9.70 16.46
N GLY A 355 16.59 9.07 15.30
CA GLY A 355 15.60 8.96 14.21
C GLY A 355 14.36 8.20 14.65
N VAL A 356 14.55 6.99 15.18
CA VAL A 356 13.48 6.09 15.63
C VAL A 356 12.60 6.80 16.66
N ILE A 357 13.21 7.49 17.62
CA ILE A 357 12.52 8.11 18.79
C ILE A 357 11.75 9.35 18.32
N SER A 358 12.34 10.15 17.45
CA SER A 358 11.69 11.38 16.91
C SER A 358 10.53 10.98 16.01
N TYR A 359 10.67 9.90 15.26
CA TYR A 359 9.59 9.34 14.42
C TYR A 359 8.44 8.95 15.34
N ALA A 360 8.73 8.14 16.36
CA ALA A 360 7.76 7.69 17.39
C ALA A 360 7.10 8.91 18.03
N ALA A 361 7.88 9.94 18.36
CA ALA A 361 7.38 11.15 19.05
C ALA A 361 6.30 11.79 18.18
N ARG A 362 6.58 11.99 16.90
CA ARG A 362 5.61 12.52 15.91
C ARG A 362 4.33 11.71 15.98
N ASP A 363 4.46 10.39 15.97
CA ASP A 363 3.30 9.45 15.90
C ASP A 363 2.40 9.74 17.09
N ILE A 364 2.98 9.75 18.29
CA ILE A 364 2.23 9.89 19.57
C ILE A 364 1.54 11.27 19.58
N GLY A 365 2.27 12.31 19.26
CA GLY A 365 1.76 13.68 19.15
C GLY A 365 0.52 13.74 18.30
N GLU A 366 0.61 13.26 17.07
CA GLU A 366 -0.45 13.47 16.04
C GLU A 366 -1.67 12.68 16.43
N ARG A 367 -1.46 11.45 16.88
CA ARG A 367 -2.51 10.47 17.22
C ARG A 367 -3.27 10.94 18.49
N LEU A 368 -2.60 11.69 19.36
CA LEU A 368 -3.20 12.16 20.65
C LEU A 368 -3.59 13.63 20.54
N ASP A 369 -3.46 14.22 19.35
CA ASP A 369 -3.88 15.61 19.05
C ASP A 369 -3.21 16.54 20.05
N ALA A 370 -1.94 16.31 20.32
CA ALA A 370 -1.10 17.14 21.20
C ALA A 370 -1.05 18.53 20.63
N LYS A 371 -0.76 19.53 21.48
CA LYS A 371 -0.72 20.98 21.11
C LYS A 371 0.66 21.31 20.58
N ALA A 372 1.65 20.50 20.92
CA ALA A 372 3.07 20.72 20.56
C ALA A 372 3.89 19.44 20.68
N LEU A 373 4.86 19.29 19.79
CA LEU A 373 6.04 18.40 19.96
C LEU A 373 7.20 19.22 20.50
N VAL A 374 7.84 18.74 21.54
CA VAL A 374 8.97 19.43 22.21
C VAL A 374 10.14 18.46 22.19
N ALA A 375 11.29 18.89 21.69
CA ALA A 375 12.52 18.10 21.73
C ALA A 375 13.64 18.91 22.36
N PHE A 376 14.37 18.28 23.27
CA PHE A 376 15.61 18.81 23.90
C PHE A 376 16.78 18.37 23.04
N THR A 377 17.66 19.31 22.70
CA THR A 377 18.74 19.11 21.75
C THR A 377 19.95 19.98 22.11
N GLN A 378 21.13 19.37 22.06
CA GLN A 378 22.44 20.01 22.29
C GLN A 378 23.03 20.45 20.96
N SER A 379 22.97 19.60 19.94
CA SER A 379 23.55 19.83 18.59
C SER A 379 22.44 20.18 17.59
N GLY A 380 21.17 19.99 17.97
CA GLY A 380 20.00 20.20 17.09
C GLY A 380 19.61 18.91 16.34
N ASP A 381 20.44 17.86 16.43
CA ASP A 381 20.28 16.60 15.66
C ASP A 381 18.91 15.99 15.92
N THR A 382 18.58 15.76 17.18
CA THR A 382 17.30 15.11 17.60
C THR A 382 16.12 15.90 17.00
N VAL A 383 16.21 17.23 16.97
CA VAL A 383 15.14 18.12 16.45
C VAL A 383 15.05 17.94 14.95
N ARG A 384 16.18 17.76 14.29
CA ARG A 384 16.27 17.80 12.81
C ARG A 384 15.70 16.49 12.24
N ARG A 385 15.68 15.43 13.05
CA ARG A 385 15.11 14.11 12.65
C ARG A 385 13.59 14.14 12.81
N LEU A 386 13.07 15.08 13.59
CA LEU A 386 11.61 15.31 13.72
C LEU A 386 11.15 16.29 12.61
N ALA A 387 11.96 17.31 12.29
CA ALA A 387 11.62 18.39 11.34
C ALA A 387 11.40 17.80 9.95
N ARG A 388 12.32 16.97 9.51
CA ARG A 388 12.34 16.36 8.16
C ARG A 388 11.02 15.62 7.90
N LEU A 389 10.29 15.24 8.94
CA LEU A 389 9.07 14.41 8.85
C LEU A 389 7.89 15.28 8.48
N HIS A 390 7.94 16.56 8.82
CA HIS A 390 6.94 17.59 8.47
C HIS A 390 5.60 17.31 9.13
N THR A 391 5.50 17.37 10.44
CA THR A 391 4.21 17.32 11.15
C THR A 391 3.54 18.69 11.14
N PRO A 392 2.19 18.75 11.12
CA PRO A 392 1.47 20.01 11.24
C PRO A 392 1.49 20.55 12.67
N LEU A 393 1.91 19.72 13.64
CA LEU A 393 2.06 20.11 15.07
C LEU A 393 3.21 21.10 15.18
N PRO A 394 3.09 22.16 16.02
CA PRO A 394 4.25 23.00 16.36
C PRO A 394 5.41 22.13 16.85
N LEU A 395 6.61 22.44 16.41
CA LEU A 395 7.86 21.75 16.81
C LEU A 395 8.76 22.74 17.57
N LEU A 396 8.95 22.50 18.85
CA LEU A 396 9.63 23.43 19.79
C LEU A 396 10.92 22.78 20.28
N ALA A 397 12.05 23.30 19.82
CA ALA A 397 13.39 22.84 20.22
C ALA A 397 13.78 23.55 21.52
N PHE A 398 14.21 22.80 22.51
CA PHE A 398 14.72 23.34 23.79
C PHE A 398 16.19 23.03 23.88
N THR A 399 17.00 24.04 24.16
CA THR A 399 18.47 23.97 24.12
C THR A 399 19.03 24.94 25.14
N ALA A 400 20.23 24.70 25.62
CA ALA A 400 20.93 25.63 26.54
C ALA A 400 21.95 26.45 25.75
N TRP A 401 22.16 26.12 24.47
CA TRP A 401 23.23 26.70 23.62
C TRP A 401 22.61 27.70 22.63
N PRO A 402 22.75 29.02 22.89
CA PRO A 402 22.06 30.04 22.11
C PRO A 402 22.30 29.97 20.61
N GLU A 403 23.51 29.57 20.22
CA GLU A 403 23.94 29.42 18.80
C GLU A 403 23.01 28.40 18.11
N VAL A 404 22.53 27.40 18.85
CA VAL A 404 21.72 26.30 18.29
C VAL A 404 20.36 26.84 17.87
N ARG A 405 19.87 27.90 18.54
CA ARG A 405 18.61 28.59 18.18
C ARG A 405 18.79 29.27 16.83
N SER A 406 19.96 29.87 16.62
CA SER A 406 20.34 30.53 15.35
C SER A 406 20.54 29.47 14.24
N GLN A 407 21.10 28.32 14.59
CA GLN A 407 21.37 27.22 13.63
C GLN A 407 20.04 26.61 13.16
N LEU A 408 19.07 26.48 14.07
CA LEU A 408 17.77 25.80 13.78
C LEU A 408 16.83 26.78 13.10
N ALA A 409 17.24 28.03 12.91
CA ALA A 409 16.45 29.04 12.19
C ALA A 409 16.21 28.57 10.73
N MET A 410 17.07 27.70 10.18
CA MET A 410 16.94 27.22 8.79
C MET A 410 16.41 25.77 8.75
N THR A 411 15.97 25.23 9.89
CA THR A 411 15.33 23.90 9.97
C THR A 411 13.80 24.06 9.94
N TRP A 412 13.14 23.24 9.13
CA TRP A 412 11.67 23.30 8.86
C TRP A 412 10.91 23.33 10.19
N GLY A 413 9.89 24.20 10.28
CA GLY A 413 8.76 24.10 11.22
C GLY A 413 9.15 24.34 12.66
N THR A 414 10.37 24.83 12.89
CA THR A 414 11.03 24.77 14.22
C THR A 414 11.15 26.18 14.82
N GLU A 415 10.53 26.39 15.99
CA GLU A 415 10.79 27.50 16.94
C GLU A 415 11.69 26.96 18.07
N THR A 416 12.66 27.74 18.53
CA THR A 416 13.64 27.29 19.54
C THR A 416 13.49 28.13 20.81
N PHE A 417 13.81 27.52 21.96
CA PHE A 417 13.70 28.11 23.33
C PHE A 417 15.00 27.87 24.07
N ILE A 418 15.66 28.93 24.48
CA ILE A 418 16.89 28.84 25.29
C ILE A 418 16.49 28.67 26.76
N VAL A 419 17.10 27.71 27.43
CA VAL A 419 16.82 27.38 28.86
C VAL A 419 18.13 27.08 29.53
N PRO A 420 18.21 27.26 30.86
CA PRO A 420 19.38 26.85 31.61
C PRO A 420 19.73 25.39 31.33
N LYS A 421 21.01 25.05 31.40
CA LYS A 421 21.51 23.65 31.31
C LYS A 421 20.94 22.89 32.51
N MET A 422 20.13 21.86 32.26
CA MET A 422 19.43 21.07 33.30
C MET A 422 20.28 19.86 33.67
N GLN A 423 20.12 19.34 34.90
CA GLN A 423 20.89 18.17 35.40
C GLN A 423 19.98 16.95 35.53
N SER A 424 18.70 17.06 35.17
CA SER A 424 17.66 16.01 35.31
C SER A 424 16.62 16.10 34.18
N THR A 425 15.95 14.98 33.85
CA THR A 425 14.82 14.94 32.87
C THR A 425 13.62 15.72 33.46
N ASP A 426 13.35 15.55 34.78
CA ASP A 426 12.22 16.24 35.48
C ASP A 426 12.44 17.74 35.41
N GLY A 427 13.71 18.16 35.46
CA GLY A 427 14.12 19.56 35.31
C GLY A 427 13.75 20.10 33.93
N MET A 428 14.05 19.33 32.89
CA MET A 428 13.75 19.69 31.49
C MET A 428 12.25 19.91 31.34
N ILE A 429 11.44 19.06 31.97
CA ILE A 429 9.96 19.10 31.86
C ILE A 429 9.42 20.32 32.63
N ARG A 430 9.96 20.63 33.80
CA ARG A 430 9.61 21.87 34.56
C ARG A 430 9.95 23.09 33.69
N GLN A 431 11.13 23.10 33.04
CA GLN A 431 11.58 24.16 32.09
C GLN A 431 10.52 24.37 31.01
N VAL A 432 10.10 23.28 30.36
CA VAL A 432 9.08 23.32 29.27
C VAL A 432 7.85 24.06 29.79
N ASP A 433 7.24 23.54 30.87
CA ASP A 433 6.06 24.12 31.55
C ASP A 433 6.27 25.62 31.72
N LYS A 434 7.42 26.02 32.27
CA LYS A 434 7.72 27.42 32.64
C LYS A 434 7.78 28.26 31.36
N SER A 435 8.64 27.88 30.40
CA SER A 435 8.84 28.61 29.12
C SER A 435 7.50 28.72 28.38
N LEU A 436 6.76 27.64 28.29
CA LEU A 436 5.55 27.56 27.45
C LEU A 436 4.41 28.34 28.12
N LEU A 437 4.41 28.44 29.42
CA LEU A 437 3.29 29.07 30.14
C LEU A 437 3.39 30.59 30.01
N GLU A 438 4.57 31.11 29.67
CA GLU A 438 4.82 32.58 29.43
C GLU A 438 4.03 33.01 28.20
N LEU A 439 3.99 32.18 27.17
CA LEU A 439 3.23 32.41 25.91
C LEU A 439 1.74 32.29 26.20
N ALA A 440 0.94 33.24 25.71
CA ALA A 440 -0.54 33.21 25.76
C ALA A 440 -1.03 31.84 25.25
N ARG A 441 -0.49 31.40 24.12
CA ARG A 441 -0.97 30.26 23.29
C ARG A 441 -1.12 28.98 24.13
N TYR A 442 -0.18 28.71 25.05
CA TYR A 442 -0.22 27.49 25.91
C TYR A 442 -0.84 27.85 27.28
N LYS A 443 -1.66 26.92 27.81
CA LYS A 443 -2.37 27.02 29.12
C LYS A 443 -2.12 25.74 29.90
N ARG A 444 -2.37 25.76 31.22
CA ARG A 444 -2.30 24.56 32.11
C ARG A 444 -3.31 23.53 31.60
N GLY A 445 -2.91 22.26 31.54
CA GLY A 445 -3.78 21.16 31.07
C GLY A 445 -3.45 20.74 29.66
N ASP A 446 -3.08 21.69 28.80
CA ASP A 446 -2.70 21.44 27.38
C ASP A 446 -1.73 20.26 27.31
N LEU A 447 -2.00 19.35 26.38
CA LEU A 447 -1.25 18.09 26.17
C LEU A 447 -0.05 18.40 25.26
N VAL A 448 1.16 17.98 25.64
CA VAL A 448 2.38 18.10 24.77
C VAL A 448 3.22 16.85 24.93
N VAL A 449 3.96 16.51 23.89
CA VAL A 449 4.88 15.35 23.87
C VAL A 449 6.31 15.87 23.94
N ILE A 450 7.08 15.39 24.90
CA ILE A 450 8.45 15.87 25.18
C ILE A 450 9.45 14.75 24.90
N VAL A 451 10.46 15.07 24.10
CA VAL A 451 11.62 14.20 23.81
C VAL A 451 12.83 14.71 24.59
N ALA A 452 13.54 13.82 25.25
CA ALA A 452 14.65 14.18 26.14
C ALA A 452 15.66 13.04 26.19
N GLY A 453 16.72 13.24 26.96
CA GLY A 453 17.86 12.33 27.05
C GLY A 453 18.50 12.37 28.42
N ALA A 454 19.38 11.41 28.67
CA ALA A 454 20.21 11.30 29.88
C ALA A 454 21.40 10.40 29.56
N PRO A 455 22.61 10.74 30.05
CA PRO A 455 22.81 11.87 30.95
C PRO A 455 22.67 13.22 30.25
N PRO A 456 22.01 14.23 30.87
CA PRO A 456 21.68 15.46 30.18
C PRO A 456 22.93 16.18 29.69
N GLY A 457 22.76 17.10 28.73
CA GLY A 457 23.86 17.85 28.10
C GLY A 457 24.89 16.95 27.46
N THR A 458 24.46 15.83 26.90
CA THR A 458 25.29 14.86 26.15
C THR A 458 24.65 14.65 24.77
N VAL A 459 25.44 14.78 23.70
CA VAL A 459 24.97 14.67 22.30
C VAL A 459 24.68 13.20 21.99
N GLY A 460 23.52 12.91 21.38
CA GLY A 460 23.07 11.56 20.99
C GLY A 460 22.62 10.74 22.19
N SER A 461 22.34 11.39 23.31
CA SER A 461 21.93 10.75 24.57
C SER A 461 20.41 10.57 24.57
N THR A 462 19.71 11.33 23.71
CA THR A 462 18.22 11.32 23.57
C THR A 462 17.70 9.86 23.67
N ASN A 463 16.80 9.58 24.63
CA ASN A 463 16.38 8.18 24.93
C ASN A 463 15.00 8.14 25.64
N LEU A 464 14.18 9.18 25.54
CA LEU A 464 12.99 9.28 26.41
C LEU A 464 11.88 10.07 25.71
N ILE A 465 10.64 9.58 25.77
CA ILE A 465 9.43 10.37 25.34
C ILE A 465 8.48 10.44 26.50
N HIS A 466 7.94 11.62 26.76
CA HIS A 466 7.04 11.87 27.88
C HIS A 466 5.80 12.59 27.40
N VAL A 467 4.63 11.99 27.56
CA VAL A 467 3.34 12.66 27.27
C VAL A 467 2.93 13.42 28.50
N HIS A 468 2.99 14.74 28.43
CA HIS A 468 2.83 15.64 29.60
C HIS A 468 1.69 16.63 29.38
N ARG A 469 0.86 16.79 30.37
CA ARG A 469 -0.11 17.89 30.41
C ARG A 469 0.53 19.04 31.18
N ILE A 470 0.42 20.26 30.66
CA ILE A 470 1.17 21.42 31.19
C ILE A 470 0.68 21.71 32.61
N GLY A 471 1.60 21.64 33.58
CA GLY A 471 1.38 22.09 34.97
C GLY A 471 0.91 20.95 35.86
N GLU A 472 0.58 19.79 35.28
CA GLU A 472 -0.01 18.63 36.01
C GLU A 472 1.11 17.75 36.56
N ASP A 473 0.78 16.88 37.50
CA ASP A 473 1.75 16.15 38.37
C ASP A 473 1.95 14.74 37.80
N ASP A 474 2.51 14.62 36.59
CA ASP A 474 2.50 13.35 35.81
C ASP A 474 3.93 12.93 35.42
N VAL A 475 4.94 13.24 36.24
CA VAL A 475 6.38 13.04 35.90
C VAL A 475 6.96 11.88 36.73
N THR B 5 11.22 10.63 -28.27
CA THR B 5 10.60 11.93 -28.53
C THR B 5 9.52 12.23 -27.49
N ARG B 6 9.02 13.45 -27.51
CA ARG B 6 8.29 14.09 -26.40
C ARG B 6 6.85 13.59 -26.36
N ARG B 7 6.28 13.53 -25.16
CA ARG B 7 4.88 13.08 -24.91
C ARG B 7 3.99 14.30 -24.62
N GLY B 8 4.39 15.17 -23.70
CA GLY B 8 3.63 16.38 -23.33
C GLY B 8 3.47 17.35 -24.50
N LYS B 9 2.30 17.91 -24.69
CA LYS B 9 1.97 18.74 -25.88
C LYS B 9 2.23 20.21 -25.58
N ILE B 10 2.61 20.98 -26.60
CA ILE B 10 2.99 22.42 -26.52
C ILE B 10 1.99 23.23 -27.35
N VAL B 11 1.28 24.16 -26.68
CA VAL B 11 0.37 25.15 -27.31
C VAL B 11 1.13 26.48 -27.46
N CYS B 12 1.16 27.04 -28.66
CA CYS B 12 1.77 28.37 -28.95
C CYS B 12 0.68 29.36 -29.35
N THR B 13 0.85 30.62 -28.98
CA THR B 13 -0.06 31.72 -29.35
C THR B 13 0.57 32.49 -30.52
N LEU B 14 -0.22 32.72 -31.57
CA LEU B 14 0.17 33.47 -32.77
C LEU B 14 -0.09 34.94 -32.53
N GLY B 15 0.77 35.79 -33.03
CA GLY B 15 0.58 37.25 -33.07
C GLY B 15 1.69 37.90 -33.86
N PRO B 16 1.90 39.23 -33.72
CA PRO B 16 2.91 39.95 -34.48
C PRO B 16 4.23 39.19 -34.71
N ALA B 17 4.76 38.51 -33.69
CA ALA B 17 6.10 37.88 -33.71
C ALA B 17 6.08 36.57 -34.51
N THR B 18 4.90 36.01 -34.78
CA THR B 18 4.73 34.81 -35.63
C THR B 18 4.03 35.18 -36.94
N GLN B 19 4.38 36.33 -37.52
CA GLN B 19 3.83 36.81 -38.83
C GLN B 19 4.97 36.96 -39.82
N ARG B 20 6.20 37.09 -39.33
CA ARG B 20 7.45 37.07 -40.14
C ARG B 20 7.48 35.81 -41.00
N ASP B 21 8.13 35.87 -42.15
CA ASP B 21 7.91 34.90 -43.24
C ASP B 21 8.27 33.49 -42.72
N ASP B 22 7.35 32.55 -42.95
CA ASP B 22 7.32 31.14 -42.45
C ASP B 22 7.97 31.04 -41.07
N LEU B 23 7.49 31.84 -40.13
CA LEU B 23 7.75 31.68 -38.67
C LEU B 23 6.81 30.62 -38.13
N VAL B 24 5.56 30.62 -38.55
CA VAL B 24 4.55 29.60 -38.15
C VAL B 24 5.11 28.22 -38.53
N ARG B 25 5.74 28.13 -39.70
CA ARG B 25 6.41 26.90 -40.18
C ARG B 25 7.49 26.50 -39.18
N ALA B 26 8.36 27.44 -38.82
CA ALA B 26 9.49 27.25 -37.88
C ALA B 26 8.96 26.72 -36.53
N LEU B 27 7.81 27.23 -36.07
CA LEU B 27 7.20 26.84 -34.77
C LEU B 27 6.80 25.38 -34.82
N VAL B 28 6.08 24.99 -35.88
CA VAL B 28 5.57 23.61 -36.08
C VAL B 28 6.79 22.67 -36.11
N GLU B 29 7.85 23.06 -36.84
CA GLU B 29 9.09 22.25 -37.05
C GLU B 29 9.82 22.11 -35.71
N ALA B 30 9.60 23.04 -34.79
CA ALA B 30 10.26 23.10 -33.46
C ALA B 30 9.40 22.38 -32.42
N GLY B 31 8.11 22.14 -32.70
CA GLY B 31 7.27 21.19 -31.93
C GLY B 31 5.88 21.74 -31.55
N MET B 32 5.47 22.89 -32.07
CA MET B 32 4.11 23.42 -31.79
C MET B 32 3.04 22.39 -32.15
N ASP B 33 2.25 21.96 -31.19
CA ASP B 33 1.18 20.94 -31.38
C ASP B 33 -0.16 21.63 -31.59
N VAL B 34 -0.37 22.74 -30.92
CA VAL B 34 -1.62 23.55 -31.05
C VAL B 34 -1.23 25.00 -31.27
N ALA B 35 -1.92 25.67 -32.17
CA ALA B 35 -1.79 27.11 -32.46
C ALA B 35 -2.99 27.81 -31.88
N ARG B 36 -2.77 28.67 -30.88
CA ARG B 36 -3.83 29.52 -30.29
C ARG B 36 -3.96 30.81 -31.09
N MET B 37 -5.16 31.05 -31.61
CA MET B 37 -5.58 32.32 -32.20
C MET B 37 -6.30 33.12 -31.14
N ASN B 38 -5.70 34.19 -30.66
CA ASN B 38 -6.25 35.01 -29.55
C ASN B 38 -7.04 36.15 -30.17
N PHE B 39 -8.37 36.09 -30.06
CA PHE B 39 -9.33 37.01 -30.73
C PHE B 39 -9.48 38.29 -29.92
N SER B 40 -8.71 38.46 -28.85
CA SER B 40 -8.53 39.75 -28.14
C SER B 40 -7.81 40.75 -29.06
N HIS B 41 -6.96 40.25 -29.94
CA HIS B 41 -6.03 41.04 -30.78
C HIS B 41 -6.18 40.62 -32.23
N GLY B 42 -5.77 41.50 -33.16
CA GLY B 42 -5.73 41.23 -34.60
C GLY B 42 -7.08 41.44 -35.24
N ASP B 43 -7.09 41.66 -36.56
CA ASP B 43 -8.33 41.63 -37.37
C ASP B 43 -8.38 40.28 -38.11
N TYR B 44 -9.50 40.03 -38.76
CA TYR B 44 -9.85 38.75 -39.40
C TYR B 44 -8.86 38.41 -40.52
N ASP B 45 -8.27 39.42 -41.18
CA ASP B 45 -7.16 39.22 -42.17
C ASP B 45 -6.01 38.53 -41.47
N ASP B 46 -5.59 39.05 -40.31
CA ASP B 46 -4.44 38.55 -39.52
C ASP B 46 -4.69 37.08 -39.15
N HIS B 47 -5.91 36.77 -38.71
CA HIS B 47 -6.32 35.43 -38.25
C HIS B 47 -6.30 34.47 -39.46
N LYS B 48 -7.03 34.80 -40.52
CA LYS B 48 -7.04 34.03 -41.79
C LYS B 48 -5.60 33.69 -42.19
N VAL B 49 -4.75 34.69 -42.37
CA VAL B 49 -3.36 34.52 -42.87
C VAL B 49 -2.61 33.55 -41.96
N ALA B 50 -2.85 33.62 -40.64
CA ALA B 50 -2.15 32.81 -39.63
C ALA B 50 -2.65 31.36 -39.71
N TYR B 51 -3.97 31.17 -39.72
CA TYR B 51 -4.67 29.87 -39.87
C TYR B 51 -4.24 29.16 -41.15
N GLU B 52 -4.14 29.89 -42.26
CA GLU B 52 -3.59 29.38 -43.55
C GLU B 52 -2.18 28.81 -43.29
N ARG B 53 -1.31 29.63 -42.70
CA ARG B 53 0.12 29.30 -42.49
C ARG B 53 0.25 28.03 -41.63
N VAL B 54 -0.71 27.78 -40.73
CA VAL B 54 -0.70 26.61 -39.81
C VAL B 54 -1.09 25.36 -40.61
N ARG B 55 -2.18 25.42 -41.38
CA ARG B 55 -2.66 24.30 -42.23
C ARG B 55 -1.54 23.87 -43.17
N VAL B 56 -0.83 24.83 -43.77
CA VAL B 56 0.25 24.55 -44.76
C VAL B 56 1.37 23.82 -44.05
N ALA B 57 1.85 24.40 -42.96
CA ALA B 57 2.94 23.86 -42.11
C ALA B 57 2.56 22.45 -41.63
N SER B 58 1.33 22.27 -41.11
CA SER B 58 0.81 20.96 -40.64
C SER B 58 0.86 19.95 -41.80
N ASP B 59 0.33 20.33 -42.95
CA ASP B 59 0.22 19.42 -44.12
C ASP B 59 1.60 19.20 -44.75
N ALA B 60 2.46 20.21 -44.74
CA ALA B 60 3.80 20.17 -45.38
C ALA B 60 4.76 19.30 -44.54
N THR B 61 4.60 19.30 -43.22
CA THR B 61 5.51 18.58 -42.27
C THR B 61 4.90 17.23 -41.90
N GLY B 62 3.58 17.09 -42.06
CA GLY B 62 2.81 15.93 -41.60
C GLY B 62 2.76 15.85 -40.09
N ARG B 63 3.13 16.94 -39.39
CA ARG B 63 2.87 17.14 -37.94
C ARG B 63 1.43 17.61 -37.78
N ALA B 64 0.64 16.87 -37.05
CA ALA B 64 -0.67 17.31 -36.54
C ALA B 64 -0.50 18.67 -35.88
N VAL B 65 -1.34 19.63 -36.22
CA VAL B 65 -1.42 20.91 -35.48
C VAL B 65 -2.87 21.34 -35.37
N GLY B 66 -3.43 21.22 -34.16
CA GLY B 66 -4.72 21.79 -33.78
C GLY B 66 -4.71 23.30 -33.89
N VAL B 67 -5.81 23.90 -34.25
CA VAL B 67 -6.00 25.36 -34.25
C VAL B 67 -7.06 25.69 -33.22
N LEU B 68 -6.69 26.48 -32.21
CA LEU B 68 -7.55 26.81 -31.06
C LEU B 68 -7.98 28.28 -31.18
N ALA B 69 -9.28 28.52 -31.31
CA ALA B 69 -9.86 29.88 -31.31
C ALA B 69 -10.19 30.28 -29.88
N ASP B 70 -9.42 31.22 -29.34
CA ASP B 70 -9.62 31.76 -27.98
C ASP B 70 -10.52 32.98 -28.06
N LEU B 71 -11.69 32.89 -27.47
CA LEU B 71 -12.71 33.97 -27.45
C LEU B 71 -12.48 34.88 -26.22
N GLN B 72 -12.43 36.20 -26.45
CA GLN B 72 -12.06 37.23 -25.44
C GLN B 72 -12.94 37.08 -24.19
N GLY B 73 -14.21 36.67 -24.35
CA GLY B 73 -15.19 36.61 -23.25
C GLY B 73 -15.57 38.01 -22.76
N PRO B 74 -16.33 38.12 -21.63
CA PRO B 74 -16.67 39.41 -21.04
C PRO B 74 -15.48 40.03 -20.29
N LYS B 75 -14.41 40.31 -21.01
CA LYS B 75 -13.21 41.01 -20.51
C LYS B 75 -13.56 42.46 -20.30
N ILE B 76 -13.23 43.02 -19.15
CA ILE B 76 -13.41 44.46 -18.86
C ILE B 76 -12.14 45.21 -19.23
N ARG B 77 -12.30 46.34 -19.92
CA ARG B 77 -11.22 47.10 -20.58
C ARG B 77 -11.44 48.60 -20.32
N LEU B 78 -10.34 49.36 -20.28
CA LEU B 78 -10.37 50.85 -20.27
C LEU B 78 -10.77 51.36 -21.65
N GLY B 79 -11.26 52.60 -21.72
CA GLY B 79 -11.67 53.27 -22.98
C GLY B 79 -10.46 53.75 -23.75
N ARG B 80 -10.62 54.82 -24.53
CA ARG B 80 -9.52 55.48 -25.29
C ARG B 80 -9.06 56.71 -24.53
N PHE B 81 -7.74 57.01 -24.54
CA PHE B 81 -7.14 58.28 -24.03
C PHE B 81 -6.90 59.22 -25.23
N ALA B 82 -7.14 60.52 -25.00
CA ALA B 82 -6.81 61.62 -25.93
C ALA B 82 -5.38 61.42 -26.49
N SER B 83 -4.48 60.84 -25.69
CA SER B 83 -3.01 60.73 -25.97
C SER B 83 -2.65 59.36 -26.50
N GLY B 84 -3.60 58.43 -26.49
CA GLY B 84 -3.34 57.01 -26.77
C GLY B 84 -2.80 56.32 -25.53
N ALA B 85 -1.92 56.98 -24.78
CA ALA B 85 -1.33 56.45 -23.53
C ALA B 85 -1.04 57.62 -22.56
N THR B 86 -1.17 57.36 -21.25
CA THR B 86 -0.77 58.28 -20.14
C THR B 86 0.13 57.50 -19.13
N HIS B 87 0.68 58.19 -18.14
CA HIS B 87 1.36 57.57 -16.98
C HIS B 87 0.56 57.84 -15.70
N TRP B 88 0.13 56.77 -15.05
CA TRP B 88 -0.58 56.79 -13.74
C TRP B 88 0.45 56.57 -12.61
N ALA B 89 0.85 57.68 -11.94
CA ALA B 89 1.88 57.73 -10.88
C ALA B 89 1.24 57.49 -9.48
N GLU B 90 1.85 56.56 -8.71
CA GLU B 90 1.51 56.29 -7.29
C GLU B 90 1.19 57.61 -6.60
N GLY B 91 -0.07 57.79 -6.17
CA GLY B 91 -0.51 58.96 -5.39
C GLY B 91 -1.53 59.81 -6.12
N GLU B 92 -1.80 59.51 -7.40
CA GLU B 92 -2.67 60.32 -8.30
C GLU B 92 -4.12 59.88 -8.16
N THR B 93 -5.07 60.79 -8.35
CA THR B 93 -6.54 60.52 -8.45
C THR B 93 -6.91 60.26 -9.91
N VAL B 94 -7.63 59.15 -10.18
CA VAL B 94 -8.11 58.77 -11.54
C VAL B 94 -9.63 58.47 -11.48
N ARG B 95 -10.40 59.07 -12.41
CA ARG B 95 -11.85 58.80 -12.65
C ARG B 95 -12.00 57.78 -13.81
N ILE B 96 -12.70 56.67 -13.58
CA ILE B 96 -13.05 55.66 -14.62
C ILE B 96 -14.58 55.65 -14.75
N THR B 97 -15.12 56.17 -15.87
CA THR B 97 -16.57 56.45 -16.02
C THR B 97 -17.21 55.40 -16.96
N VAL B 98 -18.51 55.11 -16.70
CA VAL B 98 -19.41 54.30 -17.58
C VAL B 98 -20.05 55.22 -18.62
N GLY B 99 -19.91 56.54 -18.43
CA GLY B 99 -20.31 57.55 -19.43
C GLY B 99 -19.38 57.54 -20.62
N ALA B 100 -19.89 57.91 -21.80
CA ALA B 100 -19.11 58.08 -23.02
C ALA B 100 -18.20 59.31 -22.85
N CYS B 101 -16.91 59.15 -23.13
CA CYS B 101 -15.95 60.26 -23.32
C CYS B 101 -14.66 59.73 -23.95
N GLU B 102 -13.97 60.58 -24.69
CA GLU B 102 -12.53 60.46 -25.00
C GLU B 102 -11.78 60.73 -23.70
N GLY B 103 -11.05 59.73 -23.22
CA GLY B 103 -10.35 59.83 -21.93
C GLY B 103 -9.25 60.87 -21.98
N SER B 104 -8.76 61.27 -20.82
CA SER B 104 -7.40 61.82 -20.61
C SER B 104 -6.82 61.22 -19.33
N HIS B 105 -5.71 61.78 -18.83
CA HIS B 105 -4.99 61.29 -17.63
C HIS B 105 -5.95 61.05 -16.46
N ASP B 106 -6.85 62.01 -16.16
CA ASP B 106 -7.68 62.06 -14.93
C ASP B 106 -8.98 61.25 -15.10
N ARG B 107 -9.49 61.19 -16.33
CA ARG B 107 -10.87 60.67 -16.62
C ARG B 107 -10.86 59.87 -17.92
N VAL B 108 -11.22 58.57 -17.82
CA VAL B 108 -11.26 57.56 -18.93
C VAL B 108 -12.54 56.72 -18.80
N SER B 109 -13.04 56.19 -19.91
CA SER B 109 -14.20 55.26 -19.99
C SER B 109 -13.75 53.82 -19.72
N THR B 110 -14.70 52.93 -19.52
CA THR B 110 -14.51 51.47 -19.56
C THR B 110 -15.64 50.83 -20.36
N THR B 111 -15.47 49.58 -20.76
CA THR B 111 -16.49 48.80 -21.51
C THR B 111 -17.62 48.39 -20.55
N TYR B 112 -17.30 48.06 -19.28
CA TYR B 112 -18.28 47.60 -18.26
C TYR B 112 -19.20 48.74 -17.89
N LYS B 113 -20.45 48.68 -18.32
CA LYS B 113 -21.45 49.77 -18.15
C LYS B 113 -22.05 49.70 -16.74
N ARG B 114 -21.74 48.63 -16.00
CA ARG B 114 -22.30 48.38 -14.66
C ARG B 114 -21.29 48.78 -13.60
N LEU B 115 -20.25 49.55 -13.94
CA LEU B 115 -19.12 49.82 -13.01
C LEU B 115 -19.59 50.75 -11.89
N ALA B 116 -20.13 51.91 -12.22
CA ALA B 116 -20.74 52.84 -11.24
C ALA B 116 -21.67 52.06 -10.33
N GLN B 117 -22.47 51.16 -10.90
CA GLN B 117 -23.59 50.45 -10.23
C GLN B 117 -23.05 49.31 -9.31
N ASP B 118 -21.82 48.84 -9.53
CA ASP B 118 -21.32 47.56 -8.92
C ASP B 118 -20.04 47.80 -8.08
N ALA B 119 -19.34 48.92 -8.30
CA ALA B 119 -18.06 49.27 -7.61
C ALA B 119 -18.36 50.12 -6.36
N VAL B 120 -17.89 49.69 -5.20
CA VAL B 120 -18.01 50.41 -3.90
C VAL B 120 -16.61 50.74 -3.39
N ALA B 121 -16.47 51.86 -2.67
CA ALA B 121 -15.19 52.36 -2.10
C ALA B 121 -14.50 51.20 -1.39
N GLY B 122 -13.17 51.12 -1.51
CA GLY B 122 -12.34 50.04 -0.96
C GLY B 122 -12.08 48.93 -1.97
N ASP B 123 -12.86 48.89 -3.06
CA ASP B 123 -12.66 47.90 -4.15
C ASP B 123 -11.32 48.17 -4.82
N ARG B 124 -10.60 47.10 -5.18
CA ARG B 124 -9.27 47.15 -5.81
C ARG B 124 -9.43 46.97 -7.33
N VAL B 125 -8.53 47.58 -8.09
CA VAL B 125 -8.50 47.55 -9.58
C VAL B 125 -7.08 47.19 -10.02
N LEU B 126 -6.88 45.98 -10.56
CA LEU B 126 -5.60 45.58 -11.21
C LEU B 126 -5.70 45.84 -12.71
N VAL B 127 -4.66 46.45 -13.29
CA VAL B 127 -4.54 46.76 -14.74
C VAL B 127 -3.47 45.85 -15.33
N ASP B 128 -3.61 45.45 -16.60
CA ASP B 128 -2.54 44.76 -17.36
C ASP B 128 -2.03 43.57 -16.53
N ASP B 129 -2.97 42.76 -15.97
CA ASP B 129 -2.72 41.51 -15.18
C ASP B 129 -1.85 41.81 -13.92
N GLY B 130 -1.93 43.04 -13.34
CA GLY B 130 -1.52 43.32 -11.93
C GLY B 130 -0.61 44.57 -11.75
N LYS B 131 0.05 45.05 -12.81
CA LYS B 131 1.25 45.96 -12.75
C LYS B 131 0.86 47.33 -12.16
N VAL B 132 -0.26 47.90 -12.60
CA VAL B 132 -0.83 49.17 -12.05
C VAL B 132 -2.07 48.84 -11.23
N ALA B 133 -2.08 49.22 -9.95
CA ALA B 133 -3.14 48.89 -8.97
C ALA B 133 -3.76 50.18 -8.42
N LEU B 134 -5.08 50.26 -8.41
CA LEU B 134 -5.83 51.39 -7.84
C LEU B 134 -6.71 50.88 -6.70
N VAL B 135 -7.18 51.80 -5.85
CA VAL B 135 -8.28 51.55 -4.90
C VAL B 135 -9.38 52.56 -5.17
N VAL B 136 -10.62 52.11 -5.11
CA VAL B 136 -11.86 52.92 -5.29
C VAL B 136 -12.06 53.81 -4.05
N ASP B 137 -12.01 55.12 -4.24
CA ASP B 137 -12.31 56.15 -3.22
C ASP B 137 -13.83 56.41 -3.21
N ALA B 138 -14.42 56.89 -4.32
CA ALA B 138 -15.85 57.28 -4.43
C ALA B 138 -16.47 56.91 -5.80
N VAL B 139 -17.78 56.65 -5.80
CA VAL B 139 -18.67 56.56 -7.01
C VAL B 139 -19.58 57.78 -7.04
N GLU B 140 -19.30 58.77 -7.90
CA GLU B 140 -20.11 60.02 -8.05
C GLU B 140 -20.97 59.95 -9.33
N GLY B 141 -22.28 59.67 -9.20
CA GLY B 141 -23.20 59.47 -10.34
C GLY B 141 -22.66 58.39 -11.25
N ASP B 142 -22.04 58.78 -12.38
CA ASP B 142 -21.52 57.86 -13.46
C ASP B 142 -20.00 57.58 -13.31
N ASP B 143 -19.27 58.31 -12.45
CA ASP B 143 -17.77 58.23 -12.37
C ASP B 143 -17.34 57.37 -11.15
N VAL B 144 -16.20 56.69 -11.28
CA VAL B 144 -15.56 55.87 -10.20
C VAL B 144 -14.20 56.48 -9.88
N VAL B 145 -14.11 57.23 -8.79
CA VAL B 145 -12.88 57.96 -8.37
C VAL B 145 -11.98 56.96 -7.66
N CYS B 146 -10.72 56.85 -8.09
CA CYS B 146 -9.73 55.87 -7.60
C CYS B 146 -8.44 56.59 -7.25
N THR B 147 -7.63 55.98 -6.39
CA THR B 147 -6.26 56.42 -6.08
C THR B 147 -5.30 55.36 -6.57
N VAL B 148 -4.36 55.76 -7.41
CA VAL B 148 -3.24 54.88 -7.85
C VAL B 148 -2.42 54.51 -6.61
N VAL B 149 -2.34 53.21 -6.30
CA VAL B 149 -1.63 52.66 -5.11
C VAL B 149 -0.33 52.03 -5.58
N GLU B 150 -0.32 51.45 -6.77
CA GLU B 150 0.92 51.05 -7.50
C GLU B 150 0.89 51.72 -8.88
N GLY B 151 1.96 52.46 -9.22
CA GLY B 151 2.00 53.36 -10.38
C GLY B 151 2.60 52.69 -11.60
N GLY B 152 2.31 53.24 -12.78
CA GLY B 152 2.80 52.69 -14.07
C GLY B 152 2.06 53.26 -15.28
N PRO B 153 2.40 52.76 -16.51
CA PRO B 153 1.79 53.22 -17.75
C PRO B 153 0.49 52.47 -18.12
N VAL B 154 -0.51 53.20 -18.60
CA VAL B 154 -1.78 52.65 -19.17
C VAL B 154 -2.02 53.26 -20.56
N SER B 155 -2.64 52.49 -21.44
CA SER B 155 -2.84 52.81 -22.87
C SER B 155 -4.31 52.57 -23.22
N ASP B 156 -4.70 52.86 -24.47
CA ASP B 156 -6.07 52.60 -25.00
C ASP B 156 -6.42 51.13 -24.73
N ASN B 157 -7.61 50.88 -24.19
CA ASN B 157 -8.28 49.56 -24.24
C ASN B 157 -7.51 48.55 -23.39
N LYS B 158 -6.67 49.00 -22.45
CA LYS B 158 -5.93 48.10 -21.53
C LYS B 158 -6.94 47.40 -20.61
N GLY B 159 -6.73 46.10 -20.35
CA GLY B 159 -7.65 45.25 -19.59
C GLY B 159 -7.49 45.51 -18.11
N ILE B 160 -8.59 45.43 -17.37
CA ILE B 160 -8.59 45.60 -15.90
C ILE B 160 -9.30 44.42 -15.26
N SER B 161 -9.11 44.27 -13.96
CA SER B 161 -9.73 43.23 -13.12
C SER B 161 -10.19 43.86 -11.79
N LEU B 162 -11.44 43.58 -11.40
CA LEU B 162 -12.06 44.02 -10.13
C LEU B 162 -12.26 42.80 -9.21
N PRO B 163 -11.19 42.28 -8.57
CA PRO B 163 -11.27 41.02 -7.85
C PRO B 163 -12.40 41.06 -6.80
N GLY B 164 -13.24 40.03 -6.80
CA GLY B 164 -14.26 39.80 -5.76
C GLY B 164 -15.52 40.60 -6.02
N MET B 165 -15.43 41.64 -6.85
CA MET B 165 -16.62 42.37 -7.37
C MET B 165 -17.42 41.43 -8.25
N ASN B 166 -18.73 41.33 -8.01
CA ASN B 166 -19.63 40.46 -8.80
C ASN B 166 -19.93 41.14 -10.12
N VAL B 167 -19.48 40.54 -11.21
CA VAL B 167 -19.61 41.11 -12.57
C VAL B 167 -20.78 40.45 -13.27
N THR B 168 -21.80 41.22 -13.64
CA THR B 168 -22.90 40.76 -14.51
C THR B 168 -22.50 41.06 -15.97
N ALA B 169 -22.33 40.03 -16.78
CA ALA B 169 -21.97 40.13 -18.20
C ALA B 169 -22.23 38.80 -18.87
N PRO B 170 -22.87 38.79 -20.05
CA PRO B 170 -23.15 37.54 -20.75
C PRO B 170 -21.87 36.72 -21.03
N ALA B 171 -21.96 35.39 -20.91
CA ALA B 171 -20.86 34.41 -21.09
C ALA B 171 -20.23 34.63 -22.45
N LEU B 172 -21.07 34.85 -23.47
CA LEU B 172 -20.65 35.26 -24.84
C LEU B 172 -21.12 36.70 -25.09
N SER B 173 -20.19 37.61 -25.35
CA SER B 173 -20.45 38.99 -25.83
C SER B 173 -20.83 38.94 -27.30
N GLU B 174 -21.46 39.99 -27.81
CA GLU B 174 -21.84 40.06 -29.24
C GLU B 174 -20.57 39.86 -30.10
N LYS B 175 -19.44 40.42 -29.67
CA LYS B 175 -18.14 40.32 -30.40
C LYS B 175 -17.67 38.86 -30.44
N ASP B 176 -17.85 38.13 -29.34
CA ASP B 176 -17.47 36.71 -29.22
C ASP B 176 -18.26 35.86 -30.23
N ILE B 177 -19.56 36.12 -30.35
CA ILE B 177 -20.49 35.36 -31.24
C ILE B 177 -20.02 35.50 -32.69
N GLU B 178 -19.57 36.69 -33.09
CA GLU B 178 -19.06 36.97 -34.45
C GLU B 178 -17.70 36.33 -34.63
N ASP B 179 -16.86 36.33 -33.60
CA ASP B 179 -15.52 35.70 -33.62
C ASP B 179 -15.72 34.18 -33.71
N LEU B 180 -16.73 33.66 -33.03
CA LEU B 180 -17.03 32.23 -32.98
C LEU B 180 -17.52 31.80 -34.38
N THR B 181 -18.50 32.52 -34.93
CA THR B 181 -19.01 32.33 -36.30
C THR B 181 -17.81 32.31 -37.27
N PHE B 182 -16.98 33.35 -37.25
CA PHE B 182 -15.85 33.53 -38.19
C PHE B 182 -14.95 32.30 -38.12
N ALA B 183 -14.71 31.83 -36.89
CA ALA B 183 -13.73 30.78 -36.53
C ALA B 183 -14.23 29.40 -36.99
N LEU B 184 -15.53 29.14 -36.78
CA LEU B 184 -16.21 27.89 -37.23
C LEU B 184 -16.17 27.79 -38.77
N ASN B 185 -16.44 28.89 -39.48
CA ASN B 185 -16.42 28.93 -40.96
C ASN B 185 -14.97 28.80 -41.46
N LEU B 186 -14.01 29.37 -40.73
CA LEU B 186 -12.58 29.37 -41.13
C LEU B 186 -12.04 27.92 -41.08
N GLY B 187 -12.54 27.11 -40.14
CA GLY B 187 -12.24 25.67 -40.02
C GLY B 187 -11.40 25.32 -38.76
N VAL B 188 -11.41 26.16 -37.71
CA VAL B 188 -10.68 25.89 -36.43
C VAL B 188 -11.17 24.57 -35.87
N ASP B 189 -10.34 23.92 -35.07
CA ASP B 189 -10.54 22.53 -34.60
C ASP B 189 -11.13 22.54 -33.20
N MET B 190 -10.87 23.60 -32.42
CA MET B 190 -11.35 23.74 -31.02
C MET B 190 -11.61 25.20 -30.70
N VAL B 191 -12.44 25.46 -29.70
CA VAL B 191 -12.83 26.82 -29.26
C VAL B 191 -12.60 26.92 -27.75
N ALA B 192 -11.94 27.99 -27.30
CA ALA B 192 -11.69 28.28 -25.87
C ALA B 192 -12.51 29.47 -25.44
N LEU B 193 -13.21 29.36 -24.33
CA LEU B 193 -14.06 30.46 -23.80
C LEU B 193 -13.41 31.04 -22.54
N SER B 194 -13.11 32.34 -22.57
CA SER B 194 -12.59 33.12 -21.42
C SER B 194 -13.69 33.33 -20.38
N PHE B 195 -13.30 33.28 -19.10
CA PHE B 195 -14.08 33.76 -17.93
C PHE B 195 -15.32 32.91 -17.78
N VAL B 196 -15.20 31.61 -18.00
CA VAL B 196 -16.29 30.64 -17.68
C VAL B 196 -16.52 30.73 -16.17
N ARG B 197 -17.78 30.70 -15.73
CA ARG B 197 -18.13 30.70 -14.28
C ARG B 197 -19.34 29.81 -13.98
N SER B 198 -19.84 29.07 -14.97
CA SER B 198 -20.97 28.13 -14.80
C SER B 198 -20.84 27.01 -15.82
N PRO B 199 -21.32 25.78 -15.49
CA PRO B 199 -21.34 24.68 -16.45
C PRO B 199 -22.27 24.95 -17.65
N ALA B 200 -23.25 25.84 -17.49
CA ALA B 200 -24.30 26.15 -18.50
C ALA B 200 -23.74 27.11 -19.57
N ASP B 201 -22.55 27.67 -19.33
CA ASP B 201 -21.90 28.62 -20.27
C ASP B 201 -21.64 27.91 -21.60
N VAL B 202 -21.49 26.58 -21.56
CA VAL B 202 -21.22 25.75 -22.77
C VAL B 202 -22.48 25.62 -23.63
N GLU B 203 -23.66 25.65 -22.99
CA GLU B 203 -24.98 25.60 -23.70
C GLU B 203 -25.06 26.75 -24.70
N LEU B 204 -24.63 27.96 -24.33
CA LEU B 204 -24.69 29.18 -25.17
C LEU B 204 -23.70 29.06 -26.34
N VAL B 205 -22.53 28.50 -26.09
CA VAL B 205 -21.52 28.23 -27.17
C VAL B 205 -22.13 27.26 -28.15
N HIS B 206 -22.70 26.15 -27.64
CA HIS B 206 -23.34 25.07 -28.44
C HIS B 206 -24.48 25.65 -29.31
N GLU B 207 -25.35 26.47 -28.69
CA GLU B 207 -26.50 27.16 -29.36
C GLU B 207 -26.00 27.79 -30.67
N VAL B 208 -24.93 28.57 -30.60
CA VAL B 208 -24.33 29.31 -31.75
C VAL B 208 -23.84 28.29 -32.78
N MET B 209 -23.10 27.28 -32.30
CA MET B 209 -22.54 26.20 -33.12
C MET B 209 -23.67 25.52 -33.90
N ASP B 210 -24.81 25.28 -33.25
CA ASP B 210 -25.96 24.55 -33.85
C ASP B 210 -26.59 25.40 -34.97
N ARG B 211 -26.87 26.69 -34.71
CA ARG B 211 -27.33 27.66 -35.74
C ARG B 211 -26.43 27.54 -36.99
N ILE B 212 -25.11 27.63 -36.80
CA ILE B 212 -24.09 27.63 -37.91
C ILE B 212 -23.88 26.20 -38.44
N GLY B 213 -24.41 25.19 -37.73
CA GLY B 213 -24.36 23.77 -38.12
C GLY B 213 -22.94 23.24 -38.12
N ARG B 214 -22.14 23.58 -37.10
CA ARG B 214 -20.76 23.05 -36.88
C ARG B 214 -20.41 23.16 -35.41
N ARG B 215 -20.19 22.01 -34.76
CA ARG B 215 -19.67 21.87 -33.38
C ARG B 215 -18.19 21.50 -33.42
N VAL B 216 -17.38 22.13 -32.58
CA VAL B 216 -16.00 21.70 -32.25
C VAL B 216 -15.89 21.58 -30.72
N PRO B 217 -14.87 20.85 -30.20
CA PRO B 217 -14.60 20.80 -28.76
C PRO B 217 -14.43 22.19 -28.12
N VAL B 218 -15.10 22.41 -26.98
CA VAL B 218 -15.17 23.71 -26.26
C VAL B 218 -14.29 23.63 -25.01
N ILE B 219 -13.25 24.42 -24.96
CA ILE B 219 -12.31 24.51 -23.80
C ILE B 219 -12.82 25.60 -22.84
N ALA B 220 -13.13 25.20 -21.61
CA ALA B 220 -13.37 26.12 -20.48
C ALA B 220 -12.02 26.64 -19.97
N LYS B 221 -11.78 27.93 -20.10
CA LYS B 221 -10.64 28.63 -19.47
C LYS B 221 -11.01 28.96 -18.02
N LEU B 222 -10.24 28.44 -17.07
CA LEU B 222 -10.44 28.61 -15.61
C LEU B 222 -9.67 29.85 -15.14
N GLU B 223 -10.37 30.92 -14.82
CA GLU B 223 -9.73 32.18 -14.39
C GLU B 223 -10.70 33.01 -13.53
N LYS B 224 -11.66 32.36 -12.86
CA LYS B 224 -12.67 33.02 -12.00
C LYS B 224 -12.95 32.13 -10.79
N PRO B 225 -13.17 32.71 -9.59
CA PRO B 225 -13.56 31.91 -8.43
C PRO B 225 -14.78 31.00 -8.73
N GLU B 226 -15.80 31.52 -9.40
CA GLU B 226 -17.05 30.75 -9.72
C GLU B 226 -16.66 29.48 -10.48
N ALA B 227 -15.63 29.55 -11.32
CA ALA B 227 -15.11 28.42 -12.13
C ALA B 227 -14.57 27.32 -11.20
N ILE B 228 -13.76 27.69 -10.23
CA ILE B 228 -13.08 26.73 -9.31
C ILE B 228 -14.12 26.18 -8.34
N ASP B 229 -15.04 27.02 -7.87
CA ASP B 229 -16.18 26.62 -7.01
C ASP B 229 -17.00 25.54 -7.73
N ASN B 230 -17.04 25.57 -9.07
CA ASN B 230 -17.86 24.65 -9.93
C ASN B 230 -16.95 23.79 -10.81
N LEU B 231 -15.73 23.52 -10.36
CA LEU B 231 -14.69 22.92 -11.22
C LEU B 231 -15.23 21.62 -11.83
N GLU B 232 -15.82 20.76 -11.01
CA GLU B 232 -16.23 19.39 -11.41
C GLU B 232 -17.30 19.48 -12.50
N ALA B 233 -18.37 20.21 -12.24
CA ALA B 233 -19.54 20.37 -13.14
C ALA B 233 -19.05 20.90 -14.49
N ILE B 234 -18.15 21.90 -14.46
CA ILE B 234 -17.59 22.57 -15.67
C ILE B 234 -16.77 21.54 -16.46
N VAL B 235 -15.88 20.80 -15.79
CA VAL B 235 -14.99 19.79 -16.44
C VAL B 235 -15.85 18.70 -17.12
N LEU B 236 -17.07 18.47 -16.62
CA LEU B 236 -17.99 17.42 -17.15
C LEU B 236 -18.79 17.99 -18.33
N ALA B 237 -19.22 19.25 -18.28
CA ALA B 237 -20.06 19.88 -19.33
C ALA B 237 -19.20 20.30 -20.52
N PHE B 238 -17.95 20.72 -20.28
CA PHE B 238 -16.99 21.17 -21.32
C PHE B 238 -16.13 19.98 -21.76
N ASP B 239 -15.41 20.14 -22.86
CA ASP B 239 -14.66 19.04 -23.53
C ASP B 239 -13.19 19.08 -23.10
N ALA B 240 -12.71 20.24 -22.69
CA ALA B 240 -11.37 20.39 -22.10
C ALA B 240 -11.36 21.59 -21.16
N VAL B 241 -10.27 21.79 -20.43
CA VAL B 241 -10.10 22.96 -19.54
C VAL B 241 -8.68 23.50 -19.71
N MET B 242 -8.55 24.81 -19.58
CA MET B 242 -7.29 25.56 -19.52
C MET B 242 -7.18 26.24 -18.15
N VAL B 243 -6.09 26.00 -17.42
CA VAL B 243 -5.74 26.76 -16.21
C VAL B 243 -5.12 28.06 -16.68
N ALA B 244 -5.93 29.11 -16.72
CA ALA B 244 -5.58 30.43 -17.30
C ALA B 244 -5.05 31.32 -16.18
N ARG B 245 -3.76 31.24 -15.91
CA ARG B 245 -3.13 31.60 -14.61
C ARG B 245 -2.97 33.13 -14.51
N GLY B 246 -2.79 33.81 -15.64
CA GLY B 246 -2.80 35.28 -15.75
C GLY B 246 -3.97 35.89 -15.00
N ASP B 247 -5.19 35.66 -15.47
CA ASP B 247 -6.42 36.27 -14.90
C ASP B 247 -6.75 35.56 -13.59
N LEU B 248 -6.49 34.26 -13.51
CA LEU B 248 -6.79 33.46 -12.30
C LEU B 248 -6.00 34.03 -11.12
N GLY B 249 -4.80 34.51 -11.40
CA GLY B 249 -3.85 35.00 -10.40
C GLY B 249 -4.11 36.46 -10.00
N VAL B 250 -5.12 37.12 -10.58
CA VAL B 250 -5.60 38.46 -10.10
C VAL B 250 -7.02 38.33 -9.54
N GLU B 251 -7.80 37.38 -10.05
CA GLU B 251 -9.22 37.13 -9.66
C GLU B 251 -9.25 36.28 -8.38
N LEU B 252 -8.21 35.51 -8.17
CA LEU B 252 -7.90 34.80 -6.90
C LEU B 252 -6.59 35.35 -6.36
N PRO B 253 -6.30 35.18 -5.05
CA PRO B 253 -4.95 35.42 -4.52
C PRO B 253 -3.93 34.60 -5.33
N LEU B 254 -2.87 35.25 -5.78
CA LEU B 254 -1.89 34.61 -6.70
C LEU B 254 -1.27 33.40 -5.99
N GLU B 255 -1.28 33.40 -4.67
CA GLU B 255 -0.65 32.33 -3.85
C GLU B 255 -1.57 31.08 -3.82
N GLU B 256 -2.84 31.20 -4.28
CA GLU B 256 -3.83 30.10 -4.28
C GLU B 256 -3.71 29.29 -5.59
N VAL B 257 -3.10 29.88 -6.62
CA VAL B 257 -3.16 29.37 -8.02
C VAL B 257 -2.43 28.02 -8.09
N PRO B 258 -1.23 27.89 -7.54
CA PRO B 258 -0.48 26.64 -7.65
C PRO B 258 -1.30 25.38 -7.31
N LEU B 259 -2.13 25.42 -6.29
CA LEU B 259 -2.87 24.23 -5.82
C LEU B 259 -4.16 24.08 -6.64
N VAL B 260 -4.70 25.18 -7.16
CA VAL B 260 -5.91 25.17 -8.04
C VAL B 260 -5.51 24.49 -9.34
N GLN B 261 -4.35 24.85 -9.88
CA GLN B 261 -3.74 24.21 -11.06
C GLN B 261 -3.72 22.70 -10.82
N LYS B 262 -3.11 22.28 -9.72
CA LYS B 262 -2.87 20.85 -9.43
C LYS B 262 -4.22 20.13 -9.35
N ARG B 263 -5.19 20.75 -8.70
CA ARG B 263 -6.51 20.16 -8.41
C ARG B 263 -7.34 20.11 -9.73
N ALA B 264 -7.07 21.01 -10.66
CA ALA B 264 -7.83 21.15 -11.92
C ALA B 264 -7.28 20.16 -12.93
N ILE B 265 -5.98 19.91 -12.91
CA ILE B 265 -5.32 18.88 -13.76
C ILE B 265 -5.83 17.52 -13.35
N GLN B 266 -5.89 17.26 -12.05
CA GLN B 266 -6.33 15.97 -11.47
C GLN B 266 -7.79 15.74 -11.85
N MET B 267 -8.60 16.79 -11.85
CA MET B 267 -10.05 16.74 -12.16
C MET B 267 -10.23 16.41 -13.66
N ALA B 268 -9.46 17.06 -14.52
CA ALA B 268 -9.44 16.82 -15.97
C ALA B 268 -9.18 15.35 -16.21
N ARG B 269 -8.08 14.82 -15.67
CA ARG B 269 -7.60 13.44 -15.95
C ARG B 269 -8.59 12.40 -15.41
N GLU B 270 -9.22 12.65 -14.28
CA GLU B 270 -10.22 11.72 -13.67
C GLU B 270 -11.39 11.52 -14.65
N ASN B 271 -11.69 12.52 -15.48
CA ASN B 271 -12.88 12.55 -16.37
C ASN B 271 -12.43 12.46 -17.84
N ALA B 272 -11.14 12.18 -18.05
CA ALA B 272 -10.51 11.93 -19.37
C ALA B 272 -10.70 13.16 -20.26
N LYS B 273 -10.50 14.36 -19.72
CA LYS B 273 -10.56 15.63 -20.50
C LYS B 273 -9.17 16.22 -20.56
N PRO B 274 -8.82 16.80 -21.73
CA PRO B 274 -7.59 17.55 -21.87
C PRO B 274 -7.53 18.74 -20.90
N VAL B 275 -6.36 18.99 -20.35
CA VAL B 275 -6.06 20.19 -19.56
C VAL B 275 -4.82 20.85 -20.11
N ILE B 276 -4.92 22.13 -20.40
CA ILE B 276 -3.77 23.01 -20.76
C ILE B 276 -3.40 23.83 -19.53
N VAL B 277 -2.11 24.00 -19.27
CA VAL B 277 -1.60 24.98 -18.27
C VAL B 277 -1.04 26.18 -19.02
N ALA B 278 -1.46 27.39 -18.68
CA ALA B 278 -1.26 28.59 -19.51
C ALA B 278 -0.68 29.76 -18.69
N THR B 279 0.24 30.50 -19.34
CA THR B 279 0.54 31.93 -19.08
C THR B 279 1.74 32.05 -18.14
N GLN B 280 2.82 32.64 -18.66
CA GLN B 280 4.05 33.11 -17.93
C GLN B 280 4.94 31.92 -17.54
N MET B 281 4.74 30.77 -18.15
CA MET B 281 5.55 29.57 -17.90
C MET B 281 7.01 29.91 -18.17
N LEU B 282 7.28 30.69 -19.21
CA LEU B 282 8.65 31.14 -19.58
C LEU B 282 8.62 32.65 -19.87
N ASP B 283 7.88 33.41 -19.03
CA ASP B 283 7.60 34.85 -19.25
C ASP B 283 8.89 35.59 -19.66
N SER B 284 10.02 35.30 -19.00
CA SER B 284 11.27 36.10 -19.11
C SER B 284 11.90 35.91 -20.51
N MET B 285 11.43 34.93 -21.28
CA MET B 285 11.99 34.61 -22.62
C MET B 285 11.37 35.54 -23.69
N ILE B 286 10.39 36.35 -23.31
CA ILE B 286 9.94 37.51 -24.11
C ILE B 286 11.13 38.43 -24.35
N GLU B 287 12.01 38.60 -23.38
CA GLU B 287 13.14 39.57 -23.45
C GLU B 287 14.49 38.82 -23.54
N ASN B 288 14.56 37.58 -23.06
CA ASN B 288 15.83 36.86 -22.79
C ASN B 288 15.84 35.51 -23.50
N SER B 289 17.02 35.02 -23.87
CA SER B 289 17.23 33.81 -24.71
C SER B 289 17.15 32.54 -23.83
N ARG B 290 17.34 32.69 -22.52
CA ARG B 290 17.18 31.62 -21.51
C ARG B 290 16.15 32.06 -20.48
N PRO B 291 15.43 31.11 -19.87
CA PRO B 291 14.44 31.44 -18.84
C PRO B 291 15.05 31.55 -17.42
N THR B 292 14.23 31.85 -16.43
CA THR B 292 14.60 31.84 -14.99
C THR B 292 14.55 30.40 -14.47
N ARG B 293 15.18 30.16 -13.34
CA ARG B 293 15.18 28.84 -12.69
C ARG B 293 13.76 28.52 -12.24
N ALA B 294 13.01 29.54 -11.83
CA ALA B 294 11.57 29.44 -11.48
C ALA B 294 10.78 28.93 -12.67
N GLU B 295 11.07 29.49 -13.84
CA GLU B 295 10.34 29.19 -15.09
C GLU B 295 10.63 27.74 -15.48
N ALA B 296 11.88 27.36 -15.57
CA ALA B 296 12.29 25.96 -15.81
C ALA B 296 11.50 25.05 -14.84
N SER B 297 11.49 25.38 -13.55
CA SER B 297 10.78 24.60 -12.48
C SER B 297 9.27 24.54 -12.79
N ASP B 298 8.69 25.66 -13.19
CA ASP B 298 7.23 25.79 -13.37
C ASP B 298 6.78 24.79 -14.43
N VAL B 299 7.55 24.71 -15.52
CA VAL B 299 7.28 23.83 -16.68
C VAL B 299 7.43 22.35 -16.24
N ALA B 300 8.55 22.00 -15.61
CA ALA B 300 8.83 20.63 -15.10
C ALA B 300 7.69 20.17 -14.20
N ASN B 301 7.17 21.06 -13.37
CA ASN B 301 6.16 20.73 -12.32
C ASN B 301 4.77 20.57 -12.98
N ALA B 302 4.47 21.35 -14.01
CA ALA B 302 3.25 21.19 -14.85
C ALA B 302 3.24 19.77 -15.48
N VAL B 303 4.40 19.28 -15.88
CA VAL B 303 4.56 17.91 -16.45
C VAL B 303 4.24 16.88 -15.35
N LEU B 304 4.88 16.98 -14.18
CA LEU B 304 4.72 15.99 -13.08
C LEU B 304 3.31 16.09 -12.49
N ASP B 305 2.68 17.26 -12.59
CA ASP B 305 1.27 17.49 -12.19
C ASP B 305 0.32 16.63 -13.03
N GLY B 306 0.67 16.41 -14.31
CA GLY B 306 -0.06 15.52 -15.24
C GLY B 306 -0.77 16.30 -16.34
N ALA B 307 -0.31 17.51 -16.64
CA ALA B 307 -0.88 18.40 -17.67
C ALA B 307 -0.75 17.72 -19.04
N ASP B 308 -1.85 17.69 -19.80
CA ASP B 308 -1.83 17.23 -21.21
C ASP B 308 -0.87 18.16 -21.98
N ALA B 309 -0.99 19.46 -21.78
CA ALA B 309 -0.33 20.48 -22.63
C ALA B 309 0.06 21.70 -21.79
N LEU B 310 1.24 22.26 -22.12
CA LEU B 310 1.73 23.57 -21.63
C LEU B 310 1.58 24.59 -22.75
N MET B 311 1.26 25.84 -22.41
CA MET B 311 1.00 26.90 -23.40
C MET B 311 2.04 28.01 -23.25
N LEU B 312 2.33 28.66 -24.34
CA LEU B 312 3.12 29.89 -24.41
C LEU B 312 2.21 30.99 -24.92
N SER B 313 2.20 32.14 -24.28
CA SER B 313 1.33 33.28 -24.68
C SER B 313 2.18 34.35 -25.34
N GLY B 314 2.71 35.29 -24.58
CA GLY B 314 3.56 36.37 -25.08
C GLY B 314 4.90 35.85 -25.55
N GLU B 315 5.33 34.69 -25.07
CA GLU B 315 6.64 34.11 -25.43
C GLU B 315 6.72 33.94 -26.95
N THR B 316 5.59 33.61 -27.60
CA THR B 316 5.53 33.35 -29.07
C THR B 316 4.80 34.48 -29.78
N SER B 317 3.78 35.07 -29.16
CA SER B 317 2.86 36.05 -29.79
C SER B 317 3.58 37.38 -30.07
N VAL B 318 4.33 37.92 -29.10
CA VAL B 318 4.98 39.26 -29.24
C VAL B 318 6.47 39.19 -28.89
N GLY B 319 6.97 38.04 -28.45
CA GLY B 319 8.30 37.88 -27.84
C GLY B 319 9.42 37.97 -28.85
N LYS B 320 10.65 38.01 -28.38
CA LYS B 320 11.87 38.19 -29.19
C LYS B 320 12.44 36.82 -29.54
N TYR B 321 12.03 35.78 -28.83
CA TYR B 321 12.59 34.41 -28.97
C TYR B 321 11.48 33.39 -29.00
N PRO B 322 10.53 33.50 -29.96
CA PRO B 322 9.39 32.59 -30.03
C PRO B 322 9.87 31.15 -30.25
N LEU B 323 10.90 31.01 -31.06
CA LEU B 323 11.49 29.73 -31.45
C LEU B 323 12.20 29.11 -30.25
N ALA B 324 13.12 29.86 -29.65
CA ALA B 324 13.87 29.43 -28.45
C ALA B 324 12.88 29.02 -27.35
N ALA B 325 11.78 29.76 -27.21
CA ALA B 325 10.74 29.52 -26.19
C ALA B 325 10.15 28.12 -26.37
N VAL B 326 9.78 27.78 -27.60
CA VAL B 326 9.20 26.46 -27.95
C VAL B 326 10.28 25.40 -27.74
N ARG B 327 11.47 25.60 -28.29
CA ARG B 327 12.59 24.64 -28.14
C ARG B 327 12.87 24.43 -26.66
N THR B 328 12.96 25.52 -25.89
CA THR B 328 13.32 25.46 -24.45
C THR B 328 12.23 24.69 -23.71
N MET B 329 10.96 25.01 -23.93
CA MET B 329 9.83 24.32 -23.30
C MET B 329 9.94 22.83 -23.61
N SER B 330 10.31 22.49 -24.85
CA SER B 330 10.41 21.10 -25.34
C SER B 330 11.53 20.35 -24.58
N ARG B 331 12.71 20.97 -24.45
CA ARG B 331 13.85 20.34 -23.77
C ARG B 331 13.44 20.00 -22.32
N ILE B 332 12.79 20.94 -21.63
CA ILE B 332 12.41 20.77 -20.20
C ILE B 332 11.45 19.57 -20.09
N ILE B 333 10.40 19.55 -20.89
CA ILE B 333 9.40 18.45 -20.84
C ILE B 333 10.15 17.13 -21.07
N CYS B 334 11.02 17.10 -22.06
CA CYS B 334 11.75 15.88 -22.48
C CYS B 334 12.66 15.42 -21.32
N ALA B 335 13.36 16.37 -20.67
CA ALA B 335 14.24 16.10 -19.51
C ALA B 335 13.44 15.33 -18.45
N VAL B 336 12.24 15.81 -18.12
CA VAL B 336 11.38 15.23 -17.05
C VAL B 336 10.94 13.81 -17.46
N GLU B 337 10.44 13.64 -18.68
CA GLU B 337 9.84 12.38 -19.20
C GLU B 337 10.92 11.29 -19.36
N GLU B 338 12.14 11.67 -19.75
CA GLU B 338 13.31 10.77 -19.80
C GLU B 338 13.43 10.05 -18.45
N ASN B 339 13.36 10.81 -17.37
CA ASN B 339 13.43 10.29 -15.99
C ASN B 339 12.21 9.40 -15.74
N SER B 340 10.99 9.93 -15.95
CA SER B 340 9.71 9.19 -15.75
C SER B 340 8.55 9.97 -16.38
N THR B 341 7.62 9.25 -17.00
CA THR B 341 6.36 9.79 -17.59
C THR B 341 5.24 9.71 -16.56
N ALA B 342 5.53 9.13 -15.38
CA ALA B 342 4.59 8.85 -14.27
C ALA B 342 3.78 10.11 -13.91
N ALA B 343 2.48 9.92 -13.64
CA ALA B 343 1.51 10.95 -13.26
C ALA B 343 0.91 10.58 -11.91
N PRO B 344 0.35 11.55 -11.17
CA PRO B 344 -0.35 11.23 -9.93
C PRO B 344 -1.47 10.23 -10.19
N PRO B 345 -1.52 9.11 -9.47
CA PRO B 345 -2.57 8.12 -9.69
C PRO B 345 -4.00 8.73 -9.66
N LEU B 346 -4.94 8.11 -10.36
CA LEU B 346 -6.40 8.45 -10.30
C LEU B 346 -6.96 7.96 -8.96
N THR B 347 -7.92 8.68 -8.38
CA THR B 347 -8.49 8.39 -7.04
C THR B 347 -9.74 7.52 -7.18
N HIS B 348 -9.98 6.97 -8.37
CA HIS B 348 -11.12 6.06 -8.65
C HIS B 348 -10.68 4.98 -9.66
N ILE B 349 -11.13 3.74 -9.45
CA ILE B 349 -11.05 2.65 -10.45
C ILE B 349 -12.02 2.98 -11.58
N PRO B 350 -11.54 2.96 -12.83
CA PRO B 350 -12.42 3.21 -13.98
C PRO B 350 -13.69 2.35 -13.94
N ARG B 351 -14.83 2.92 -14.37
CA ARG B 351 -16.18 2.29 -14.29
C ARG B 351 -16.83 2.16 -15.68
N THR B 352 -16.49 3.05 -16.61
CA THR B 352 -17.06 3.07 -17.99
C THR B 352 -16.29 2.06 -18.84
N LYS B 353 -16.99 1.43 -19.78
CA LYS B 353 -16.45 0.38 -20.65
C LYS B 353 -15.12 0.83 -21.22
N ARG B 354 -15.06 2.07 -21.70
CA ARG B 354 -13.87 2.58 -22.46
C ARG B 354 -12.70 2.82 -21.49
N GLY B 355 -12.99 3.30 -20.28
CA GLY B 355 -11.99 3.48 -19.22
C GLY B 355 -11.36 2.16 -18.82
N VAL B 356 -12.20 1.19 -18.45
CA VAL B 356 -11.77 -0.16 -17.99
C VAL B 356 -10.86 -0.81 -19.04
N ILE B 357 -11.24 -0.73 -20.32
CA ILE B 357 -10.58 -1.43 -21.45
C ILE B 357 -9.25 -0.76 -21.74
N SER B 358 -9.22 0.57 -21.74
CA SER B 358 -7.99 1.36 -22.01
C SER B 358 -6.99 1.15 -20.86
N TYR B 359 -7.49 1.06 -19.64
CA TYR B 359 -6.67 0.76 -18.44
C TYR B 359 -6.02 -0.62 -18.66
N ALA B 360 -6.85 -1.62 -18.96
CA ALA B 360 -6.41 -3.01 -19.25
C ALA B 360 -5.40 -3.00 -20.39
N ALA B 361 -5.65 -2.22 -21.44
CA ALA B 361 -4.78 -2.17 -22.64
C ALA B 361 -3.38 -1.73 -22.20
N ARG B 362 -3.29 -0.65 -21.43
CA ARG B 362 -2.02 -0.15 -20.86
C ARG B 362 -1.31 -1.27 -20.13
N ASP B 363 -2.04 -2.00 -19.30
CA ASP B 363 -1.47 -3.07 -18.43
C ASP B 363 -0.78 -4.09 -19.32
N ILE B 364 -1.49 -4.58 -20.33
CA ILE B 364 -1.02 -5.68 -21.22
C ILE B 364 0.22 -5.18 -21.98
N GLY B 365 0.12 -3.99 -22.58
CA GLY B 365 1.23 -3.34 -23.29
C GLY B 365 2.50 -3.33 -22.44
N GLU B 366 2.42 -2.78 -21.25
CA GLU B 366 3.61 -2.46 -20.42
C GLU B 366 4.23 -3.76 -19.96
N ARG B 367 3.39 -4.70 -19.53
CA ARG B 367 3.79 -6.00 -18.96
C ARG B 367 4.45 -6.88 -20.03
N LEU B 368 4.06 -6.69 -21.30
CA LEU B 368 4.57 -7.53 -22.42
C LEU B 368 5.63 -6.76 -23.21
N ASP B 369 5.99 -5.55 -22.75
CA ASP B 369 7.05 -4.70 -23.38
C ASP B 369 6.72 -4.52 -24.85
N ALA B 370 5.44 -4.26 -25.13
CA ALA B 370 4.92 -3.95 -26.48
C ALA B 370 5.64 -2.72 -26.99
N LYS B 371 5.66 -2.55 -28.33
CA LYS B 371 6.39 -1.44 -29.02
C LYS B 371 5.46 -0.25 -29.13
N ALA B 372 4.16 -0.47 -29.04
CA ALA B 372 3.12 0.60 -29.14
C ALA B 372 1.79 0.14 -28.56
N LEU B 373 1.04 1.08 -28.00
CA LEU B 373 -0.42 0.97 -27.77
C LEU B 373 -1.14 1.66 -28.92
N VAL B 374 -2.10 1.00 -29.51
CA VAL B 374 -2.88 1.51 -30.66
C VAL B 374 -4.34 1.48 -30.26
N ALA B 375 -5.03 2.59 -30.37
CA ALA B 375 -6.48 2.67 -30.12
C ALA B 375 -7.19 3.28 -31.32
N PHE B 376 -8.28 2.64 -31.73
CA PHE B 376 -9.20 3.13 -32.76
C PHE B 376 -10.28 3.96 -32.07
N THR B 377 -10.53 5.16 -32.60
CA THR B 377 -11.39 6.16 -31.96
C THR B 377 -12.09 7.03 -33.02
N GLN B 378 -13.38 7.25 -32.81
CA GLN B 378 -14.26 8.11 -33.65
C GLN B 378 -14.30 9.52 -33.07
N SER B 379 -14.46 9.64 -31.75
CA SER B 379 -14.57 10.92 -31.02
C SER B 379 -13.26 11.25 -30.30
N GLY B 380 -12.34 10.28 -30.21
CA GLY B 380 -11.07 10.43 -29.46
C GLY B 380 -11.19 9.97 -28.01
N ASP B 381 -12.43 9.67 -27.55
CA ASP B 381 -12.75 9.32 -26.14
C ASP B 381 -11.90 8.16 -25.67
N THR B 382 -11.95 7.04 -26.39
CA THR B 382 -11.23 5.80 -26.03
C THR B 382 -9.74 6.10 -25.86
N VAL B 383 -9.18 6.95 -26.73
CA VAL B 383 -7.74 7.33 -26.72
C VAL B 383 -7.46 8.15 -25.47
N ARG B 384 -8.40 9.01 -25.09
CA ARG B 384 -8.18 10.03 -24.04
C ARG B 384 -8.19 9.34 -22.66
N ARG B 385 -8.83 8.17 -22.56
CA ARG B 385 -8.88 7.37 -21.31
C ARG B 385 -7.57 6.57 -21.15
N LEU B 386 -6.83 6.39 -22.24
CA LEU B 386 -5.49 5.77 -22.20
C LEU B 386 -4.42 6.86 -21.95
N ALA B 387 -4.60 8.05 -22.52
CA ALA B 387 -3.61 9.17 -22.45
C ALA B 387 -3.43 9.60 -21.00
N ARG B 388 -4.55 9.82 -20.30
CA ARG B 388 -4.59 10.34 -18.92
C ARG B 388 -3.75 9.45 -18.01
N LEU B 389 -3.50 8.20 -18.40
CA LEU B 389 -2.81 7.19 -17.56
C LEU B 389 -1.31 7.38 -17.64
N HIS B 390 -0.83 7.97 -18.72
CA HIS B 390 0.58 8.35 -18.94
C HIS B 390 1.49 7.12 -18.99
N THR B 391 1.36 6.26 -19.98
CA THR B 391 2.32 5.17 -20.21
C THR B 391 3.55 5.68 -20.97
N PRO B 392 4.75 5.10 -20.73
CA PRO B 392 5.94 5.45 -21.50
C PRO B 392 5.91 4.86 -22.92
N LEU B 393 4.98 3.92 -23.16
CA LEU B 393 4.77 3.31 -24.50
C LEU B 393 4.21 4.37 -25.44
N PRO B 394 4.63 4.39 -26.74
CA PRO B 394 3.95 5.19 -27.76
C PRO B 394 2.45 4.93 -27.74
N LEU B 395 1.65 5.97 -27.85
CA LEU B 395 0.18 5.90 -27.94
C LEU B 395 -0.26 6.41 -29.31
N LEU B 396 -0.79 5.52 -30.15
CA LEU B 396 -1.12 5.81 -31.56
C LEU B 396 -2.62 5.69 -31.74
N ALA B 397 -3.28 6.83 -31.95
CA ALA B 397 -4.72 6.93 -32.22
C ALA B 397 -4.96 6.68 -33.72
N PHE B 398 -5.88 5.79 -34.06
CA PHE B 398 -6.29 5.52 -35.44
C PHE B 398 -7.74 5.96 -35.57
N THR B 399 -8.01 6.76 -36.59
CA THR B 399 -9.32 7.43 -36.80
C THR B 399 -9.54 7.63 -38.29
N ALA B 400 -10.78 7.73 -38.72
CA ALA B 400 -11.13 8.02 -40.13
C ALA B 400 -11.46 9.50 -40.27
N TRP B 401 -11.56 10.23 -39.15
CA TRP B 401 -12.02 11.64 -39.11
C TRP B 401 -10.82 12.57 -38.91
N PRO B 402 -10.37 13.27 -39.98
CA PRO B 402 -9.15 14.08 -39.94
C PRO B 402 -9.12 15.11 -38.83
N GLU B 403 -10.28 15.68 -38.50
CA GLU B 403 -10.45 16.70 -37.43
C GLU B 403 -10.00 16.11 -36.09
N VAL B 404 -10.18 14.81 -35.90
CA VAL B 404 -9.90 14.11 -34.62
C VAL B 404 -8.38 14.08 -34.41
N ARG B 405 -7.61 14.04 -35.49
CA ARG B 405 -6.13 14.12 -35.43
C ARG B 405 -5.71 15.50 -34.92
N SER B 406 -6.40 16.54 -35.37
CA SER B 406 -6.18 17.95 -34.92
C SER B 406 -6.64 18.10 -33.46
N GLN B 407 -7.73 17.46 -33.07
CA GLN B 407 -8.29 17.53 -31.70
C GLN B 407 -7.35 16.83 -30.71
N LEU B 408 -6.75 15.72 -31.10
CA LEU B 408 -5.89 14.90 -30.23
C LEU B 408 -4.48 15.48 -30.19
N ALA B 409 -4.22 16.55 -30.91
CA ALA B 409 -2.93 17.26 -30.88
C ALA B 409 -2.69 17.82 -29.46
N MET B 410 -3.73 18.04 -28.66
CA MET B 410 -3.59 18.59 -27.29
C MET B 410 -3.81 17.49 -26.24
N THR B 411 -3.89 16.23 -26.65
CA THR B 411 -3.97 15.07 -25.71
C THR B 411 -2.57 14.48 -25.50
N TRP B 412 -2.24 14.20 -24.24
CA TRP B 412 -0.89 13.72 -23.80
C TRP B 412 -0.46 12.54 -24.66
N GLY B 413 0.80 12.54 -25.09
CA GLY B 413 1.56 11.34 -25.52
C GLY B 413 1.07 10.74 -26.83
N THR B 414 0.20 11.43 -27.53
CA THR B 414 -0.63 10.85 -28.60
C THR B 414 -0.20 11.38 -29.98
N GLU B 415 0.22 10.46 -30.85
CA GLU B 415 0.33 10.64 -32.33
C GLU B 415 -0.91 10.00 -32.99
N THR B 416 -1.48 10.63 -34.01
CA THR B 416 -2.71 10.15 -34.66
C THR B 416 -2.42 9.74 -36.10
N PHE B 417 -3.20 8.78 -36.62
CA PHE B 417 -3.10 8.20 -37.99
C PHE B 417 -4.46 8.17 -38.62
N ILE B 418 -4.62 8.86 -39.74
CA ILE B 418 -5.89 8.85 -40.52
C ILE B 418 -5.89 7.59 -41.39
N VAL B 419 -6.99 6.85 -41.39
CA VAL B 419 -7.18 5.61 -42.18
C VAL B 419 -8.59 5.62 -42.73
N PRO B 420 -8.83 4.90 -43.83
CA PRO B 420 -10.18 4.73 -44.34
C PRO B 420 -11.11 4.22 -43.24
N LYS B 421 -12.40 4.55 -43.31
CA LYS B 421 -13.46 4.00 -42.44
C LYS B 421 -13.56 2.51 -42.74
N MET B 422 -13.28 1.65 -41.76
CA MET B 422 -13.25 0.17 -41.91
C MET B 422 -14.62 -0.39 -41.52
N GLN B 423 -15.00 -1.55 -42.05
CA GLN B 423 -16.30 -2.21 -41.77
C GLN B 423 -16.09 -3.46 -40.92
N SER B 424 -14.84 -3.75 -40.50
CA SER B 424 -14.45 -4.96 -39.72
C SER B 424 -13.29 -4.65 -38.76
N THR B 425 -13.18 -5.40 -37.66
CA THR B 425 -12.04 -5.31 -36.70
C THR B 425 -10.76 -5.83 -37.39
N ASP B 426 -10.86 -6.92 -38.18
CA ASP B 426 -9.71 -7.51 -38.93
C ASP B 426 -9.17 -6.47 -39.91
N GLY B 427 -10.07 -5.65 -40.46
CA GLY B 427 -9.73 -4.53 -41.34
C GLY B 427 -8.90 -3.50 -40.62
N MET B 428 -9.33 -3.12 -39.41
CA MET B 428 -8.63 -2.13 -38.56
C MET B 428 -7.20 -2.62 -38.31
N ILE B 429 -7.01 -3.91 -38.06
CA ILE B 429 -5.69 -4.51 -37.75
C ILE B 429 -4.80 -4.53 -39.00
N ARG B 430 -5.36 -4.85 -40.17
CA ARG B 430 -4.65 -4.74 -41.48
C ARG B 430 -4.18 -3.28 -41.68
N GLN B 431 -5.07 -2.31 -41.44
CA GLN B 431 -4.79 -0.83 -41.50
C GLN B 431 -3.56 -0.51 -40.64
N VAL B 432 -3.57 -0.96 -39.39
CA VAL B 432 -2.47 -0.71 -38.41
C VAL B 432 -1.16 -1.16 -39.04
N ASP B 433 -1.09 -2.46 -39.38
CA ASP B 433 0.09 -3.10 -40.03
C ASP B 433 0.57 -2.21 -41.16
N LYS B 434 -0.35 -1.79 -42.04
CA LYS B 434 -0.04 -1.04 -43.28
C LYS B 434 0.56 0.32 -42.89
N SER B 435 -0.17 1.12 -42.10
CA SER B 435 0.26 2.48 -41.65
C SER B 435 1.62 2.38 -40.95
N LEU B 436 1.77 1.44 -40.03
CA LEU B 436 2.94 1.37 -39.13
C LEU B 436 4.16 0.91 -39.92
N LEU B 437 3.98 0.08 -40.92
CA LEU B 437 5.12 -0.53 -41.63
C LEU B 437 5.76 0.51 -42.55
N GLU B 438 5.05 1.61 -42.86
CA GLU B 438 5.58 2.74 -43.67
C GLU B 438 6.75 3.41 -42.93
N LEU B 439 6.62 3.57 -41.61
CA LEU B 439 7.66 4.15 -40.73
C LEU B 439 8.81 3.16 -40.59
N ALA B 440 10.06 3.63 -40.72
CA ALA B 440 11.29 2.86 -40.42
C ALA B 440 11.15 2.18 -39.05
N ARG B 441 10.70 2.95 -38.07
CA ARG B 441 10.69 2.64 -36.61
C ARG B 441 10.02 1.26 -36.34
N TYR B 442 8.92 0.94 -37.03
CA TYR B 442 8.19 -0.34 -36.86
C TYR B 442 8.62 -1.33 -37.96
N LYS B 443 8.77 -2.60 -37.58
CA LYS B 443 9.17 -3.73 -38.48
C LYS B 443 8.18 -4.88 -38.28
N ARG B 444 8.14 -5.81 -39.23
CA ARG B 444 7.35 -7.07 -39.13
C ARG B 444 7.86 -7.88 -37.93
N GLY B 445 6.95 -8.41 -37.12
CA GLY B 445 7.28 -9.18 -35.91
C GLY B 445 7.06 -8.38 -34.65
N ASP B 446 7.37 -7.07 -34.67
CA ASP B 446 7.19 -6.14 -33.51
C ASP B 446 5.79 -6.34 -32.92
N LEU B 447 5.68 -6.49 -31.60
CA LEU B 447 4.35 -6.69 -30.99
C LEU B 447 3.79 -5.35 -30.55
N VAL B 448 2.49 -5.19 -30.80
CA VAL B 448 1.69 -4.00 -30.43
C VAL B 448 0.36 -4.47 -29.91
N VAL B 449 -0.25 -3.67 -29.05
CA VAL B 449 -1.57 -3.94 -28.44
C VAL B 449 -2.58 -3.00 -29.10
N ILE B 450 -3.65 -3.55 -29.63
CA ILE B 450 -4.65 -2.80 -30.42
C ILE B 450 -5.99 -2.83 -29.70
N VAL B 451 -6.56 -1.64 -29.50
CA VAL B 451 -7.92 -1.44 -28.92
C VAL B 451 -8.86 -1.07 -30.06
N ALA B 452 -10.02 -1.70 -30.10
CA ALA B 452 -10.98 -1.51 -31.20
C ALA B 452 -12.40 -1.78 -30.71
N GLY B 453 -13.36 -1.63 -31.62
CA GLY B 453 -14.79 -1.72 -31.31
C GLY B 453 -15.59 -2.28 -32.47
N ALA B 454 -16.83 -2.63 -32.20
CA ALA B 454 -17.82 -3.09 -33.16
C ALA B 454 -19.21 -2.86 -32.57
N PRO B 455 -20.20 -2.40 -33.37
CA PRO B 455 -19.99 -2.19 -34.81
C PRO B 455 -19.10 -0.97 -35.12
N PRO B 456 -18.18 -1.09 -36.09
CA PRO B 456 -17.18 -0.05 -36.34
C PRO B 456 -17.86 1.27 -36.68
N GLY B 457 -17.12 2.37 -36.55
CA GLY B 457 -17.61 3.75 -36.79
C GLY B 457 -18.80 4.09 -35.90
N THR B 458 -18.83 3.57 -34.68
CA THR B 458 -19.84 3.87 -33.64
C THR B 458 -19.10 4.33 -32.37
N VAL B 459 -19.47 5.48 -31.81
CA VAL B 459 -18.78 6.05 -30.61
C VAL B 459 -19.23 5.25 -29.39
N GLY B 460 -18.28 4.90 -28.51
CA GLY B 460 -18.53 4.14 -27.27
C GLY B 460 -18.74 2.66 -27.55
N SER B 461 -18.39 2.21 -28.76
CA SER B 461 -18.57 0.81 -29.20
C SER B 461 -17.34 0.00 -28.80
N THR B 462 -16.22 0.68 -28.53
CA THR B 462 -14.91 0.06 -28.15
C THR B 462 -15.16 -1.10 -27.18
N ASN B 463 -14.70 -2.33 -27.53
CA ASN B 463 -15.04 -3.56 -26.76
C ASN B 463 -14.00 -4.69 -26.99
N LEU B 464 -12.79 -4.39 -27.42
CA LEU B 464 -11.87 -5.43 -27.90
C LEU B 464 -10.41 -5.00 -27.68
N ILE B 465 -9.57 -5.90 -27.19
CA ILE B 465 -8.08 -5.73 -27.16
C ILE B 465 -7.46 -6.89 -27.89
N HIS B 466 -6.49 -6.62 -28.75
CA HIS B 466 -5.81 -7.63 -29.56
C HIS B 466 -4.31 -7.46 -29.44
N VAL B 467 -3.60 -8.45 -28.93
CA VAL B 467 -2.12 -8.45 -28.92
C VAL B 467 -1.64 -9.00 -30.23
N HIS B 468 -1.06 -8.14 -31.07
CA HIS B 468 -0.72 -8.45 -32.47
C HIS B 468 0.78 -8.23 -32.73
N ARG B 469 1.40 -9.20 -33.39
CA ARG B 469 2.74 -9.04 -33.99
C ARG B 469 2.53 -8.46 -35.39
N ILE B 470 3.31 -7.46 -35.78
CA ILE B 470 3.11 -6.76 -37.08
C ILE B 470 3.39 -7.74 -38.21
N GLY B 471 2.39 -8.00 -39.05
CA GLY B 471 2.52 -8.74 -40.32
C GLY B 471 2.29 -10.24 -40.15
N GLU B 472 2.11 -10.71 -38.90
CA GLU B 472 1.95 -12.15 -38.58
C GLU B 472 0.47 -12.51 -38.65
N ASP B 473 0.17 -13.81 -38.74
CA ASP B 473 -1.17 -14.35 -39.08
C ASP B 473 -1.90 -14.72 -37.79
N ASP B 474 -2.20 -13.75 -36.92
CA ASP B 474 -2.65 -14.01 -35.52
C ASP B 474 -4.00 -13.32 -35.24
N VAL B 475 -4.88 -13.21 -36.24
CA VAL B 475 -6.13 -12.39 -36.15
C VAL B 475 -7.35 -13.31 -36.10
N THR C 5 11.54 -19.41 23.16
CA THR C 5 10.39 -19.99 23.82
C THR C 5 9.08 -19.37 23.28
N ARG C 6 7.97 -19.99 23.63
CA ARG C 6 6.67 -19.83 22.97
C ARG C 6 6.00 -18.53 23.43
N ARG C 7 5.21 -17.93 22.54
CA ARG C 7 4.47 -16.66 22.79
C ARG C 7 2.98 -16.96 23.06
N GLY C 8 2.32 -17.73 22.17
CA GLY C 8 0.90 -18.10 22.32
C GLY C 8 0.64 -18.91 23.59
N LYS C 9 -0.43 -18.60 24.31
CA LYS C 9 -0.73 -19.19 25.63
C LYS C 9 -1.62 -20.42 25.48
N ILE C 10 -1.45 -21.40 26.37
CA ILE C 10 -2.15 -22.72 26.37
C ILE C 10 -3.03 -22.83 27.62
N VAL C 11 -4.34 -22.97 27.41
CA VAL C 11 -5.35 -23.22 28.48
C VAL C 11 -5.64 -24.72 28.53
N CYS C 12 -5.52 -25.35 29.70
CA CYS C 12 -5.87 -26.77 29.93
C CYS C 12 -7.06 -26.88 30.86
N THR C 13 -7.90 -27.88 30.64
CA THR C 13 -9.06 -28.18 31.47
C THR C 13 -8.70 -29.34 32.40
N LEU C 14 -8.97 -29.17 33.70
CA LEU C 14 -8.73 -30.16 34.76
C LEU C 14 -9.95 -31.06 34.87
N GLY C 15 -9.72 -32.33 35.12
CA GLY C 15 -10.74 -33.34 35.40
C GLY C 15 -10.10 -34.67 35.79
N PRO C 16 -10.85 -35.79 35.74
CA PRO C 16 -10.33 -37.09 36.16
C PRO C 16 -8.88 -37.37 35.77
N ALA C 17 -8.47 -37.06 34.53
CA ALA C 17 -7.16 -37.42 33.97
C ALA C 17 -6.05 -36.55 34.56
N THR C 18 -6.39 -35.40 35.13
CA THR C 18 -5.43 -34.48 35.83
C THR C 18 -5.69 -34.48 37.35
N GLN C 19 -5.92 -35.65 37.91
CA GLN C 19 -6.12 -35.83 39.38
C GLN C 19 -5.06 -36.80 39.89
N ARG C 20 -4.55 -37.65 39.01
CA ARG C 20 -3.44 -38.60 39.25
C ARG C 20 -2.24 -37.82 39.80
N ASP C 21 -1.45 -38.46 40.65
CA ASP C 21 -0.53 -37.75 41.57
C ASP C 21 0.44 -36.88 40.74
N ASP C 22 0.47 -35.59 41.06
CA ASP C 22 1.43 -34.62 40.51
C ASP C 22 1.29 -34.54 39.00
N LEU C 23 0.07 -34.69 38.48
CA LEU C 23 -0.16 -34.55 37.03
C LEU C 23 -0.40 -33.08 36.70
N VAL C 24 -1.05 -32.34 37.58
CA VAL C 24 -1.23 -30.87 37.42
C VAL C 24 0.16 -30.22 37.37
N ARG C 25 1.10 -30.73 38.17
CA ARG C 25 2.51 -30.30 38.17
C ARG C 25 3.10 -30.53 36.77
N ALA C 26 2.93 -31.75 36.23
CA ALA C 26 3.44 -32.17 34.91
C ALA C 26 2.90 -31.23 33.82
N LEU C 27 1.63 -30.82 33.92
CA LEU C 27 0.98 -29.93 32.92
C LEU C 27 1.67 -28.58 32.91
N VAL C 28 1.84 -27.99 34.08
CA VAL C 28 2.47 -26.66 34.27
C VAL C 28 3.89 -26.73 33.70
N GLU C 29 4.64 -27.80 34.01
CA GLU C 29 6.06 -27.99 33.59
C GLU C 29 6.12 -28.15 32.07
N ALA C 30 5.02 -28.59 31.46
CA ALA C 30 4.91 -28.86 30.00
C ALA C 30 4.40 -27.61 29.26
N GLY C 31 3.80 -26.66 29.99
CA GLY C 31 3.56 -25.29 29.48
C GLY C 31 2.14 -24.77 29.75
N MET C 32 1.32 -25.45 30.54
CA MET C 32 -0.04 -24.95 30.87
C MET C 32 0.05 -23.54 31.47
N ASP C 33 -0.58 -22.56 30.83
CA ASP C 33 -0.55 -21.15 31.26
C ASP C 33 -1.80 -20.85 32.08
N VAL C 34 -2.92 -21.45 31.70
CA VAL C 34 -4.21 -21.27 32.42
C VAL C 34 -4.81 -22.65 32.68
N ALA C 35 -5.34 -22.84 33.88
CA ALA C 35 -6.06 -24.05 34.30
C ALA C 35 -7.54 -23.73 34.36
N ARG C 36 -8.33 -24.37 33.48
CA ARG C 36 -9.81 -24.25 33.46
C ARG C 36 -10.40 -25.26 34.44
N MET C 37 -11.16 -24.75 35.39
CA MET C 37 -12.02 -25.54 36.30
C MET C 37 -13.43 -25.52 35.72
N ASN C 38 -13.90 -26.65 35.23
CA ASN C 38 -15.21 -26.74 34.55
C ASN C 38 -16.24 -27.17 35.59
N PHE C 39 -17.12 -26.25 35.99
CA PHE C 39 -18.09 -26.44 37.08
C PHE C 39 -19.34 -27.19 36.59
N SER C 40 -19.34 -27.64 35.34
CA SER C 40 -20.32 -28.61 34.80
C SER C 40 -20.14 -29.97 35.48
N HIS C 41 -18.92 -30.28 35.88
CA HIS C 41 -18.50 -31.60 36.41
C HIS C 41 -17.79 -31.42 37.75
N GLY C 42 -17.72 -32.48 38.55
CA GLY C 42 -16.90 -32.55 39.76
C GLY C 42 -17.61 -31.98 40.97
N ASP C 43 -17.06 -32.27 42.13
CA ASP C 43 -17.51 -31.84 43.48
C ASP C 43 -16.60 -30.68 43.91
N TYR C 44 -17.01 -29.87 44.87
CA TYR C 44 -16.21 -28.75 45.41
C TYR C 44 -14.87 -29.26 46.02
N ASP C 45 -14.86 -30.48 46.57
CA ASP C 45 -13.63 -31.16 47.04
C ASP C 45 -12.68 -31.31 45.85
N ASP C 46 -13.19 -31.81 44.73
CA ASP C 46 -12.41 -32.08 43.49
C ASP C 46 -11.78 -30.75 43.00
N HIS C 47 -12.56 -29.67 43.01
CA HIS C 47 -12.13 -28.33 42.55
C HIS C 47 -11.04 -27.80 43.48
N LYS C 48 -11.33 -27.72 44.78
CA LYS C 48 -10.37 -27.29 45.82
C LYS C 48 -9.04 -28.03 45.60
N VAL C 49 -9.06 -29.36 45.60
CA VAL C 49 -7.83 -30.20 45.48
C VAL C 49 -7.07 -29.81 44.20
N ALA C 50 -7.78 -29.52 43.12
CA ALA C 50 -7.21 -29.19 41.79
C ALA C 50 -6.57 -27.79 41.85
N TYR C 51 -7.32 -26.81 42.35
CA TYR C 51 -6.88 -25.40 42.57
C TYR C 51 -5.64 -25.35 43.46
N GLU C 52 -5.62 -26.13 44.53
CA GLU C 52 -4.42 -26.31 45.40
C GLU C 52 -3.23 -26.74 44.53
N ARG C 53 -3.41 -27.81 43.77
CA ARG C 53 -2.35 -28.46 42.97
C ARG C 53 -1.76 -27.45 41.96
N VAL C 54 -2.59 -26.51 41.48
CA VAL C 54 -2.18 -25.49 40.48
C VAL C 54 -1.33 -24.41 41.18
N ARG C 55 -1.79 -23.89 42.31
CA ARG C 55 -1.07 -22.87 43.12
C ARG C 55 0.30 -23.40 43.50
N VAL C 56 0.39 -24.66 43.90
CA VAL C 56 1.67 -25.30 44.35
C VAL C 56 2.61 -25.35 43.16
N ALA C 57 2.14 -25.94 42.07
CA ALA C 57 2.89 -26.09 40.80
C ALA C 57 3.35 -24.71 40.30
N SER C 58 2.45 -23.73 40.27
CA SER C 58 2.76 -22.33 39.86
C SER C 58 3.88 -21.77 40.73
N ASP C 59 3.74 -21.90 42.05
CA ASP C 59 4.70 -21.31 43.03
C ASP C 59 5.99 -22.13 43.04
N ALA C 60 5.92 -23.45 42.86
CA ALA C 60 7.08 -24.37 42.91
C ALA C 60 7.93 -24.20 41.64
N THR C 61 7.32 -23.89 40.50
CA THR C 61 8.02 -23.78 39.16
C THR C 61 8.35 -22.31 38.87
N GLY C 62 7.63 -21.40 39.50
CA GLY C 62 7.69 -19.96 39.22
C GLY C 62 7.11 -19.63 37.86
N ARG C 63 6.38 -20.59 37.25
CA ARG C 63 5.53 -20.34 36.06
C ARG C 63 4.20 -19.76 36.53
N ALA C 64 3.87 -18.58 36.05
CA ALA C 64 2.52 -18.00 36.16
C ALA C 64 1.52 -19.06 35.69
N VAL C 65 0.47 -19.29 36.46
CA VAL C 65 -0.68 -20.10 36.01
C VAL C 65 -1.96 -19.46 36.53
N GLY C 66 -2.71 -18.83 35.63
CA GLY C 66 -4.09 -18.37 35.88
C GLY C 66 -5.00 -19.54 36.17
N VAL C 67 -5.98 -19.34 37.03
CA VAL C 67 -7.05 -20.32 37.29
C VAL C 67 -8.36 -19.73 36.81
N LEU C 68 -8.99 -20.41 35.85
CA LEU C 68 -10.24 -19.96 35.18
C LEU C 68 -11.41 -20.80 35.69
N ALA C 69 -12.38 -20.17 36.35
CA ALA C 69 -13.64 -20.81 36.78
C ALA C 69 -14.65 -20.69 35.64
N ASP C 70 -14.95 -21.81 35.00
CA ASP C 70 -15.95 -21.88 33.91
C ASP C 70 -17.30 -22.25 34.51
N LEU C 71 -18.26 -21.32 34.42
CA LEU C 71 -19.64 -21.49 34.95
C LEU C 71 -20.54 -22.14 33.88
N GLN C 72 -21.27 -23.20 34.27
CA GLN C 72 -22.06 -24.07 33.35
C GLN C 72 -23.04 -23.21 32.54
N GLY C 73 -23.56 -22.12 33.11
CA GLY C 73 -24.60 -21.28 32.48
C GLY C 73 -25.94 -22.01 32.37
N PRO C 74 -26.94 -21.45 31.65
CA PRO C 74 -28.22 -22.11 31.42
C PRO C 74 -28.12 -23.22 30.37
N LYS C 75 -27.32 -24.23 30.67
CA LYS C 75 -27.15 -25.46 29.86
C LYS C 75 -28.42 -26.29 30.02
N ILE C 76 -28.98 -26.76 28.92
CA ILE C 76 -30.13 -27.69 28.94
C ILE C 76 -29.61 -29.13 28.91
N ARG C 77 -30.18 -29.97 29.76
CA ARG C 77 -29.69 -31.34 30.05
C ARG C 77 -30.90 -32.29 30.12
N LEU C 78 -30.68 -33.57 29.78
CA LEU C 78 -31.66 -34.67 30.01
C LEU C 78 -31.69 -35.01 31.50
N GLY C 79 -32.78 -35.63 31.95
CA GLY C 79 -32.99 -36.07 33.34
C GLY C 79 -32.18 -37.31 33.64
N ARG C 80 -32.65 -38.12 34.60
CA ARG C 80 -32.05 -39.43 34.97
C ARG C 80 -32.86 -40.54 34.29
N PHE C 81 -32.17 -41.60 33.83
CA PHE C 81 -32.77 -42.87 33.33
C PHE C 81 -32.78 -43.90 34.46
N ALA C 82 -33.84 -44.70 34.55
CA ALA C 82 -33.97 -45.85 35.46
C ALA C 82 -32.70 -46.72 35.37
N SER C 83 -32.05 -46.74 34.19
CA SER C 83 -30.91 -47.65 33.83
C SER C 83 -29.57 -46.93 33.98
N GLY C 84 -29.60 -45.63 34.20
CA GLY C 84 -28.41 -44.78 34.14
C GLY C 84 -28.05 -44.42 32.72
N ALA C 85 -28.17 -45.37 31.79
CA ALA C 85 -27.93 -45.16 30.35
C ALA C 85 -28.86 -46.06 29.52
N THR C 86 -29.30 -45.58 28.34
CA THR C 86 -30.06 -46.36 27.31
C THR C 86 -29.35 -46.20 25.95
N HIS C 87 -29.81 -46.94 24.93
CA HIS C 87 -29.40 -46.75 23.52
C HIS C 87 -30.58 -46.26 22.69
N TRP C 88 -30.42 -45.08 22.09
CA TRP C 88 -31.40 -44.44 21.20
C TRP C 88 -31.04 -44.77 19.74
N ALA C 89 -31.75 -45.75 19.15
CA ALA C 89 -31.49 -46.31 17.78
C ALA C 89 -32.29 -45.53 16.72
N GLU C 90 -31.60 -45.11 15.64
CA GLU C 90 -32.20 -44.48 14.43
C GLU C 90 -33.54 -45.16 14.13
N GLY C 91 -34.65 -44.43 14.27
CA GLY C 91 -35.99 -44.92 13.90
C GLY C 91 -36.94 -45.00 15.08
N GLU C 92 -36.42 -44.79 16.31
CA GLU C 92 -37.17 -44.97 17.58
C GLU C 92 -37.89 -43.69 17.95
N THR C 93 -39.03 -43.80 18.63
CA THR C 93 -39.79 -42.67 19.25
C THR C 93 -39.32 -42.45 20.68
N VAL C 94 -38.97 -41.20 21.03
CA VAL C 94 -38.54 -40.79 22.41
C VAL C 94 -39.40 -39.60 22.87
N ARG C 95 -39.95 -39.69 24.10
CA ARG C 95 -40.65 -38.58 24.83
C ARG C 95 -39.65 -37.90 25.79
N ILE C 96 -39.49 -36.58 25.69
CA ILE C 96 -38.68 -35.75 26.62
C ILE C 96 -39.64 -34.77 27.33
N THR C 97 -39.90 -34.99 28.63
CA THR C 97 -40.98 -34.28 29.37
C THR C 97 -40.38 -33.22 30.31
N VAL C 98 -41.14 -32.14 30.53
CA VAL C 98 -40.87 -31.08 31.55
C VAL C 98 -41.49 -31.51 32.89
N GLY C 99 -42.32 -32.56 32.87
CA GLY C 99 -42.84 -33.22 34.07
C GLY C 99 -41.73 -33.95 34.82
N ALA C 100 -41.87 -34.08 36.13
CA ALA C 100 -41.01 -34.91 36.99
C ALA C 100 -41.29 -36.38 36.66
N CYS C 101 -40.24 -37.15 36.42
CA CYS C 101 -40.25 -38.64 36.38
C CYS C 101 -38.81 -39.15 36.39
N GLU C 102 -38.61 -40.36 36.88
CA GLU C 102 -37.42 -41.19 36.58
C GLU C 102 -37.58 -41.68 35.15
N GLY C 103 -36.65 -41.31 34.29
CA GLY C 103 -36.72 -41.66 32.86
C GLY C 103 -36.64 -43.16 32.64
N SER C 104 -37.02 -43.59 31.46
CA SER C 104 -36.59 -44.84 30.83
C SER C 104 -36.29 -44.58 29.35
N HIS C 105 -36.13 -45.65 28.56
CA HIS C 105 -35.76 -45.58 27.12
C HIS C 105 -36.64 -44.59 26.38
N ASP C 106 -37.98 -44.65 26.52
CA ASP C 106 -38.92 -43.91 25.61
C ASP C 106 -39.48 -42.67 26.30
N ARG C 107 -39.22 -42.46 27.62
CA ARG C 107 -39.67 -41.23 28.34
C ARG C 107 -38.64 -40.81 29.40
N VAL C 108 -38.09 -39.60 29.24
CA VAL C 108 -37.05 -38.97 30.14
C VAL C 108 -37.42 -37.47 30.36
N SER C 109 -36.99 -36.90 31.47
CA SER C 109 -37.19 -35.47 31.78
C SER C 109 -36.00 -34.66 31.29
N THR C 110 -36.14 -33.35 31.32
CA THR C 110 -35.06 -32.38 31.07
C THR C 110 -35.10 -31.29 32.13
N THR C 111 -34.02 -30.52 32.26
CA THR C 111 -33.90 -29.39 33.21
C THR C 111 -34.76 -28.20 32.70
N TYR C 112 -34.82 -27.98 31.38
CA TYR C 112 -35.57 -26.84 30.77
C TYR C 112 -37.06 -27.07 30.95
N LYS C 113 -37.69 -26.27 31.81
CA LYS C 113 -39.11 -26.44 32.19
C LYS C 113 -40.01 -25.79 31.13
N ARG C 114 -39.42 -25.08 30.17
CA ARG C 114 -40.15 -24.33 29.14
C ARG C 114 -40.15 -25.13 27.83
N LEU C 115 -39.80 -26.43 27.86
CA LEU C 115 -39.58 -27.22 26.62
C LEU C 115 -40.92 -27.46 25.92
N ALA C 116 -41.90 -28.05 26.60
CA ALA C 116 -43.26 -28.21 26.09
C ALA C 116 -43.74 -26.89 25.49
N GLN C 117 -43.47 -25.79 26.18
CA GLN C 117 -44.03 -24.45 25.88
C GLN C 117 -43.31 -23.80 24.67
N ASP C 118 -42.09 -24.26 24.34
CA ASP C 118 -41.17 -23.52 23.40
C ASP C 118 -40.79 -24.39 22.19
N ALA C 119 -40.95 -25.72 22.28
CA ALA C 119 -40.59 -26.69 21.20
C ALA C 119 -41.81 -26.97 20.32
N VAL C 120 -41.67 -26.77 19.00
CA VAL C 120 -42.73 -27.06 17.99
C VAL C 120 -42.20 -28.14 17.04
N ALA C 121 -43.11 -28.97 16.50
CA ALA C 121 -42.79 -30.06 15.54
C ALA C 121 -41.87 -29.52 14.45
N GLY C 122 -40.90 -30.33 14.05
CA GLY C 122 -39.87 -29.95 13.06
C GLY C 122 -38.60 -29.42 13.73
N ASP C 123 -38.66 -29.07 15.02
CA ASP C 123 -37.49 -28.60 15.79
C ASP C 123 -36.50 -29.76 15.92
N ARG C 124 -35.21 -29.47 15.81
CA ARG C 124 -34.12 -30.47 15.88
C ARG C 124 -33.51 -30.46 17.28
N VAL C 125 -33.01 -31.61 17.73
CA VAL C 125 -32.39 -31.83 19.07
C VAL C 125 -31.05 -32.53 18.87
N LEU C 126 -29.94 -31.82 19.09
CA LEU C 126 -28.58 -32.43 19.13
C LEU C 126 -28.22 -32.77 20.57
N VAL C 127 -27.70 -33.98 20.79
CA VAL C 127 -27.26 -34.50 22.10
C VAL C 127 -25.73 -34.57 22.09
N ASP C 128 -25.08 -34.34 23.23
CA ASP C 128 -23.64 -34.62 23.42
C ASP C 128 -22.85 -33.93 22.28
N ASP C 129 -23.18 -32.65 22.00
CA ASP C 129 -22.50 -31.76 20.99
C ASP C 129 -22.60 -32.36 19.56
N GLY C 130 -23.68 -33.15 19.25
CA GLY C 130 -24.14 -33.42 17.85
C GLY C 130 -24.36 -34.92 17.51
N LYS C 131 -23.83 -35.85 18.31
CA LYS C 131 -23.65 -37.30 17.96
C LYS C 131 -25.01 -37.98 17.76
N VAL C 132 -25.97 -37.77 18.67
CA VAL C 132 -27.35 -38.31 18.59
C VAL C 132 -28.30 -37.14 18.28
N ALA C 133 -29.05 -37.25 17.18
CA ALA C 133 -29.93 -36.18 16.63
C ALA C 133 -31.36 -36.67 16.58
N LEU C 134 -32.30 -35.88 17.08
CA LEU C 134 -33.75 -36.16 17.02
C LEU C 134 -34.43 -35.05 16.25
N VAL C 135 -35.66 -35.30 15.81
CA VAL C 135 -36.59 -34.27 15.32
C VAL C 135 -37.88 -34.37 16.13
N VAL C 136 -38.44 -33.22 16.51
CA VAL C 136 -39.70 -33.08 17.27
C VAL C 136 -40.89 -33.44 16.35
N ASP C 137 -41.62 -34.49 16.70
CA ASP C 137 -42.88 -34.92 16.03
C ASP C 137 -44.06 -34.14 16.64
N ALA C 138 -44.33 -34.29 17.96
CA ALA C 138 -45.48 -33.67 18.65
C ALA C 138 -45.11 -33.20 20.08
N VAL C 139 -45.82 -32.16 20.55
CA VAL C 139 -45.91 -31.70 21.98
C VAL C 139 -47.30 -32.04 22.53
N GLU C 140 -47.43 -33.09 23.34
CA GLU C 140 -48.73 -33.49 23.98
C GLU C 140 -48.73 -33.08 25.47
N GLY C 141 -49.47 -32.01 25.82
CA GLY C 141 -49.51 -31.45 27.18
C GLY C 141 -48.10 -31.13 27.65
N ASP C 142 -47.50 -31.99 28.50
CA ASP C 142 -46.16 -31.79 29.14
C ASP C 142 -45.03 -32.54 28.37
N ASP C 143 -45.35 -33.43 27.42
CA ASP C 143 -44.34 -34.32 26.76
C ASP C 143 -43.96 -33.78 25.36
N VAL C 144 -42.71 -34.01 24.94
CA VAL C 144 -42.19 -33.65 23.59
C VAL C 144 -41.79 -34.92 22.88
N VAL C 145 -42.62 -35.39 21.96
CA VAL C 145 -42.43 -36.67 21.21
C VAL C 145 -41.46 -36.39 20.07
N CYS C 146 -40.39 -37.18 19.96
CA CYS C 146 -39.29 -36.98 18.99
C CYS C 146 -39.01 -38.30 18.28
N THR C 147 -38.43 -38.25 17.09
CA THR C 147 -37.92 -39.41 16.34
C THR C 147 -36.42 -39.30 16.26
N VAL C 148 -35.71 -40.32 16.71
CA VAL C 148 -34.25 -40.44 16.55
C VAL C 148 -33.94 -40.50 15.05
N VAL C 149 -33.17 -39.55 14.54
CA VAL C 149 -32.81 -39.41 13.11
C VAL C 149 -31.35 -39.82 12.94
N GLU C 150 -30.53 -39.58 13.95
CA GLU C 150 -29.17 -40.18 14.08
C GLU C 150 -29.09 -40.87 15.44
N GLY C 151 -28.71 -42.15 15.46
CA GLY C 151 -28.80 -43.03 16.64
C GLY C 151 -27.50 -43.09 17.40
N GLY C 152 -27.58 -43.49 18.67
CA GLY C 152 -26.40 -43.57 19.57
C GLY C 152 -26.79 -43.72 21.05
N PRO C 153 -25.77 -43.70 21.96
CA PRO C 153 -26.00 -43.83 23.41
C PRO C 153 -26.26 -42.47 24.11
N VAL C 154 -27.22 -42.46 25.04
CA VAL C 154 -27.49 -41.33 25.98
C VAL C 154 -27.49 -41.87 27.42
N SER C 155 -27.06 -41.02 28.36
CA SER C 155 -26.86 -41.35 29.79
C SER C 155 -27.56 -40.29 30.64
N ASP C 156 -27.52 -40.43 31.97
CA ASP C 156 -28.06 -39.44 32.93
C ASP C 156 -27.46 -38.06 32.60
N ASN C 157 -28.30 -37.04 32.53
CA ASN C 157 -27.88 -35.61 32.62
C ASN C 157 -27.04 -35.24 31.40
N LYS C 158 -27.13 -35.99 30.30
CA LYS C 158 -26.44 -35.64 29.02
C LYS C 158 -27.05 -34.32 28.49
N GLY C 159 -26.18 -33.46 27.96
CA GLY C 159 -26.54 -32.13 27.49
C GLY C 159 -27.17 -32.20 26.12
N ILE C 160 -28.11 -31.31 25.85
CA ILE C 160 -28.78 -31.21 24.53
C ILE C 160 -28.73 -29.78 24.05
N SER C 161 -29.00 -29.59 22.77
CA SER C 161 -29.09 -28.28 22.10
C SER C 161 -30.31 -28.26 21.17
N LEU C 162 -31.11 -27.19 21.26
CA LEU C 162 -32.30 -26.95 20.40
C LEU C 162 -32.03 -25.77 19.46
N PRO C 163 -31.22 -25.95 18.39
CA PRO C 163 -30.74 -24.83 17.59
C PRO C 163 -31.90 -23.99 17.09
N GLY C 164 -31.83 -22.67 17.29
CA GLY C 164 -32.75 -21.69 16.69
C GLY C 164 -34.02 -21.55 17.52
N MET C 165 -34.32 -22.52 18.37
CA MET C 165 -35.38 -22.41 19.41
C MET C 165 -34.98 -21.31 20.39
N ASN C 166 -35.89 -20.38 20.67
CA ASN C 166 -35.63 -19.24 21.57
C ASN C 166 -35.73 -19.73 23.01
N VAL C 167 -34.62 -19.72 23.73
CA VAL C 167 -34.53 -20.26 25.11
C VAL C 167 -34.62 -19.10 26.09
N THR C 168 -35.65 -19.08 26.94
CA THR C 168 -35.74 -18.16 28.11
C THR C 168 -35.10 -18.85 29.31
N ALA C 169 -34.00 -18.30 29.83
CA ALA C 169 -33.29 -18.82 31.01
C ALA C 169 -32.35 -17.77 31.53
N PRO C 170 -32.32 -17.54 32.85
CA PRO C 170 -31.43 -16.52 33.41
C PRO C 170 -29.96 -16.77 33.05
N ALA C 171 -29.21 -15.69 32.78
CA ALA C 171 -27.79 -15.69 32.36
C ALA C 171 -26.97 -16.45 33.40
N LEU C 172 -27.29 -16.23 34.69
CA LEU C 172 -26.75 -16.99 35.85
C LEU C 172 -27.88 -17.81 36.47
N SER C 173 -27.73 -19.15 36.48
CA SER C 173 -28.60 -20.09 37.23
C SER C 173 -28.26 -20.01 38.71
N GLU C 174 -29.16 -20.45 39.57
CA GLU C 174 -28.92 -20.49 41.03
C GLU C 174 -27.61 -21.27 41.29
N LYS C 175 -27.38 -22.35 40.55
CA LYS C 175 -26.17 -23.22 40.71
C LYS C 175 -24.91 -22.43 40.35
N ASP C 176 -24.98 -21.61 39.30
CA ASP C 176 -23.86 -20.77 38.81
C ASP C 176 -23.45 -19.77 39.90
N ILE C 177 -24.43 -19.14 40.56
CA ILE C 177 -24.22 -18.11 41.60
C ILE C 177 -23.43 -18.73 42.76
N GLU C 178 -23.75 -19.97 43.14
CA GLU C 178 -23.06 -20.71 44.22
C GLU C 178 -21.66 -21.13 43.76
N ASP C 179 -21.53 -21.51 42.50
CA ASP C 179 -20.21 -21.90 41.91
C ASP C 179 -19.33 -20.65 41.83
N LEU C 180 -19.94 -19.51 41.52
CA LEU C 180 -19.23 -18.23 41.39
C LEU C 180 -18.75 -17.80 42.78
N THR C 181 -19.65 -17.80 43.78
CA THR C 181 -19.33 -17.54 45.20
C THR C 181 -18.15 -18.43 45.62
N PHE C 182 -18.28 -19.75 45.43
CA PHE C 182 -17.28 -20.76 45.87
C PHE C 182 -15.94 -20.41 45.28
N ALA C 183 -15.95 -20.02 44.01
CA ALA C 183 -14.75 -19.81 43.14
C ALA C 183 -14.03 -18.52 43.54
N LEU C 184 -14.80 -17.45 43.81
CA LEU C 184 -14.28 -16.13 44.29
C LEU C 184 -13.60 -16.32 45.66
N ASN C 185 -14.21 -17.08 46.57
CA ASN C 185 -13.65 -17.35 47.93
C ASN C 185 -12.43 -18.25 47.81
N LEU C 186 -12.42 -19.17 46.86
CA LEU C 186 -11.33 -20.16 46.68
C LEU C 186 -10.06 -19.41 46.20
N GLY C 187 -10.23 -18.33 45.42
CA GLY C 187 -9.15 -17.42 44.96
C GLY C 187 -8.86 -17.51 43.45
N VAL C 188 -9.81 -17.99 42.63
CA VAL C 188 -9.66 -18.06 41.14
C VAL C 188 -9.36 -16.66 40.62
N ASP C 189 -8.70 -16.57 39.48
CA ASP C 189 -8.12 -15.33 38.94
C ASP C 189 -9.06 -14.76 37.88
N MET C 190 -9.86 -15.60 37.23
CA MET C 190 -10.81 -15.19 36.15
C MET C 190 -12.05 -16.07 36.19
N VAL C 191 -13.14 -15.57 35.64
CA VAL C 191 -14.45 -16.29 35.58
C VAL C 191 -14.93 -16.30 34.13
N ALA C 192 -15.36 -17.46 33.63
CA ALA C 192 -15.91 -17.64 32.27
C ALA C 192 -17.39 -17.94 32.38
N LEU C 193 -18.22 -17.24 31.63
CA LEU C 193 -19.68 -17.45 31.63
C LEU C 193 -20.13 -18.11 30.33
N SER C 194 -20.74 -19.29 30.43
CA SER C 194 -21.32 -20.04 29.30
C SER C 194 -22.59 -19.34 28.80
N PHE C 195 -22.79 -19.37 27.48
CA PHE C 195 -24.05 -19.05 26.79
C PHE C 195 -24.39 -17.59 27.00
N VAL C 196 -23.40 -16.72 26.98
CA VAL C 196 -23.63 -15.24 26.94
C VAL C 196 -24.41 -14.94 25.68
N ARG C 197 -25.40 -14.04 25.75
CA ARG C 197 -26.18 -13.61 24.56
C ARG C 197 -26.54 -12.11 24.62
N SER C 198 -26.02 -11.39 25.60
CA SER C 198 -26.24 -9.93 25.74
C SER C 198 -25.05 -9.30 26.44
N PRO C 199 -24.72 -8.03 26.14
CA PRO C 199 -23.66 -7.32 26.86
C PRO C 199 -23.99 -7.10 28.35
N ALA C 200 -25.27 -7.12 28.71
CA ALA C 200 -25.78 -6.84 30.08
C ALA C 200 -25.58 -8.06 30.98
N ASP C 201 -25.25 -9.22 30.39
CA ASP C 201 -25.08 -10.50 31.14
C ASP C 201 -23.94 -10.32 32.15
N VAL C 202 -23.01 -9.40 31.88
CA VAL C 202 -21.83 -9.14 32.74
C VAL C 202 -22.27 -8.36 33.99
N GLU C 203 -23.32 -7.54 33.89
CA GLU C 203 -23.89 -6.77 35.02
C GLU C 203 -24.30 -7.74 36.14
N LEU C 204 -24.92 -8.85 35.81
CA LEU C 204 -25.43 -9.88 36.78
C LEU C 204 -24.24 -10.60 37.44
N VAL C 205 -23.19 -10.89 36.68
CA VAL C 205 -21.93 -11.49 37.22
C VAL C 205 -21.35 -10.50 38.23
N HIS C 206 -21.22 -9.24 37.83
CA HIS C 206 -20.64 -8.13 38.63
C HIS C 206 -21.43 -7.98 39.94
N GLU C 207 -22.76 -7.94 39.84
CA GLU C 207 -23.71 -7.84 41.00
C GLU C 207 -23.27 -8.83 42.08
N VAL C 208 -23.08 -10.09 41.72
CA VAL C 208 -22.70 -11.20 42.66
C VAL C 208 -21.31 -10.90 43.23
N MET C 209 -20.38 -10.52 42.36
CA MET C 209 -18.99 -10.18 42.73
C MET C 209 -19.01 -9.06 43.78
N ASP C 210 -19.88 -8.06 43.61
CA ASP C 210 -19.95 -6.88 44.50
C ASP C 210 -20.50 -7.31 45.89
N ARG C 211 -21.59 -8.08 45.93
CA ARG C 211 -22.11 -8.74 47.17
C ARG C 211 -20.93 -9.38 47.93
N ILE C 212 -20.16 -10.24 47.27
CA ILE C 212 -19.03 -11.02 47.88
C ILE C 212 -17.81 -10.10 48.11
N GLY C 213 -17.81 -8.91 47.51
CA GLY C 213 -16.72 -7.92 47.63
C GLY C 213 -15.43 -8.44 47.00
N ARG C 214 -15.52 -9.06 45.82
CA ARG C 214 -14.34 -9.51 45.02
C ARG C 214 -14.73 -9.61 43.54
N ARG C 215 -14.10 -8.78 42.70
CA ARG C 215 -14.22 -8.79 41.21
C ARG C 215 -12.98 -9.45 40.61
N VAL C 216 -13.18 -10.34 39.65
CA VAL C 216 -12.11 -10.85 38.75
C VAL C 216 -12.55 -10.60 37.29
N PRO C 217 -11.60 -10.62 36.33
CA PRO C 217 -11.95 -10.53 34.92
C PRO C 217 -12.97 -11.60 34.46
N VAL C 218 -14.01 -11.17 33.72
CA VAL C 218 -15.16 -12.00 33.29
C VAL C 218 -15.01 -12.31 31.81
N ILE C 219 -14.85 -13.57 31.47
CA ILE C 219 -14.73 -14.06 30.07
C ILE C 219 -16.12 -14.41 29.55
N ALA C 220 -16.54 -13.73 28.48
CA ALA C 220 -17.73 -14.11 27.69
C ALA C 220 -17.37 -15.29 26.78
N LYS C 221 -17.99 -16.44 27.00
CA LYS C 221 -17.92 -17.60 26.10
C LYS C 221 -18.94 -17.41 24.96
N LEU C 222 -18.45 -17.38 23.73
CA LEU C 222 -19.24 -17.16 22.50
C LEU C 222 -19.71 -18.51 21.96
N GLU C 223 -20.98 -18.81 22.09
CA GLU C 223 -21.53 -20.12 21.65
C GLU C 223 -23.03 -20.01 21.37
N LYS C 224 -23.50 -18.80 21.02
CA LYS C 224 -24.93 -18.52 20.73
C LYS C 224 -25.02 -17.50 19.61
N PRO C 225 -26.00 -17.61 18.68
CA PRO C 225 -26.20 -16.58 17.66
C PRO C 225 -26.29 -15.17 18.26
N GLU C 226 -27.05 -15.00 19.36
CA GLU C 226 -27.27 -13.66 19.99
C GLU C 226 -25.89 -13.07 20.35
N ALA C 227 -24.93 -13.91 20.73
CA ALA C 227 -23.55 -13.50 21.11
C ALA C 227 -22.84 -12.88 19.89
N ILE C 228 -22.90 -13.55 18.75
CA ILE C 228 -22.19 -13.14 17.52
C ILE C 228 -22.89 -11.91 16.94
N ASP C 229 -24.22 -11.88 17.01
CA ASP C 229 -25.04 -10.72 16.57
C ASP C 229 -24.62 -9.48 17.37
N ASN C 230 -24.16 -9.68 18.62
CA ASN C 230 -23.80 -8.57 19.56
C ASN C 230 -22.30 -8.65 19.89
N LEU C 231 -21.49 -9.17 18.99
CA LEU C 231 -20.08 -9.48 19.29
C LEU C 231 -19.38 -8.24 19.85
N GLU C 232 -19.55 -7.09 19.19
CA GLU C 232 -18.79 -5.86 19.51
C GLU C 232 -19.14 -5.41 20.93
N ALA C 233 -20.43 -5.23 21.21
CA ALA C 233 -20.95 -4.74 22.50
C ALA C 233 -20.44 -5.64 23.63
N ILE C 234 -20.50 -6.97 23.41
CA ILE C 234 -20.09 -8.01 24.39
C ILE C 234 -18.59 -7.88 24.65
N VAL C 235 -17.77 -7.80 23.59
CA VAL C 235 -16.28 -7.69 23.69
C VAL C 235 -15.92 -6.42 24.50
N LEU C 236 -16.76 -5.40 24.48
CA LEU C 236 -16.51 -4.10 25.16
C LEU C 236 -16.96 -4.17 26.62
N ALA C 237 -18.06 -4.86 26.92
CA ALA C 237 -18.65 -4.97 28.28
C ALA C 237 -17.87 -6.01 29.10
N PHE C 238 -17.40 -7.07 28.46
CA PHE C 238 -16.65 -8.19 29.10
C PHE C 238 -15.15 -7.91 29.00
N ASP C 239 -14.34 -8.64 29.76
CA ASP C 239 -12.88 -8.39 29.91
C ASP C 239 -12.10 -9.31 28.96
N ALA C 240 -12.69 -10.42 28.56
CA ALA C 240 -12.13 -11.31 27.54
C ALA C 240 -13.26 -12.07 26.85
N VAL C 241 -12.93 -12.81 25.79
CA VAL C 241 -13.89 -13.69 25.11
C VAL C 241 -13.23 -15.02 24.81
N MET C 242 -14.03 -16.08 24.84
CA MET C 242 -13.69 -17.45 24.41
C MET C 242 -14.59 -17.82 23.22
N VAL C 243 -13.99 -18.21 22.10
CA VAL C 243 -14.71 -18.85 20.97
C VAL C 243 -14.93 -20.30 21.37
N ALA C 244 -16.12 -20.58 21.88
CA ALA C 244 -16.51 -21.89 22.45
C ALA C 244 -17.17 -22.74 21.36
N ARG C 245 -16.36 -23.44 20.58
CA ARG C 245 -16.69 -23.91 19.22
C ARG C 245 -17.58 -25.16 19.27
N GLY C 246 -17.48 -25.95 20.34
CA GLY C 246 -18.37 -27.09 20.62
C GLY C 246 -19.83 -26.69 20.51
N ASP C 247 -20.31 -25.83 21.41
CA ASP C 247 -21.74 -25.42 21.45
C ASP C 247 -22.01 -24.46 20.28
N LEU C 248 -21.03 -23.64 19.90
CA LEU C 248 -21.19 -22.66 18.81
C LEU C 248 -21.47 -23.42 17.51
N GLY C 249 -20.88 -24.60 17.37
CA GLY C 249 -20.95 -25.41 16.16
C GLY C 249 -22.19 -26.28 16.11
N VAL C 250 -23.08 -26.22 17.11
CA VAL C 250 -24.43 -26.85 17.06
C VAL C 250 -25.50 -25.76 17.08
N GLU C 251 -25.22 -24.62 17.73
CA GLU C 251 -26.16 -23.47 17.87
C GLU C 251 -26.13 -22.62 16.60
N LEU C 252 -25.02 -22.67 15.90
CA LEU C 252 -24.84 -22.14 14.52
C LEU C 252 -24.53 -23.31 13.58
N PRO C 253 -24.72 -23.16 12.26
CA PRO C 253 -24.20 -24.14 11.31
C PRO C 253 -22.70 -24.32 11.51
N LEU C 254 -22.22 -25.55 11.61
CA LEU C 254 -20.82 -25.84 11.97
C LEU C 254 -19.90 -25.23 10.90
N GLU C 255 -20.41 -24.99 9.71
CA GLU C 255 -19.64 -24.49 8.56
C GLU C 255 -19.46 -22.95 8.71
N GLU C 256 -20.20 -22.30 9.62
CA GLU C 256 -20.14 -20.83 9.84
C GLU C 256 -19.05 -20.49 10.88
N VAL C 257 -18.62 -21.48 11.67
CA VAL C 257 -17.77 -21.27 12.88
C VAL C 257 -16.41 -20.72 12.46
N PRO C 258 -15.74 -21.31 11.46
CA PRO C 258 -14.40 -20.86 11.08
C PRO C 258 -14.27 -19.33 10.91
N LEU C 259 -15.25 -18.69 10.30
CA LEU C 259 -15.18 -17.25 9.98
C LEU C 259 -15.61 -16.44 11.21
N VAL C 260 -16.49 -17.00 12.05
CA VAL C 260 -16.94 -16.35 13.31
C VAL C 260 -15.74 -16.28 14.24
N GLN C 261 -14.99 -17.37 14.35
CA GLN C 261 -13.73 -17.45 15.11
C GLN C 261 -12.83 -16.30 14.66
N LYS C 262 -12.58 -16.20 13.35
CA LYS C 262 -11.61 -15.24 12.79
C LYS C 262 -12.07 -13.83 13.13
N ARG C 263 -13.36 -13.57 12.99
CA ARG C 263 -13.97 -12.23 13.16
C ARG C 263 -13.99 -11.86 14.66
N ALA C 264 -14.03 -12.85 15.55
CA ALA C 264 -14.15 -12.66 17.01
C ALA C 264 -12.76 -12.41 17.58
N ILE C 265 -11.75 -13.06 17.03
CA ILE C 265 -10.33 -12.84 17.41
C ILE C 265 -9.94 -11.42 17.03
N GLN C 266 -10.31 -10.99 15.83
CA GLN C 266 -9.99 -9.66 15.28
C GLN C 266 -10.67 -8.59 16.15
N MET C 267 -11.90 -8.86 16.59
CA MET C 267 -12.70 -7.94 17.43
C MET C 267 -12.04 -7.80 18.82
N ALA C 268 -11.62 -8.92 19.41
CA ALA C 268 -10.91 -8.96 20.70
C ALA C 268 -9.69 -8.07 20.61
N ARG C 269 -8.84 -8.30 19.61
CA ARG C 269 -7.52 -7.62 19.48
C ARG C 269 -7.71 -6.12 19.23
N GLU C 270 -8.72 -5.72 18.46
CA GLU C 270 -9.01 -4.30 18.15
C GLU C 270 -9.27 -3.55 19.45
N ASN C 271 -9.80 -4.23 20.47
CA ASN C 271 -10.28 -3.62 21.73
C ASN C 271 -9.38 -4.06 22.89
N ALA C 272 -8.26 -4.71 22.57
CA ALA C 272 -7.18 -5.11 23.50
C ALA C 272 -7.75 -6.04 24.57
N LYS C 273 -8.59 -7.00 24.17
CA LYS C 273 -9.15 -8.02 25.08
C LYS C 273 -8.57 -9.38 24.71
N PRO C 274 -8.26 -10.20 25.72
CA PRO C 274 -7.87 -11.58 25.50
C PRO C 274 -8.96 -12.37 24.76
N VAL C 275 -8.54 -13.23 23.84
CA VAL C 275 -9.43 -14.20 23.18
C VAL C 275 -8.81 -15.58 23.30
N ILE C 276 -9.59 -16.53 23.80
CA ILE C 276 -9.26 -17.97 23.81
C ILE C 276 -10.02 -18.64 22.67
N VAL C 277 -9.37 -19.56 21.96
CA VAL C 277 -10.03 -20.47 20.99
C VAL C 277 -10.13 -21.84 21.64
N ALA C 278 -11.32 -22.43 21.67
CA ALA C 278 -11.62 -23.60 22.52
C ALA C 278 -12.30 -24.73 21.72
N THR C 279 -11.93 -25.97 22.05
CA THR C 279 -12.73 -27.19 21.92
C THR C 279 -12.38 -27.92 20.63
N GLN C 280 -11.84 -29.13 20.77
CA GLN C 280 -11.61 -30.16 19.70
C GLN C 280 -10.41 -29.77 18.83
N MET C 281 -9.57 -28.87 19.32
CA MET C 281 -8.35 -28.46 18.59
C MET C 281 -7.48 -29.68 18.34
N LEU C 282 -7.42 -30.60 19.29
CA LEU C 282 -6.66 -31.88 19.17
C LEU C 282 -7.54 -33.04 19.65
N ASP C 283 -8.83 -33.02 19.29
CA ASP C 283 -9.85 -33.95 19.81
C ASP C 283 -9.31 -35.39 19.79
N SER C 284 -8.65 -35.81 18.72
CA SER C 284 -8.28 -37.23 18.46
C SER C 284 -7.21 -37.69 19.46
N MET C 285 -6.59 -36.77 20.20
CA MET C 285 -5.49 -37.09 21.15
C MET C 285 -6.08 -37.54 22.49
N ILE C 286 -7.40 -37.47 22.65
CA ILE C 286 -8.13 -38.19 23.73
C ILE C 286 -7.81 -39.67 23.63
N GLU C 287 -7.71 -40.21 22.43
CA GLU C 287 -7.55 -41.67 22.20
C GLU C 287 -6.16 -41.98 21.65
N ASN C 288 -5.50 -41.02 21.01
CA ASN C 288 -4.30 -41.27 20.16
C ASN C 288 -3.16 -40.35 20.59
N SER C 289 -1.91 -40.80 20.40
CA SER C 289 -0.68 -40.14 20.90
C SER C 289 -0.25 -39.01 19.95
N ARG C 290 -0.72 -39.05 18.71
CA ARG C 290 -0.53 -37.98 17.70
C ARG C 290 -1.88 -37.50 17.22
N PRO C 291 -2.01 -36.22 16.81
CA PRO C 291 -3.26 -35.69 16.30
C PRO C 291 -3.48 -35.95 14.79
N THR C 292 -4.61 -35.52 14.27
CA THR C 292 -4.91 -35.55 12.81
C THR C 292 -4.23 -34.36 12.15
N ARG C 293 -4.10 -34.41 10.83
CA ARG C 293 -3.51 -33.33 10.03
C ARG C 293 -4.42 -32.11 10.13
N ALA C 294 -5.72 -32.33 10.20
CA ALA C 294 -6.75 -31.28 10.43
C ALA C 294 -6.48 -30.57 11.74
N GLU C 295 -6.20 -31.35 12.78
CA GLU C 295 -6.01 -30.84 14.15
C GLU C 295 -4.75 -29.98 14.19
N ALA C 296 -3.62 -30.52 13.73
CA ALA C 296 -2.36 -29.76 13.59
C ALA C 296 -2.68 -28.43 12.86
N SER C 297 -3.40 -28.47 11.74
CA SER C 297 -3.77 -27.29 10.92
C SER C 297 -4.62 -26.31 11.76
N ASP C 298 -5.56 -26.83 12.51
CA ASP C 298 -6.55 -26.02 13.25
C ASP C 298 -5.79 -25.14 14.25
N VAL C 299 -4.82 -25.73 14.94
CA VAL C 299 -3.98 -25.06 15.96
C VAL C 299 -3.10 -23.99 15.29
N ALA C 300 -2.38 -24.34 14.23
CA ALA C 300 -1.52 -23.42 13.46
C ALA C 300 -2.33 -22.19 13.02
N ASN C 301 -3.56 -22.42 12.58
CA ASN C 301 -4.42 -21.38 11.96
C ASN C 301 -5.00 -20.46 13.06
N ALA C 302 -5.31 -21.00 14.24
CA ALA C 302 -5.70 -20.22 15.45
C ALA C 302 -4.56 -19.23 15.81
N VAL C 303 -3.32 -19.66 15.68
CA VAL C 303 -2.13 -18.81 15.92
C VAL C 303 -2.09 -17.68 14.89
N LEU C 304 -2.18 -17.99 13.59
CA LEU C 304 -2.07 -16.98 12.49
C LEU C 304 -3.29 -16.07 12.51
N ASP C 305 -4.43 -16.55 13.02
CA ASP C 305 -5.67 -15.77 13.22
C ASP C 305 -5.42 -14.65 14.23
N GLY C 306 -4.56 -14.90 15.23
CA GLY C 306 -4.11 -13.90 16.23
C GLY C 306 -4.64 -14.20 17.62
N ALA C 307 -5.01 -15.44 17.90
CA ALA C 307 -5.57 -15.90 19.19
C ALA C 307 -4.52 -15.68 20.29
N ASP C 308 -4.94 -15.05 21.40
CA ASP C 308 -4.09 -14.92 22.62
C ASP C 308 -3.75 -16.35 23.10
N ALA C 309 -4.74 -17.23 23.15
CA ALA C 309 -4.63 -18.53 23.81
C ALA C 309 -5.47 -19.59 23.08
N LEU C 310 -4.93 -20.81 23.01
CA LEU C 310 -5.63 -22.04 22.56
C LEU C 310 -5.93 -22.89 23.78
N MET C 311 -7.07 -23.59 23.78
CA MET C 311 -7.55 -24.36 24.94
C MET C 311 -7.65 -25.83 24.58
N LEU C 312 -7.42 -26.68 25.55
CA LEU C 312 -7.66 -28.13 25.48
C LEU C 312 -8.77 -28.43 26.46
N SER C 313 -9.78 -29.19 26.05
CA SER C 313 -10.94 -29.54 26.90
C SER C 313 -10.82 -30.99 27.34
N GLY C 314 -11.38 -31.91 26.58
CA GLY C 314 -11.33 -33.34 26.88
C GLY C 314 -9.92 -33.91 26.73
N GLU C 315 -9.07 -33.25 25.95
CA GLU C 315 -7.69 -33.71 25.69
C GLU C 315 -6.95 -33.85 27.02
N THR C 316 -7.23 -32.97 27.99
CA THR C 316 -6.51 -32.94 29.30
C THR C 316 -7.44 -33.44 30.41
N SER C 317 -8.74 -33.14 30.31
CA SER C 317 -9.74 -33.39 31.39
C SER C 317 -9.97 -34.89 31.57
N VAL C 318 -10.17 -35.65 30.48
CA VAL C 318 -10.51 -37.12 30.57
C VAL C 318 -9.60 -37.95 29.66
N GLY C 319 -8.73 -37.32 28.89
CA GLY C 319 -7.97 -37.98 27.80
C GLY C 319 -6.88 -38.93 28.31
N LYS C 320 -6.28 -39.67 27.41
CA LYS C 320 -5.26 -40.70 27.73
C LYS C 320 -3.88 -40.09 27.58
N TYR C 321 -3.78 -38.92 26.97
CA TYR C 321 -2.49 -38.26 26.68
C TYR C 321 -2.58 -36.78 26.98
N PRO C 322 -2.92 -36.41 28.23
CA PRO C 322 -3.08 -35.00 28.60
C PRO C 322 -1.75 -34.25 28.41
N LEU C 323 -0.66 -34.93 28.75
CA LEU C 323 0.70 -34.41 28.69
C LEU C 323 1.11 -34.21 27.23
N ALA C 324 1.02 -35.28 26.44
CA ALA C 324 1.33 -35.26 24.99
C ALA C 324 0.52 -34.15 24.31
N ALA C 325 -0.74 -33.98 24.71
CA ALA C 325 -1.67 -32.98 24.13
C ALA C 325 -1.09 -31.58 24.32
N VAL C 326 -0.64 -31.27 25.53
CA VAL C 326 -0.06 -29.95 25.87
C VAL C 326 1.27 -29.80 25.12
N ARG C 327 2.15 -30.81 25.21
CA ARG C 327 3.46 -30.79 24.51
C ARG C 327 3.21 -30.59 23.01
N THR C 328 2.28 -31.35 22.43
CA THR C 328 2.01 -31.33 20.98
C THR C 328 1.49 -29.93 20.59
N MET C 329 0.53 -29.40 21.33
CA MET C 329 -0.04 -28.07 21.06
C MET C 329 1.12 -27.06 21.11
N SER C 330 2.04 -27.22 22.04
CA SER C 330 3.20 -26.31 22.26
C SER C 330 4.11 -26.34 21.02
N ARG C 331 4.45 -27.53 20.54
CA ARG C 331 5.35 -27.70 19.37
C ARG C 331 4.73 -26.95 18.17
N ILE C 332 3.44 -27.15 17.92
CA ILE C 332 2.74 -26.56 16.74
C ILE C 332 2.82 -25.04 16.83
N ILE C 333 2.44 -24.47 17.96
CA ILE C 333 2.47 -22.99 18.13
C ILE C 333 3.90 -22.52 17.85
N CYS C 334 4.89 -23.19 18.42
CA CYS C 334 6.31 -22.81 18.34
C CYS C 334 6.75 -22.87 16.86
N ALA C 335 6.36 -23.92 16.14
CA ALA C 335 6.67 -24.12 14.70
C ALA C 335 6.22 -22.88 13.92
N VAL C 336 4.98 -22.41 14.17
CA VAL C 336 4.37 -21.26 13.44
C VAL C 336 5.15 -19.97 13.76
N GLU C 337 5.37 -19.71 15.05
CA GLU C 337 5.99 -18.44 15.56
C GLU C 337 7.48 -18.34 15.14
N GLU C 338 8.19 -19.47 15.07
CA GLU C 338 9.58 -19.56 14.53
C GLU C 338 9.60 -18.89 13.16
N ASN C 339 8.67 -19.24 12.31
CA ASN C 339 8.52 -18.66 10.96
C ASN C 339 8.19 -17.17 11.09
N SER C 340 7.11 -16.84 11.80
CA SER C 340 6.66 -15.44 12.02
C SER C 340 5.61 -15.38 13.15
N THR C 341 5.69 -14.34 13.98
CA THR C 341 4.74 -14.05 15.08
C THR C 341 3.66 -13.11 14.56
N ALA C 342 3.79 -12.64 13.31
CA ALA C 342 2.90 -11.64 12.66
C ALA C 342 1.43 -12.05 12.77
N ALA C 343 0.56 -11.07 13.00
CA ALA C 343 -0.90 -11.20 13.14
C ALA C 343 -1.58 -10.31 12.12
N PRO C 344 -2.86 -10.57 11.79
CA PRO C 344 -3.61 -9.70 10.89
C PRO C 344 -3.61 -8.27 11.40
N PRO C 345 -3.19 -7.29 10.59
CA PRO C 345 -3.14 -5.90 11.04
C PRO C 345 -4.48 -5.42 11.65
N LEU C 346 -4.43 -4.44 12.56
CA LEU C 346 -5.65 -3.77 13.12
C LEU C 346 -6.22 -2.83 12.05
N THR C 347 -7.55 -2.69 12.00
CA THR C 347 -8.25 -1.92 10.93
C THR C 347 -8.52 -0.50 11.43
N HIS C 348 -7.86 -0.09 12.51
CA HIS C 348 -7.94 1.29 13.07
C HIS C 348 -6.57 1.68 13.66
N ILE C 349 -6.17 2.94 13.47
CA ILE C 349 -5.05 3.57 14.19
C ILE C 349 -5.48 3.76 15.64
N PRO C 350 -4.67 3.30 16.60
CA PRO C 350 -4.97 3.51 18.02
C PRO C 350 -5.29 5.00 18.33
N ARG C 351 -6.25 5.23 19.24
CA ARG C 351 -6.75 6.59 19.62
C ARG C 351 -6.54 6.86 21.13
N THR C 352 -6.53 5.82 21.97
CA THR C 352 -6.38 5.95 23.44
C THR C 352 -4.90 6.10 23.76
N LYS C 353 -4.59 6.87 24.80
CA LYS C 353 -3.22 7.20 25.21
C LYS C 353 -2.39 5.93 25.29
N ARG C 354 -2.95 4.88 25.89
CA ARG C 354 -2.21 3.64 26.20
C ARG C 354 -1.96 2.84 24.92
N GLY C 355 -2.93 2.83 23.99
CA GLY C 355 -2.78 2.23 22.66
C GLY C 355 -1.67 2.89 21.85
N VAL C 356 -1.74 4.21 21.71
CA VAL C 356 -0.77 5.02 20.93
C VAL C 356 0.64 4.77 21.44
N ILE C 357 0.83 4.77 22.77
CA ILE C 357 2.16 4.71 23.42
C ILE C 357 2.73 3.28 23.30
N SER C 358 1.89 2.27 23.46
CA SER C 358 2.31 0.85 23.35
C SER C 358 2.65 0.55 21.89
N TYR C 359 1.91 1.12 20.96
CA TYR C 359 2.19 1.00 19.51
C TYR C 359 3.57 1.58 19.26
N ALA C 360 3.80 2.82 19.70
CA ALA C 360 5.09 3.54 19.59
C ALA C 360 6.20 2.70 20.22
N ALA C 361 5.95 2.11 21.40
CA ALA C 361 6.96 1.34 22.16
C ALA C 361 7.42 0.18 21.29
N ARG C 362 6.49 -0.56 20.71
CA ARG C 362 6.79 -1.67 19.78
C ARG C 362 7.72 -1.17 18.69
N ASP C 363 7.39 -0.02 18.09
CA ASP C 363 8.11 0.53 16.93
C ASP C 363 9.55 0.72 17.33
N ILE C 364 9.77 1.41 18.45
CA ILE C 364 11.13 1.81 18.91
C ILE C 364 11.93 0.53 19.21
N GLY C 365 11.35 -0.39 19.96
CA GLY C 365 11.96 -1.69 20.27
C GLY C 365 12.45 -2.39 19.02
N GLU C 366 11.59 -2.59 18.04
CA GLU C 366 11.87 -3.48 16.88
C GLU C 366 12.93 -2.82 16.03
N ARG C 367 12.80 -1.52 15.82
CA ARG C 367 13.68 -0.70 14.95
C ARG C 367 15.08 -0.59 15.57
N LEU C 368 15.19 -0.67 16.90
CA LEU C 368 16.48 -0.53 17.62
C LEU C 368 17.01 -1.91 18.05
N ASP C 369 16.33 -2.98 17.64
CA ASP C 369 16.74 -4.38 17.90
C ASP C 369 16.95 -4.56 19.40
N ALA C 370 16.04 -4.01 20.19
CA ALA C 370 16.02 -4.11 21.66
C ALA C 370 15.89 -5.58 22.03
N LYS C 371 16.32 -5.94 23.24
CA LYS C 371 16.33 -7.33 23.76
C LYS C 371 14.98 -7.65 24.39
N ALA C 372 14.23 -6.62 24.76
CA ALA C 372 12.93 -6.73 25.47
C ALA C 372 12.12 -5.43 25.37
N LEU C 373 10.79 -5.58 25.30
CA LEU C 373 9.81 -4.52 25.63
C LEU C 373 9.34 -4.75 27.06
N VAL C 374 9.33 -3.73 27.87
CA VAL C 374 8.92 -3.79 29.29
C VAL C 374 7.81 -2.77 29.47
N ALA C 375 6.68 -3.18 30.02
CA ALA C 375 5.57 -2.28 30.34
C ALA C 375 5.16 -2.46 31.80
N PHE C 376 4.99 -1.34 32.49
CA PHE C 376 4.46 -1.26 33.87
C PHE C 376 2.95 -1.12 33.77
N THR C 377 2.22 -1.93 34.55
CA THR C 377 0.76 -2.07 34.43
C THR C 377 0.15 -2.43 35.79
N GLN C 378 -0.93 -1.73 36.14
CA GLN C 378 -1.73 -1.92 37.36
C GLN C 378 -2.89 -2.86 37.06
N SER C 379 -3.57 -2.66 35.92
CA SER C 379 -4.75 -3.45 35.49
C SER C 379 -4.36 -4.43 34.39
N GLY C 380 -3.17 -4.29 33.81
CA GLY C 380 -2.70 -5.10 32.66
C GLY C 380 -3.06 -4.46 31.31
N ASP C 381 -3.86 -3.37 31.33
CA ASP C 381 -4.39 -2.70 30.11
C ASP C 381 -3.24 -2.29 29.19
N THR C 382 -2.28 -1.53 29.69
CA THR C 382 -1.15 -1.00 28.89
C THR C 382 -0.42 -2.18 28.22
N VAL C 383 -0.27 -3.30 28.93
CA VAL C 383 0.44 -4.51 28.44
C VAL C 383 -0.38 -5.13 27.33
N ARG C 384 -1.70 -5.12 27.46
CA ARG C 384 -2.62 -5.86 26.56
C ARG C 384 -2.70 -5.15 25.21
N ARG C 385 -2.41 -3.84 25.18
CA ARG C 385 -2.40 -3.03 23.94
C ARG C 385 -1.09 -3.25 23.19
N LEU C 386 -0.08 -3.76 23.86
CA LEU C 386 1.21 -4.13 23.24
C LEU C 386 1.16 -5.60 22.78
N ALA C 387 0.47 -6.47 23.52
CA ALA C 387 0.39 -7.93 23.23
C ALA C 387 -0.33 -8.13 21.89
N ARG C 388 -1.46 -7.48 21.73
CA ARG C 388 -2.37 -7.66 20.57
C ARG C 388 -1.60 -7.38 19.27
N LEU C 389 -0.48 -6.65 19.34
CA LEU C 389 0.30 -6.20 18.15
C LEU C 389 1.20 -7.33 17.67
N HIS C 390 1.56 -8.24 18.56
CA HIS C 390 2.33 -9.47 18.27
C HIS C 390 3.74 -9.13 17.79
N THR C 391 4.59 -8.55 18.61
CA THR C 391 6.02 -8.37 18.30
C THR C 391 6.79 -9.66 18.60
N PRO C 392 7.87 -9.95 17.85
CA PRO C 392 8.74 -11.09 18.15
C PRO C 392 9.63 -10.82 19.37
N LEU C 393 9.71 -9.56 19.80
CA LEU C 393 10.47 -9.14 21.01
C LEU C 393 9.79 -9.72 22.24
N PRO C 394 10.55 -10.20 23.25
CA PRO C 394 9.97 -10.52 24.56
C PRO C 394 9.14 -9.34 25.09
N LEU C 395 7.99 -9.63 25.66
CA LEU C 395 7.11 -8.64 26.30
C LEU C 395 7.01 -8.95 27.79
N LEU C 396 7.55 -8.06 28.62
CA LEU C 396 7.70 -8.27 30.08
C LEU C 396 6.85 -7.25 30.81
N ALA C 397 5.75 -7.71 31.41
CA ALA C 397 4.83 -6.90 32.23
C ALA C 397 5.40 -6.78 33.65
N PHE C 398 5.48 -5.58 34.18
CA PHE C 398 5.90 -5.31 35.56
C PHE C 398 4.71 -4.75 36.30
N THR C 399 4.39 -5.35 37.44
CA THR C 399 3.19 -5.04 38.24
C THR C 399 3.49 -5.26 39.72
N ALA C 400 2.76 -4.60 40.60
CA ALA C 400 2.89 -4.80 42.05
C ALA C 400 1.78 -5.73 42.55
N TRP C 401 0.82 -6.05 41.67
CA TRP C 401 -0.41 -6.81 42.03
C TRP C 401 -0.30 -8.25 41.51
N PRO C 402 0.00 -9.22 42.41
CA PRO C 402 0.29 -10.60 42.02
C PRO C 402 -0.79 -11.24 41.15
N GLU C 403 -2.05 -10.90 41.40
CA GLU C 403 -3.23 -11.40 40.65
C GLU C 403 -3.08 -11.05 39.16
N VAL C 404 -2.45 -9.91 38.86
CA VAL C 404 -2.33 -9.39 37.48
C VAL C 404 -1.38 -10.29 36.69
N ARG C 405 -0.42 -10.92 37.36
CA ARG C 405 0.51 -11.90 36.75
C ARG C 405 -0.30 -13.14 36.33
N SER C 406 -1.25 -13.56 37.17
CA SER C 406 -2.18 -14.68 36.89
C SER C 406 -3.15 -14.30 35.76
N GLN C 407 -3.60 -13.05 35.73
CA GLN C 407 -4.55 -12.54 34.70
C GLN C 407 -3.87 -12.48 33.34
N LEU C 408 -2.60 -12.10 33.31
CA LEU C 408 -1.84 -11.89 32.04
C LEU C 408 -1.30 -13.23 31.54
N ALA C 409 -1.53 -14.30 32.28
CA ALA C 409 -1.13 -15.67 31.85
C ALA C 409 -1.85 -16.04 30.54
N MET C 410 -3.01 -15.41 30.24
CA MET C 410 -3.79 -15.71 29.02
C MET C 410 -3.64 -14.60 27.98
N THR C 411 -2.72 -13.65 28.20
CA THR C 411 -2.40 -12.59 27.22
C THR C 411 -1.17 -13.01 26.41
N TRP C 412 -1.24 -12.83 25.08
CA TRP C 412 -0.22 -13.28 24.11
C TRP C 412 1.16 -12.79 24.55
N GLY C 413 2.16 -13.66 24.46
CA GLY C 413 3.60 -13.30 24.36
C GLY C 413 4.15 -12.71 25.65
N THR C 414 3.41 -12.78 26.74
CA THR C 414 3.64 -11.94 27.94
C THR C 414 4.13 -12.83 29.11
N GLU C 415 5.32 -12.53 29.61
CA GLU C 415 5.86 -12.94 30.93
C GLU C 415 5.68 -11.76 31.92
N THR C 416 5.30 -12.03 33.16
CA THR C 416 5.03 -10.98 34.15
C THR C 416 6.04 -11.07 35.30
N PHE C 417 6.34 -9.93 35.91
CA PHE C 417 7.29 -9.76 37.04
C PHE C 417 6.64 -8.96 38.14
N ILE C 418 6.55 -9.54 39.32
CA ILE C 418 6.01 -8.84 40.51
C ILE C 418 7.14 -8.03 41.13
N VAL C 419 6.87 -6.77 41.45
CA VAL C 419 7.84 -5.84 42.06
C VAL C 419 7.11 -5.03 43.10
N PRO C 420 7.84 -4.51 44.11
CA PRO C 420 7.24 -3.60 45.07
C PRO C 420 6.54 -2.44 44.35
N LYS C 421 5.50 -1.88 44.96
CA LYS C 421 4.84 -0.64 44.48
C LYS C 421 5.85 0.50 44.57
N MET C 422 6.21 1.11 43.44
CA MET C 422 7.24 2.19 43.36
C MET C 422 6.55 3.53 43.45
N GLN C 423 7.27 4.57 43.91
CA GLN C 423 6.72 5.94 44.06
C GLN C 423 7.34 6.88 43.02
N SER C 424 8.18 6.36 42.12
CA SER C 424 8.90 7.15 41.08
C SER C 424 9.10 6.31 39.80
N THR C 425 9.21 6.98 38.63
CA THR C 425 9.54 6.33 37.33
C THR C 425 11.00 5.80 37.39
N ASP C 426 11.94 6.58 37.98
CA ASP C 426 13.37 6.17 38.12
C ASP C 426 13.44 4.89 38.94
N GLY C 427 12.54 4.77 39.91
CA GLY C 427 12.41 3.57 40.76
C GLY C 427 11.99 2.37 39.94
N MET C 428 10.99 2.54 39.08
CA MET C 428 10.48 1.48 38.18
C MET C 428 11.64 0.96 37.32
N ILE C 429 12.50 1.86 36.82
CA ILE C 429 13.63 1.52 35.92
C ILE C 429 14.72 0.78 36.70
N ARG C 430 15.02 1.19 37.92
CA ARG C 430 15.93 0.46 38.84
C ARG C 430 15.39 -0.96 39.09
N GLN C 431 14.09 -1.09 39.38
CA GLN C 431 13.35 -2.39 39.55
C GLN C 431 13.62 -3.28 38.33
N VAL C 432 13.40 -2.76 37.12
CA VAL C 432 13.59 -3.52 35.85
C VAL C 432 15.00 -4.10 35.85
N ASP C 433 16.02 -3.22 35.94
CA ASP C 433 17.46 -3.59 35.98
C ASP C 433 17.65 -4.74 36.97
N LYS C 434 17.11 -4.58 38.17
CA LYS C 434 17.24 -5.52 39.32
C LYS C 434 16.65 -6.87 38.92
N SER C 435 15.36 -6.89 38.60
CA SER C 435 14.58 -8.10 38.23
C SER C 435 15.28 -8.80 37.06
N LEU C 436 15.64 -8.07 36.03
CA LEU C 436 16.10 -8.65 34.76
C LEU C 436 17.51 -9.21 34.93
N LEU C 437 18.30 -8.62 35.80
CA LEU C 437 19.72 -9.01 35.91
C LEU C 437 19.84 -10.33 36.67
N GLU C 438 18.77 -10.74 37.37
CA GLU C 438 18.70 -12.06 38.08
C GLU C 438 18.75 -13.19 37.04
N LEU C 439 18.06 -13.02 35.91
CA LEU C 439 18.04 -14.01 34.78
C LEU C 439 19.38 -13.98 34.09
N ALA C 440 19.96 -15.15 33.79
CA ALA C 440 21.19 -15.30 32.98
C ALA C 440 21.02 -14.53 31.67
N ARG C 441 19.86 -14.68 31.04
CA ARG C 441 19.55 -14.24 29.65
C ARG C 441 19.79 -12.73 29.47
N TYR C 442 19.52 -11.89 30.48
CA TYR C 442 19.78 -10.42 30.43
C TYR C 442 21.12 -10.11 31.11
N LYS C 443 21.87 -9.16 30.56
CA LYS C 443 23.22 -8.72 31.03
C LYS C 443 23.26 -7.20 31.07
N ARG C 444 24.21 -6.64 31.80
CA ARG C 444 24.46 -5.18 31.88
C ARG C 444 24.88 -4.70 30.47
N GLY C 445 24.30 -3.60 29.99
CA GLY C 445 24.57 -3.08 28.64
C GLY C 445 23.42 -3.35 27.69
N ASP C 446 22.76 -4.51 27.82
CA ASP C 446 21.61 -4.93 26.96
C ASP C 446 20.59 -3.79 26.88
N LEU C 447 20.09 -3.52 25.68
CA LEU C 447 19.14 -2.42 25.38
C LEU C 447 17.72 -2.95 25.57
N VAL C 448 16.88 -2.21 26.30
CA VAL C 448 15.44 -2.54 26.51
C VAL C 448 14.64 -1.27 26.45
N VAL C 449 13.40 -1.36 26.03
CA VAL C 449 12.45 -0.22 25.95
C VAL C 449 11.44 -0.38 27.09
N ILE C 450 11.28 0.64 27.90
CA ILE C 450 10.43 0.61 29.11
C ILE C 450 9.27 1.59 28.96
N VAL C 451 8.06 1.10 29.16
CA VAL C 451 6.81 1.90 29.19
C VAL C 451 6.37 2.05 30.64
N ALA C 452 6.04 3.26 31.05
CA ALA C 452 5.72 3.57 32.44
C ALA C 452 4.76 4.75 32.50
N GLY C 453 4.37 5.12 33.72
CA GLY C 453 3.36 6.15 33.98
C GLY C 453 3.64 6.90 35.26
N ALA C 454 2.93 8.00 35.45
CA ALA C 454 2.94 8.84 36.66
C ALA C 454 1.65 9.66 36.67
N PRO C 455 1.01 9.84 37.84
CA PRO C 455 1.54 9.36 39.11
C PRO C 455 1.47 7.83 39.26
N PRO C 456 2.53 7.18 39.80
CA PRO C 456 2.62 5.72 39.77
C PRO C 456 1.45 5.10 40.53
N GLY C 457 1.19 3.81 40.28
CA GLY C 457 0.08 3.04 40.87
C GLY C 457 -1.27 3.68 40.57
N THR C 458 -1.44 4.27 39.39
CA THR C 458 -2.69 4.87 38.90
C THR C 458 -3.00 4.25 37.53
N VAL C 459 -4.22 3.74 37.35
CA VAL C 459 -4.65 3.05 36.11
C VAL C 459 -4.84 4.10 35.00
N GLY C 460 -4.32 3.83 33.80
CA GLY C 460 -4.43 4.71 32.63
C GLY C 460 -3.50 5.91 32.72
N SER C 461 -2.53 5.87 33.62
CA SER C 461 -1.59 6.98 33.89
C SER C 461 -0.40 6.88 32.93
N THR C 462 -0.19 5.68 32.36
CA THR C 462 0.92 5.36 31.40
C THR C 462 1.14 6.55 30.45
N ASN C 463 2.37 7.11 30.41
CA ASN C 463 2.64 8.37 29.68
C ASN C 463 4.13 8.52 29.33
N LEU C 464 4.91 7.45 29.29
CA LEU C 464 6.37 7.58 29.22
C LEU C 464 6.98 6.35 28.52
N ILE C 465 7.92 6.56 27.61
CA ILE C 465 8.78 5.49 27.04
C ILE C 465 10.22 5.86 27.28
N HIS C 466 11.01 4.90 27.74
CA HIS C 466 12.42 5.11 28.08
C HIS C 466 13.27 4.04 27.43
N VAL C 467 14.16 4.42 26.54
CA VAL C 467 15.14 3.49 25.92
C VAL C 467 16.33 3.39 26.84
N HIS C 468 16.49 2.25 27.51
CA HIS C 468 17.44 2.07 28.62
C HIS C 468 18.40 0.92 28.32
N ARG C 469 19.67 1.12 28.56
CA ARG C 469 20.67 0.04 28.60
C ARG C 469 20.78 -0.43 30.04
N ILE C 470 20.78 -1.74 30.27
CA ILE C 470 20.68 -2.33 31.63
C ILE C 470 21.93 -1.97 32.41
N GLY C 471 21.74 -1.25 33.52
CA GLY C 471 22.79 -0.98 34.52
C GLY C 471 23.51 0.33 34.25
N GLU C 472 23.24 0.98 33.11
CA GLU C 472 23.93 2.21 32.66
C GLU C 472 23.20 3.43 33.23
N ASP C 473 23.86 4.58 33.24
CA ASP C 473 23.45 5.79 33.99
C ASP C 473 22.72 6.75 33.03
N ASP C 474 21.56 6.33 32.49
CA ASP C 474 20.90 7.03 31.34
C ASP C 474 19.46 7.42 31.69
N VAL C 475 19.18 7.76 32.95
CA VAL C 475 17.78 7.95 33.45
C VAL C 475 17.50 9.43 33.72
N THR D 5 -23.38 -21.21 -6.48
CA THR D 5 -22.79 -22.55 -6.39
C THR D 5 -21.28 -22.46 -6.19
N ARG D 6 -20.67 -23.58 -5.88
CA ARG D 6 -19.34 -23.70 -5.27
C ARG D 6 -18.26 -23.52 -6.34
N ARG D 7 -17.12 -22.96 -5.94
CA ARG D 7 -15.94 -22.70 -6.81
C ARG D 7 -14.86 -23.75 -6.54
N GLY D 8 -14.47 -23.94 -5.28
CA GLY D 8 -13.44 -24.92 -4.88
C GLY D 8 -13.82 -26.35 -5.23
N LYS D 9 -12.89 -27.12 -5.75
CA LYS D 9 -13.16 -28.47 -6.28
C LYS D 9 -12.95 -29.53 -5.20
N ILE D 10 -13.70 -30.62 -5.27
CA ILE D 10 -13.72 -31.73 -4.28
C ILE D 10 -13.26 -33.02 -4.95
N VAL D 11 -12.17 -33.60 -4.46
CA VAL D 11 -11.60 -34.91 -4.90
C VAL D 11 -12.06 -35.98 -3.91
N CYS D 12 -12.66 -37.05 -4.40
CA CYS D 12 -13.09 -38.22 -3.59
C CYS D 12 -12.27 -39.44 -3.98
N THR D 13 -11.98 -40.29 -3.01
CA THR D 13 -11.27 -41.56 -3.22
C THR D 13 -12.29 -42.69 -3.22
N LEU D 14 -12.21 -43.55 -4.24
CA LEU D 14 -13.08 -44.73 -4.41
C LEU D 14 -12.46 -45.90 -3.69
N GLY D 15 -13.29 -46.73 -3.09
CA GLY D 15 -12.93 -48.02 -2.49
C GLY D 15 -14.17 -48.74 -2.01
N PRO D 16 -14.04 -49.76 -1.12
CA PRO D 16 -15.17 -50.59 -0.72
C PRO D 16 -16.50 -49.83 -0.51
N ALA D 17 -16.46 -48.65 0.12
CA ALA D 17 -17.66 -47.90 0.56
C ALA D 17 -18.32 -47.20 -0.63
N THR D 18 -17.60 -47.03 -1.75
CA THR D 18 -18.14 -46.46 -3.01
C THR D 18 -18.25 -47.54 -4.10
N GLN D 19 -18.63 -48.76 -3.72
CA GLN D 19 -18.81 -49.91 -4.64
C GLN D 19 -20.26 -50.36 -4.56
N ARG D 20 -20.94 -50.03 -3.47
CA ARG D 20 -22.39 -50.32 -3.29
C ARG D 20 -23.16 -49.59 -4.39
N ASP D 21 -24.29 -50.14 -4.78
CA ASP D 21 -24.89 -49.89 -6.11
C ASP D 21 -25.22 -48.39 -6.20
N ASP D 22 -24.77 -47.76 -7.27
CA ASP D 22 -25.15 -46.37 -7.62
C ASP D 22 -24.62 -45.42 -6.54
N LEU D 23 -23.53 -45.74 -5.87
CA LEU D 23 -22.95 -44.83 -4.85
C LEU D 23 -22.02 -43.84 -5.54
N VAL D 24 -21.26 -44.28 -6.53
CA VAL D 24 -20.40 -43.37 -7.34
C VAL D 24 -21.30 -42.31 -7.98
N ARG D 25 -22.50 -42.69 -8.42
CA ARG D 25 -23.52 -41.76 -8.95
C ARG D 25 -23.87 -40.71 -7.88
N ALA D 26 -24.20 -41.18 -6.68
CA ALA D 26 -24.57 -40.35 -5.52
C ALA D 26 -23.46 -39.32 -5.23
N LEU D 27 -22.20 -39.73 -5.33
CA LEU D 27 -21.02 -38.86 -5.04
C LEU D 27 -20.99 -37.72 -6.05
N VAL D 28 -21.09 -38.05 -7.33
CA VAL D 28 -21.05 -37.07 -8.44
C VAL D 28 -22.21 -36.07 -8.24
N GLU D 29 -23.40 -36.58 -7.91
CA GLU D 29 -24.65 -35.77 -7.73
C GLU D 29 -24.49 -34.85 -6.52
N ALA D 30 -23.61 -35.22 -5.58
CA ALA D 30 -23.37 -34.49 -4.31
C ALA D 30 -22.20 -33.50 -4.50
N GLY D 31 -21.37 -33.68 -5.54
CA GLY D 31 -20.43 -32.64 -5.99
C GLY D 31 -19.02 -33.15 -6.27
N MET D 32 -18.77 -34.46 -6.26
CA MET D 32 -17.42 -35.01 -6.57
C MET D 32 -16.96 -34.51 -7.93
N ASP D 33 -15.84 -33.82 -7.97
CA ASP D 33 -15.28 -33.23 -9.22
C ASP D 33 -14.22 -34.16 -9.77
N VAL D 34 -13.45 -34.80 -8.90
CA VAL D 34 -12.40 -35.76 -9.30
C VAL D 34 -12.57 -37.03 -8.49
N ALA D 35 -12.43 -38.18 -9.13
CA ALA D 35 -12.47 -39.53 -8.53
C ALA D 35 -11.05 -40.05 -8.49
N ARG D 36 -10.49 -40.24 -7.28
CA ARG D 36 -9.16 -40.84 -7.08
C ARG D 36 -9.30 -42.36 -7.02
N MET D 37 -8.59 -43.04 -7.92
CA MET D 37 -8.40 -44.49 -7.92
C MET D 37 -7.07 -44.77 -7.25
N ASN D 38 -7.10 -45.34 -6.06
CA ASN D 38 -5.87 -45.57 -5.25
C ASN D 38 -5.38 -46.98 -5.54
N PHE D 39 -4.27 -47.10 -6.26
CA PHE D 39 -3.72 -48.37 -6.78
C PHE D 39 -2.91 -49.09 -5.70
N SER D 40 -2.88 -48.55 -4.47
CA SER D 40 -2.38 -49.24 -3.26
C SER D 40 -3.30 -50.43 -2.93
N HIS D 41 -4.57 -50.31 -3.26
CA HIS D 41 -5.63 -51.28 -2.88
C HIS D 41 -6.43 -51.68 -4.12
N GLY D 42 -7.11 -52.82 -4.05
CA GLY D 42 -8.10 -53.24 -5.05
C GLY D 42 -7.45 -54.03 -6.16
N ASP D 43 -8.30 -54.77 -6.89
CA ASP D 43 -8.02 -55.55 -8.12
C ASP D 43 -8.28 -54.64 -9.34
N TYR D 44 -7.73 -54.98 -10.50
CA TYR D 44 -8.02 -54.29 -11.78
C TYR D 44 -9.52 -54.39 -12.13
N ASP D 45 -10.20 -55.47 -11.73
CA ASP D 45 -11.68 -55.60 -11.85
C ASP D 45 -12.34 -54.47 -11.06
N ASP D 46 -11.90 -54.27 -9.83
CA ASP D 46 -12.47 -53.27 -8.88
C ASP D 46 -12.32 -51.87 -9.51
N HIS D 47 -11.15 -51.58 -10.08
CA HIS D 47 -10.82 -50.28 -10.69
C HIS D 47 -11.69 -50.07 -11.93
N LYS D 48 -11.65 -51.01 -12.89
CA LYS D 48 -12.49 -50.99 -14.11
C LYS D 48 -13.94 -50.66 -13.71
N VAL D 49 -14.54 -51.46 -12.83
CA VAL D 49 -15.96 -51.31 -12.43
C VAL D 49 -16.19 -49.88 -11.90
N ALA D 50 -15.23 -49.35 -11.15
CA ALA D 50 -15.32 -48.02 -10.51
C ALA D 50 -15.22 -46.92 -11.59
N TYR D 51 -14.21 -47.02 -12.45
CA TYR D 51 -13.96 -46.12 -13.60
C TYR D 51 -15.17 -46.06 -14.53
N GLU D 52 -15.77 -47.22 -14.83
CA GLU D 52 -17.05 -47.33 -15.58
C GLU D 52 -18.11 -46.46 -14.88
N ARG D 53 -18.32 -46.70 -13.59
CA ARG D 53 -19.39 -46.06 -12.79
C ARG D 53 -19.22 -44.52 -12.81
N VAL D 54 -17.98 -44.03 -12.91
CA VAL D 54 -17.65 -42.58 -12.90
C VAL D 54 -18.02 -42.00 -14.27
N ARG D 55 -17.59 -42.63 -15.37
CA ARG D 55 -17.89 -42.20 -16.76
C ARG D 55 -19.40 -42.12 -16.95
N VAL D 56 -20.15 -43.11 -16.44
CA VAL D 56 -21.62 -43.17 -16.59
C VAL D 56 -22.24 -41.99 -15.86
N ALA D 57 -21.90 -41.85 -14.59
CA ALA D 57 -22.38 -40.78 -13.70
C ALA D 57 -22.05 -39.41 -14.31
N SER D 58 -20.79 -39.21 -14.76
CA SER D 58 -20.34 -37.95 -15.41
C SER D 58 -21.20 -37.67 -16.64
N ASP D 59 -21.38 -38.67 -17.49
CA ASP D 59 -22.11 -38.51 -18.78
C ASP D 59 -23.62 -38.39 -18.50
N ALA D 60 -24.15 -39.10 -17.50
CA ALA D 60 -25.59 -39.14 -17.16
C ALA D 60 -26.01 -37.83 -16.50
N THR D 61 -25.13 -37.18 -15.74
CA THR D 61 -25.44 -35.92 -14.98
C THR D 61 -24.98 -34.70 -15.78
N GLY D 62 -24.04 -34.91 -16.68
CA GLY D 62 -23.36 -33.83 -17.42
C GLY D 62 -22.47 -33.01 -16.53
N ARG D 63 -22.17 -33.51 -15.31
CA ARG D 63 -21.09 -32.98 -14.43
C ARG D 63 -19.77 -33.56 -14.90
N ALA D 64 -18.83 -32.71 -15.25
CA ALA D 64 -17.41 -33.05 -15.45
C ALA D 64 -16.95 -33.84 -14.22
N VAL D 65 -16.29 -34.97 -14.44
CA VAL D 65 -15.58 -35.71 -13.37
C VAL D 65 -14.28 -36.27 -13.91
N GLY D 66 -13.16 -35.65 -13.51
CA GLY D 66 -11.80 -36.18 -13.74
C GLY D 66 -11.61 -37.51 -13.03
N VAL D 67 -10.84 -38.39 -13.60
CA VAL D 67 -10.42 -39.66 -12.97
C VAL D 67 -8.93 -39.62 -12.75
N LEU D 68 -8.51 -39.70 -11.49
CA LEU D 68 -7.10 -39.59 -11.06
C LEU D 68 -6.58 -40.97 -10.65
N ALA D 69 -5.57 -41.47 -11.36
CA ALA D 69 -4.87 -42.72 -11.03
C ALA D 69 -3.72 -42.40 -10.08
N ASP D 70 -3.86 -42.79 -8.82
CA ASP D 70 -2.83 -42.59 -7.78
C ASP D 70 -1.95 -43.83 -7.72
N LEU D 71 -0.67 -43.67 -8.07
CA LEU D 71 0.33 -44.76 -8.10
C LEU D 71 1.02 -44.86 -6.73
N GLN D 72 1.09 -46.08 -6.18
CA GLN D 72 1.56 -46.37 -4.80
C GLN D 72 2.95 -45.77 -4.58
N GLY D 73 3.80 -45.73 -5.61
CA GLY D 73 5.21 -45.30 -5.49
C GLY D 73 6.04 -46.31 -4.71
N PRO D 74 7.32 -45.97 -4.35
CA PRO D 74 8.15 -46.84 -3.52
C PRO D 74 7.75 -46.79 -2.04
N LYS D 75 6.52 -47.21 -1.76
CA LYS D 75 5.95 -47.33 -0.39
C LYS D 75 6.60 -48.53 0.27
N ILE D 76 7.08 -48.36 1.50
CA ILE D 76 7.64 -49.48 2.32
C ILE D 76 6.52 -50.07 3.17
N ARG D 77 6.45 -51.39 3.20
CA ARG D 77 5.34 -52.18 3.76
C ARG D 77 5.92 -53.35 4.54
N LEU D 78 5.20 -53.80 5.58
CA LEU D 78 5.49 -55.06 6.32
C LEU D 78 5.12 -56.26 5.46
N GLY D 79 5.69 -57.43 5.76
CA GLY D 79 5.42 -58.69 5.07
C GLY D 79 4.09 -59.27 5.49
N ARG D 80 3.96 -60.60 5.43
CA ARG D 80 2.76 -61.36 5.87
C ARG D 80 3.04 -61.94 7.25
N PHE D 81 2.03 -61.97 8.13
CA PHE D 81 2.04 -62.71 9.44
C PHE D 81 1.34 -64.06 9.26
N ALA D 82 1.86 -65.10 9.91
CA ALA D 82 1.25 -66.45 9.98
C ALA D 82 -0.23 -66.32 10.37
N SER D 83 -0.59 -65.27 11.13
CA SER D 83 -1.93 -65.06 11.77
C SER D 83 -2.77 -64.09 10.94
N GLY D 84 -2.18 -63.46 9.94
CA GLY D 84 -2.79 -62.34 9.20
C GLY D 84 -2.64 -61.05 9.96
N ALA D 85 -2.79 -61.07 11.29
CA ALA D 85 -2.64 -59.89 12.18
C ALA D 85 -2.09 -60.35 13.55
N THR D 86 -1.29 -59.48 14.19
CA THR D 86 -0.80 -59.63 15.60
C THR D 86 -1.08 -58.31 16.38
N HIS D 87 -0.84 -58.30 17.69
CA HIS D 87 -0.85 -57.07 18.53
C HIS D 87 0.56 -56.80 19.04
N TRP D 88 1.09 -55.63 18.69
CA TRP D 88 2.41 -55.10 19.14
C TRP D 88 2.18 -54.18 20.36
N ALA D 89 2.44 -54.70 21.57
CA ALA D 89 2.22 -54.03 22.87
C ALA D 89 3.49 -53.25 23.30
N GLU D 90 3.30 -51.97 23.69
CA GLU D 90 4.34 -51.08 24.28
C GLU D 90 5.22 -51.92 25.21
N GLY D 91 6.50 -52.10 24.87
CA GLY D 91 7.49 -52.79 25.71
C GLY D 91 8.05 -54.05 25.05
N GLU D 92 7.46 -54.48 23.92
CA GLU D 92 7.79 -55.76 23.24
C GLU D 92 8.94 -55.56 22.27
N THR D 93 9.74 -56.61 22.05
CA THR D 93 10.82 -56.67 21.02
C THR D 93 10.25 -57.27 19.74
N VAL D 94 10.47 -56.59 18.59
CA VAL D 94 10.02 -57.04 17.24
C VAL D 94 11.23 -57.03 16.26
N ARG D 95 11.43 -58.13 15.53
CA ARG D 95 12.42 -58.26 14.41
C ARG D 95 11.71 -58.04 13.06
N ILE D 96 12.20 -57.10 12.25
CA ILE D 96 11.71 -56.83 10.87
C ILE D 96 12.87 -57.14 9.89
N THR D 97 12.75 -58.23 9.12
CA THR D 97 13.89 -58.79 8.33
C THR D 97 13.71 -58.47 6.83
N VAL D 98 14.84 -58.34 6.12
CA VAL D 98 14.93 -58.24 4.62
C VAL D 98 15.00 -59.65 4.04
N GLY D 99 15.20 -60.66 4.88
CA GLY D 99 15.09 -62.08 4.51
C GLY D 99 13.65 -62.45 4.24
N ALA D 100 13.42 -63.42 3.36
CA ALA D 100 12.11 -64.04 3.11
C ALA D 100 11.71 -64.83 4.36
N CYS D 101 10.49 -64.63 4.85
CA CYS D 101 9.81 -65.49 5.84
C CYS D 101 8.33 -65.15 5.90
N GLU D 102 7.52 -66.14 6.23
CA GLU D 102 6.17 -65.94 6.80
C GLU D 102 6.34 -65.42 8.22
N GLY D 103 5.87 -64.21 8.48
CA GLY D 103 6.08 -63.54 9.77
C GLY D 103 5.35 -64.27 10.89
N SER D 104 5.70 -63.96 12.12
CA SER D 104 4.83 -64.09 13.32
C SER D 104 4.99 -62.83 14.18
N HIS D 105 4.52 -62.87 15.42
CA HIS D 105 4.49 -61.71 16.35
C HIS D 105 5.85 -61.02 16.41
N ASP D 106 6.96 -61.77 16.60
CA ASP D 106 8.28 -61.15 16.96
C ASP D 106 9.21 -61.12 15.74
N ARG D 107 8.84 -61.72 14.59
CA ARG D 107 9.67 -61.69 13.35
C ARG D 107 8.78 -61.64 12.09
N VAL D 108 8.93 -60.57 11.29
CA VAL D 108 8.15 -60.27 10.04
C VAL D 108 9.11 -59.71 8.96
N SER D 109 8.77 -59.88 7.69
CA SER D 109 9.49 -59.33 6.52
C SER D 109 9.06 -57.88 6.25
N THR D 110 9.78 -57.19 5.38
CA THR D 110 9.33 -55.93 4.73
C THR D 110 9.68 -55.98 3.26
N THR D 111 9.09 -55.11 2.46
CA THR D 111 9.33 -55.00 1.00
C THR D 111 10.70 -54.34 0.76
N TYR D 112 11.11 -53.39 1.61
CA TYR D 112 12.41 -52.66 1.50
C TYR D 112 13.55 -53.64 1.80
N LYS D 113 14.29 -54.03 0.78
CA LYS D 113 15.35 -55.07 0.90
C LYS D 113 16.66 -54.40 1.33
N ARG D 114 16.66 -53.07 1.46
CA ARG D 114 17.85 -52.30 1.87
C ARG D 114 17.74 -51.94 3.36
N LEU D 115 16.84 -52.57 4.12
CA LEU D 115 16.53 -52.13 5.51
C LEU D 115 17.72 -52.44 6.42
N ALA D 116 18.17 -53.69 6.48
CA ALA D 116 19.38 -54.10 7.23
C ALA D 116 20.51 -53.12 6.89
N GLN D 117 20.66 -52.79 5.62
CA GLN D 117 21.81 -52.05 5.07
C GLN D 117 21.70 -50.54 5.39
N ASP D 118 20.49 -50.03 5.72
CA ASP D 118 20.22 -48.55 5.76
C ASP D 118 19.71 -48.11 7.15
N ALA D 119 19.23 -49.05 7.99
CA ALA D 119 18.66 -48.78 9.34
C ALA D 119 19.77 -48.89 10.40
N VAL D 120 19.95 -47.85 11.21
CA VAL D 120 20.91 -47.82 12.36
C VAL D 120 20.10 -47.64 13.66
N ALA D 121 20.59 -48.22 14.75
CA ALA D 121 19.99 -48.11 16.11
C ALA D 121 19.65 -46.66 16.39
N GLY D 122 18.50 -46.42 17.03
CA GLY D 122 17.98 -45.07 17.32
C GLY D 122 17.00 -44.60 16.25
N ASP D 123 16.97 -45.26 15.08
CA ASP D 123 16.03 -44.92 13.99
C ASP D 123 14.60 -45.23 14.45
N ARG D 124 13.65 -44.38 14.09
CA ARG D 124 12.22 -44.50 14.45
C ARG D 124 11.47 -45.18 13.30
N VAL D 125 10.42 -45.93 13.63
CA VAL D 125 9.54 -46.64 12.68
C VAL D 125 8.09 -46.32 13.02
N LEU D 126 7.41 -45.52 12.18
CA LEU D 126 5.97 -45.21 12.33
C LEU D 126 5.17 -46.13 11.40
N VAL D 127 4.12 -46.75 11.93
CA VAL D 127 3.26 -47.74 11.22
C VAL D 127 1.90 -47.07 10.98
N ASP D 128 1.23 -47.39 9.86
CA ASP D 128 -0.19 -47.01 9.63
C ASP D 128 -0.33 -45.50 9.89
N ASP D 129 0.58 -44.68 9.32
CA ASP D 129 0.61 -43.18 9.37
C ASP D 129 0.70 -42.66 10.83
N GLY D 130 1.33 -43.44 11.77
CA GLY D 130 1.91 -42.91 13.05
C GLY D 130 1.50 -43.69 14.32
N LYS D 131 0.40 -44.47 14.27
CA LYS D 131 -0.34 -45.02 15.45
C LYS D 131 0.57 -45.95 16.28
N VAL D 132 1.24 -46.89 15.64
CA VAL D 132 2.23 -47.81 16.29
C VAL D 132 3.65 -47.35 15.94
N ALA D 133 4.47 -47.04 16.96
CA ALA D 133 5.83 -46.46 16.81
C ALA D 133 6.85 -47.39 17.46
N LEU D 134 7.93 -47.70 16.76
CA LEU D 134 9.05 -48.51 17.28
C LEU D 134 10.31 -47.65 17.26
N VAL D 135 11.33 -48.10 18.00
CA VAL D 135 12.72 -47.60 17.87
C VAL D 135 13.62 -48.79 17.57
N VAL D 136 14.56 -48.60 16.66
CA VAL D 136 15.57 -49.61 16.25
C VAL D 136 16.60 -49.77 17.38
N ASP D 137 16.69 -50.97 17.94
CA ASP D 137 17.70 -51.38 18.94
C ASP D 137 18.97 -51.86 18.22
N ALA D 138 18.87 -52.93 17.41
CA ALA D 138 20.03 -53.57 16.72
C ALA D 138 19.67 -54.06 15.30
N VAL D 139 20.68 -54.07 14.41
CA VAL D 139 20.68 -54.72 13.07
C VAL D 139 21.62 -55.95 13.14
N GLU D 140 21.07 -57.16 13.27
CA GLU D 140 21.87 -58.43 13.41
C GLU D 140 21.85 -59.19 12.05
N GLY D 141 22.95 -59.10 11.27
CA GLY D 141 23.01 -59.61 9.89
C GLY D 141 21.85 -59.09 9.06
N ASP D 142 20.80 -59.92 8.85
CA ASP D 142 19.62 -59.62 7.97
C ASP D 142 18.40 -59.07 8.78
N ASP D 143 18.40 -59.16 10.12
CA ASP D 143 17.21 -58.80 10.96
C ASP D 143 17.40 -57.39 11.58
N VAL D 144 16.29 -56.66 11.80
CA VAL D 144 16.29 -55.30 12.43
C VAL D 144 15.46 -55.38 13.72
N VAL D 145 16.14 -55.45 14.87
CA VAL D 145 15.49 -55.62 16.20
C VAL D 145 15.02 -54.25 16.67
N CYS D 146 13.75 -54.14 17.04
CA CYS D 146 13.09 -52.86 17.43
C CYS D 146 12.36 -53.07 18.74
N THR D 147 12.11 -52.00 19.48
CA THR D 147 11.26 -51.99 20.68
C THR D 147 10.04 -51.15 20.39
N VAL D 148 8.87 -51.74 20.57
CA VAL D 148 7.58 -51.01 20.48
C VAL D 148 7.57 -49.94 21.57
N VAL D 149 7.46 -48.67 21.17
CA VAL D 149 7.47 -47.50 22.08
C VAL D 149 6.04 -46.96 22.20
N GLU D 150 5.27 -47.06 21.14
CA GLU D 150 3.79 -46.87 21.16
C GLU D 150 3.14 -48.14 20.59
N GLY D 151 2.23 -48.75 21.35
CA GLY D 151 1.67 -50.08 21.08
C GLY D 151 0.38 -50.03 20.31
N GLY D 152 0.02 -51.12 19.63
CA GLY D 152 -1.20 -51.22 18.80
C GLY D 152 -1.20 -52.43 17.87
N PRO D 153 -2.25 -52.58 17.02
CA PRO D 153 -2.37 -53.71 16.09
C PRO D 153 -1.66 -53.46 14.74
N VAL D 154 -1.00 -54.50 14.21
CA VAL D 154 -0.43 -54.55 12.83
C VAL D 154 -0.96 -55.80 12.12
N SER D 155 -1.11 -55.70 10.80
CA SER D 155 -1.69 -56.74 9.91
C SER D 155 -0.75 -56.97 8.73
N ASP D 156 -1.08 -57.91 7.84
CA ASP D 156 -0.33 -58.18 6.59
C ASP D 156 -0.16 -56.86 5.82
N ASN D 157 1.06 -56.58 5.37
CA ASN D 157 1.35 -55.60 4.29
C ASN D 157 1.02 -54.17 4.79
N LYS D 158 0.95 -53.95 6.10
CA LYS D 158 0.73 -52.59 6.67
C LYS D 158 1.96 -51.72 6.34
N GLY D 159 1.71 -50.45 6.00
CA GLY D 159 2.73 -49.50 5.55
C GLY D 159 3.48 -48.95 6.73
N ILE D 160 4.77 -48.68 6.54
CA ILE D 160 5.64 -48.08 7.59
C ILE D 160 6.37 -46.89 7.01
N SER D 161 6.95 -46.08 7.88
CA SER D 161 7.75 -44.88 7.54
C SER D 161 8.99 -44.83 8.42
N LEU D 162 10.16 -44.63 7.81
CA LEU D 162 11.48 -44.49 8.49
C LEU D 162 11.97 -43.04 8.36
N PRO D 163 11.41 -42.08 9.14
CA PRO D 163 11.67 -40.67 8.90
C PRO D 163 13.17 -40.39 8.94
N GLY D 164 13.67 -39.68 7.92
CA GLY D 164 15.04 -39.14 7.88
C GLY D 164 16.05 -40.18 7.46
N MET D 165 15.69 -41.47 7.51
CA MET D 165 16.47 -42.57 6.89
C MET D 165 16.46 -42.36 5.38
N ASN D 166 17.64 -42.40 4.74
CA ASN D 166 17.77 -42.19 3.29
C ASN D 166 17.36 -43.47 2.59
N VAL D 167 16.24 -43.43 1.86
CA VAL D 167 15.65 -44.63 1.21
C VAL D 167 16.05 -44.61 -0.26
N THR D 168 16.79 -45.61 -0.71
CA THR D 168 17.14 -45.82 -2.12
C THR D 168 16.08 -46.73 -2.75
N ALA D 169 15.27 -46.19 -3.64
CA ALA D 169 14.17 -46.92 -4.31
C ALA D 169 13.75 -46.16 -5.55
N PRO D 170 13.61 -46.84 -6.70
CA PRO D 170 13.23 -46.16 -7.94
C PRO D 170 11.90 -45.41 -7.80
N ALA D 171 11.79 -44.25 -8.48
CA ALA D 171 10.63 -43.33 -8.46
C ALA D 171 9.38 -44.10 -8.87
N LEU D 172 9.52 -44.96 -9.90
CA LEU D 172 8.47 -45.89 -10.35
C LEU D 172 8.91 -47.33 -10.07
N SER D 173 8.16 -48.05 -9.24
CA SER D 173 8.32 -49.50 -8.99
C SER D 173 7.77 -50.28 -10.19
N GLU D 174 8.18 -51.51 -10.36
CA GLU D 174 7.70 -52.35 -11.47
C GLU D 174 6.16 -52.41 -11.41
N LYS D 175 5.58 -52.47 -10.21
CA LYS D 175 4.11 -52.55 -10.01
C LYS D 175 3.45 -51.26 -10.47
N ASP D 176 4.08 -50.12 -10.20
CA ASP D 176 3.58 -48.79 -10.60
C ASP D 176 3.48 -48.70 -12.13
N ILE D 177 4.49 -49.21 -12.84
CA ILE D 177 4.60 -49.16 -14.32
C ILE D 177 3.42 -49.93 -14.93
N GLU D 178 3.04 -51.06 -14.34
CA GLU D 178 1.90 -51.89 -14.79
C GLU D 178 0.59 -51.21 -14.44
N ASP D 179 0.52 -50.56 -13.29
CA ASP D 179 -0.68 -49.80 -12.85
C ASP D 179 -0.83 -48.58 -13.77
N LEU D 180 0.28 -47.97 -14.17
CA LEU D 180 0.28 -46.78 -15.04
C LEU D 180 -0.19 -47.20 -16.43
N THR D 181 0.40 -48.27 -17.00
CA THR D 181 -0.02 -48.87 -18.27
C THR D 181 -1.53 -49.14 -18.23
N PHE D 182 -2.00 -49.87 -17.22
CA PHE D 182 -3.43 -50.29 -17.07
C PHE D 182 -4.31 -49.07 -17.12
N ALA D 183 -3.88 -48.01 -16.43
CA ALA D 183 -4.64 -46.76 -16.16
C ALA D 183 -4.74 -45.91 -17.43
N LEU D 184 -3.63 -45.80 -18.18
CA LEU D 184 -3.55 -45.09 -19.48
C LEU D 184 -4.49 -45.78 -20.51
N ASN D 185 -4.50 -47.11 -20.57
CA ASN D 185 -5.36 -47.88 -21.50
C ASN D 185 -6.83 -47.77 -21.05
N LEU D 186 -7.08 -47.71 -19.75
CA LEU D 186 -8.44 -47.66 -19.19
C LEU D 186 -9.09 -46.31 -19.56
N GLY D 187 -8.29 -45.23 -19.65
CA GLY D 187 -8.72 -43.90 -20.11
C GLY D 187 -8.71 -42.83 -18.99
N VAL D 188 -7.96 -43.03 -17.90
CA VAL D 188 -7.84 -42.03 -16.78
C VAL D 188 -7.35 -40.72 -17.37
N ASP D 189 -7.68 -39.62 -16.71
CA ASP D 189 -7.49 -38.25 -17.22
C ASP D 189 -6.21 -37.66 -16.64
N MET D 190 -5.79 -38.13 -15.45
CA MET D 190 -4.58 -37.61 -14.74
C MET D 190 -3.93 -38.74 -13.95
N VAL D 191 -2.64 -38.60 -13.66
CA VAL D 191 -1.84 -39.61 -12.92
C VAL D 191 -1.14 -38.89 -11.76
N ALA D 192 -1.24 -39.46 -10.55
CA ALA D 192 -0.57 -38.94 -9.33
C ALA D 192 0.55 -39.89 -8.94
N LEU D 193 1.73 -39.37 -8.68
CA LEU D 193 2.89 -40.18 -8.28
C LEU D 193 3.22 -39.94 -6.80
N SER D 194 3.18 -40.99 -5.99
CA SER D 194 3.55 -40.99 -4.56
C SER D 194 5.06 -40.83 -4.41
N PHE D 195 5.48 -40.09 -3.38
CA PHE D 195 6.84 -40.03 -2.84
C PHE D 195 7.79 -39.46 -3.87
N VAL D 196 7.35 -38.47 -4.62
CA VAL D 196 8.24 -37.67 -5.51
C VAL D 196 9.30 -37.03 -4.61
N ARG D 197 10.57 -37.00 -5.05
CA ARG D 197 11.66 -36.31 -4.30
C ARG D 197 12.67 -35.63 -5.25
N SER D 198 12.37 -35.58 -6.55
CA SER D 198 13.20 -34.88 -7.56
C SER D 198 12.33 -34.42 -8.72
N PRO D 199 12.69 -33.29 -9.38
CA PRO D 199 11.96 -32.84 -10.57
C PRO D 199 12.07 -33.84 -11.74
N ALA D 200 13.10 -34.68 -11.76
CA ALA D 200 13.40 -35.63 -12.86
C ALA D 200 12.49 -36.86 -12.77
N ASP D 201 11.78 -37.03 -11.65
CA ASP D 201 10.90 -38.19 -11.40
C ASP D 201 9.80 -38.23 -12.48
N VAL D 202 9.46 -37.06 -13.03
CA VAL D 202 8.40 -36.91 -14.07
C VAL D 202 8.91 -37.46 -15.42
N GLU D 203 10.22 -37.38 -15.67
CA GLU D 203 10.85 -37.90 -16.91
C GLU D 203 10.54 -39.41 -17.03
N LEU D 204 10.64 -40.16 -15.94
CA LEU D 204 10.42 -41.63 -15.91
C LEU D 204 8.93 -41.95 -16.14
N VAL D 205 8.03 -41.16 -15.59
CA VAL D 205 6.56 -41.28 -15.84
C VAL D 205 6.32 -41.05 -17.33
N HIS D 206 6.88 -39.98 -17.89
CA HIS D 206 6.73 -39.56 -19.31
C HIS D 206 7.25 -40.69 -20.23
N GLU D 207 8.44 -41.22 -19.92
CA GLU D 207 9.09 -42.34 -20.66
C GLU D 207 8.05 -43.44 -20.91
N VAL D 208 7.36 -43.88 -19.86
CA VAL D 208 6.34 -44.97 -19.90
C VAL D 208 5.17 -44.51 -20.79
N MET D 209 4.70 -43.29 -20.57
CA MET D 209 3.59 -42.68 -21.32
C MET D 209 3.93 -42.69 -22.81
N ASP D 210 5.17 -42.38 -23.17
CA ASP D 210 5.62 -42.27 -24.59
C ASP D 210 5.61 -43.69 -25.24
N ARG D 211 6.19 -44.69 -24.58
CA ARG D 211 6.10 -46.12 -25.00
C ARG D 211 4.64 -46.46 -25.34
N ILE D 212 3.71 -46.20 -24.42
CA ILE D 212 2.25 -46.53 -24.56
C ILE D 212 1.57 -45.56 -25.54
N GLY D 213 2.23 -44.45 -25.88
CA GLY D 213 1.73 -43.43 -26.81
C GLY D 213 0.51 -42.72 -26.27
N ARG D 214 0.53 -42.36 -24.98
CA ARG D 214 -0.56 -41.60 -24.29
C ARG D 214 0.02 -40.88 -23.07
N ARG D 215 0.02 -39.54 -23.11
CA ARG D 215 0.39 -38.64 -21.98
C ARG D 215 -0.86 -38.07 -21.35
N VAL D 216 -0.93 -38.07 -20.02
CA VAL D 216 -1.91 -37.29 -19.23
C VAL D 216 -1.15 -36.41 -18.24
N PRO D 217 -1.81 -35.36 -17.67
CA PRO D 217 -1.20 -34.55 -16.62
C PRO D 217 -0.72 -35.38 -15.42
N VAL D 218 0.52 -35.11 -14.96
CA VAL D 218 1.21 -35.85 -13.87
C VAL D 218 1.21 -35.01 -12.61
N ILE D 219 0.54 -35.48 -11.57
CA ILE D 219 0.47 -34.80 -10.26
C ILE D 219 1.61 -35.33 -9.38
N ALA D 220 2.49 -34.43 -8.94
CA ALA D 220 3.50 -34.71 -7.90
C ALA D 220 2.81 -34.65 -6.53
N LYS D 221 2.76 -35.78 -5.84
CA LYS D 221 2.34 -35.87 -4.43
C LYS D 221 3.54 -35.49 -3.54
N LEU D 222 3.36 -34.44 -2.74
CA LEU D 222 4.38 -33.90 -1.81
C LEU D 222 4.24 -34.57 -0.46
N GLU D 223 5.17 -35.44 -0.11
CA GLU D 223 5.12 -36.20 1.16
C GLU D 223 6.53 -36.64 1.57
N LYS D 224 7.56 -35.92 1.14
CA LYS D 224 8.99 -36.22 1.46
C LYS D 224 9.74 -34.91 1.65
N PRO D 225 10.71 -34.83 2.59
CA PRO D 225 11.56 -33.65 2.72
C PRO D 225 12.19 -33.25 1.36
N GLU D 226 12.72 -34.20 0.60
CA GLU D 226 13.41 -33.91 -0.69
C GLU D 226 12.45 -33.15 -1.61
N ALA D 227 11.15 -33.45 -1.53
CA ALA D 227 10.08 -32.80 -2.34
C ALA D 227 9.99 -31.31 -1.98
N ILE D 228 9.95 -30.99 -0.70
CA ILE D 228 9.77 -29.61 -0.20
C ILE D 228 11.06 -28.83 -0.43
N ASP D 229 12.21 -29.49 -0.24
CA ASP D 229 13.55 -28.90 -0.51
C ASP D 229 13.61 -28.48 -1.99
N ASN D 230 12.89 -29.19 -2.86
CA ASN D 230 12.91 -28.97 -4.35
C ASN D 230 11.53 -28.53 -4.84
N LEU D 231 10.75 -27.88 -3.98
CA LEU D 231 9.33 -27.60 -4.25
C LEU D 231 9.20 -26.89 -5.60
N GLU D 232 9.99 -25.85 -5.84
CA GLU D 232 9.86 -24.96 -7.01
C GLU D 232 10.09 -25.78 -8.29
N ALA D 233 11.23 -26.44 -8.38
CA ALA D 233 11.68 -27.23 -9.55
C ALA D 233 10.60 -28.26 -9.87
N ILE D 234 10.08 -28.95 -8.83
CA ILE D 234 9.04 -30.01 -8.96
C ILE D 234 7.75 -29.40 -9.52
N VAL D 235 7.30 -28.28 -8.95
CA VAL D 235 6.04 -27.59 -9.36
C VAL D 235 6.15 -27.17 -10.84
N LEU D 236 7.37 -26.94 -11.34
CA LEU D 236 7.61 -26.48 -12.73
C LEU D 236 7.68 -27.68 -13.68
N ALA D 237 8.26 -28.81 -13.25
CA ALA D 237 8.44 -30.03 -14.08
C ALA D 237 7.14 -30.82 -14.15
N PHE D 238 6.35 -30.82 -13.08
CA PHE D 238 5.06 -31.55 -12.97
C PHE D 238 3.92 -30.61 -13.36
N ASP D 239 2.72 -31.16 -13.60
CA ASP D 239 1.55 -30.43 -14.14
C ASP D 239 0.64 -30.00 -12.99
N ALA D 240 0.70 -30.68 -11.87
CA ALA D 240 0.00 -30.28 -10.65
C ALA D 240 0.75 -30.83 -9.43
N VAL D 241 0.32 -30.43 -8.25
CA VAL D 241 0.87 -30.97 -6.98
C VAL D 241 -0.26 -31.27 -6.02
N MET D 242 -0.07 -32.30 -5.21
CA MET D 242 -0.92 -32.69 -4.08
C MET D 242 -0.09 -32.56 -2.79
N VAL D 243 -0.58 -31.80 -1.82
CA VAL D 243 -0.04 -31.79 -0.44
C VAL D 243 -0.60 -33.02 0.25
N ALA D 244 0.19 -34.08 0.27
CA ALA D 244 -0.18 -35.43 0.77
C ALA D 244 0.19 -35.54 2.25
N ARG D 245 -0.70 -35.10 3.12
CA ARG D 245 -0.38 -34.65 4.50
C ARG D 245 -0.20 -35.86 5.43
N GLY D 246 -0.86 -36.98 5.13
CA GLY D 246 -0.68 -38.26 5.82
C GLY D 246 0.78 -38.63 5.94
N ASP D 247 1.44 -38.90 4.81
CA ASP D 247 2.86 -39.34 4.78
C ASP D 247 3.76 -38.14 5.09
N LEU D 248 3.37 -36.96 4.64
CA LEU D 248 4.18 -35.73 4.85
C LEU D 248 4.32 -35.47 6.34
N GLY D 249 3.28 -35.80 7.10
CA GLY D 249 3.18 -35.54 8.53
C GLY D 249 3.87 -36.61 9.37
N VAL D 250 4.47 -37.64 8.76
CA VAL D 250 5.36 -38.62 9.48
C VAL D 250 6.78 -38.48 8.94
N GLU D 251 6.95 -38.08 7.68
CA GLU D 251 8.26 -37.92 7.00
C GLU D 251 8.88 -36.58 7.38
N LEU D 252 8.03 -35.63 7.73
CA LEU D 252 8.41 -34.34 8.39
C LEU D 252 7.77 -34.30 9.76
N PRO D 253 8.27 -33.46 10.70
CA PRO D 253 7.54 -33.15 11.93
C PRO D 253 6.11 -32.69 11.60
N LEU D 254 5.12 -33.27 12.26
CA LEU D 254 3.70 -33.02 11.90
C LEU D 254 3.38 -31.54 12.10
N GLU D 255 4.15 -30.87 12.94
CA GLU D 255 3.94 -29.44 13.29
C GLU D 255 4.49 -28.55 12.15
N GLU D 256 5.25 -29.11 11.19
CA GLU D 256 5.85 -28.36 10.05
C GLU D 256 4.85 -28.31 8.87
N VAL D 257 3.87 -29.21 8.86
CA VAL D 257 3.01 -29.47 7.66
C VAL D 257 2.17 -28.23 7.36
N PRO D 258 1.50 -27.62 8.35
CA PRO D 258 0.63 -26.47 8.09
C PRO D 258 1.26 -25.39 7.19
N LEU D 259 2.52 -25.07 7.40
CA LEU D 259 3.19 -23.96 6.68
C LEU D 259 3.73 -24.48 5.34
N VAL D 260 4.04 -25.77 5.25
CA VAL D 260 4.50 -26.41 3.98
C VAL D 260 3.31 -26.41 3.02
N GLN D 261 2.13 -26.77 3.52
CA GLN D 261 0.86 -26.70 2.77
C GLN D 261 0.73 -25.30 2.19
N LYS D 262 0.80 -24.30 3.04
CA LYS D 262 0.54 -22.89 2.65
C LYS D 262 1.53 -22.48 1.58
N ARG D 263 2.79 -22.84 1.75
N ARG D 263 2.81 -22.81 1.76
CA ARG D 263 3.92 -22.43 0.86
CA ARG D 263 3.92 -22.43 0.85
C ARG D 263 3.81 -23.19 -0.48
C ARG D 263 3.80 -23.18 -0.49
N ALA D 264 3.22 -24.38 -0.47
CA ALA D 264 3.12 -25.25 -1.65
C ALA D 264 1.93 -24.82 -2.49
N ILE D 265 0.85 -24.37 -1.85
CA ILE D 265 -0.34 -23.82 -2.53
C ILE D 265 0.07 -22.54 -3.25
N GLN D 266 0.81 -21.68 -2.57
CA GLN D 266 1.27 -20.37 -3.09
C GLN D 266 2.19 -20.61 -4.30
N MET D 267 3.04 -21.63 -4.23
CA MET D 267 3.99 -22.00 -5.30
C MET D 267 3.23 -22.51 -6.53
N ALA D 268 2.24 -23.38 -6.32
CA ALA D 268 1.36 -23.90 -7.37
C ALA D 268 0.74 -22.72 -8.11
N ARG D 269 0.09 -21.82 -7.39
CA ARG D 269 -0.72 -20.71 -7.98
C ARG D 269 0.19 -19.73 -8.73
N GLU D 270 1.40 -19.46 -8.22
CA GLU D 270 2.36 -18.54 -8.86
C GLU D 270 2.69 -19.06 -10.27
N ASN D 271 2.65 -20.37 -10.48
CA ASN D 271 3.12 -21.05 -11.72
C ASN D 271 1.90 -21.64 -12.47
N ALA D 272 0.69 -21.30 -12.00
CA ALA D 272 -0.61 -21.62 -12.63
C ALA D 272 -0.76 -23.14 -12.71
N LYS D 273 -0.40 -23.85 -11.65
CA LYS D 273 -0.60 -25.33 -11.56
C LYS D 273 -1.65 -25.61 -10.51
N PRO D 274 -2.51 -26.61 -10.77
CA PRO D 274 -3.43 -27.11 -9.78
C PRO D 274 -2.71 -27.63 -8.52
N VAL D 275 -3.29 -27.35 -7.35
CA VAL D 275 -2.85 -27.94 -6.07
C VAL D 275 -4.06 -28.55 -5.40
N ILE D 276 -3.92 -29.81 -5.01
CA ILE D 276 -4.89 -30.54 -4.14
C ILE D 276 -4.32 -30.55 -2.72
N VAL D 277 -5.19 -30.34 -1.72
CA VAL D 277 -4.84 -30.59 -0.30
C VAL D 277 -5.51 -31.88 0.14
N ALA D 278 -4.77 -32.80 0.72
CA ALA D 278 -5.21 -34.20 0.91
C ALA D 278 -5.01 -34.68 2.35
N THR D 279 -5.98 -35.46 2.83
CA THR D 279 -5.83 -36.52 3.86
C THR D 279 -6.23 -35.95 5.23
N GLN D 280 -7.29 -36.53 5.81
CA GLN D 280 -7.76 -36.35 7.22
C GLN D 280 -8.44 -34.99 7.40
N MET D 281 -8.83 -34.36 6.31
CA MET D 281 -9.55 -33.06 6.35
C MET D 281 -10.82 -33.23 7.17
N LEU D 282 -11.49 -34.37 7.05
CA LEU D 282 -12.72 -34.68 7.81
C LEU D 282 -12.60 -36.11 8.38
N ASP D 283 -11.41 -36.47 8.87
CA ASP D 283 -11.06 -37.86 9.28
C ASP D 283 -12.20 -38.48 10.11
N SER D 284 -12.76 -37.72 11.06
CA SER D 284 -13.71 -38.23 12.10
C SER D 284 -15.03 -38.64 11.46
N MET D 285 -15.27 -38.26 10.19
CA MET D 285 -16.55 -38.57 9.48
C MET D 285 -16.50 -39.99 8.90
N ILE D 286 -15.36 -40.66 9.00
CA ILE D 286 -15.26 -42.13 8.79
C ILE D 286 -16.20 -42.83 9.76
N GLU D 287 -16.32 -42.33 11.00
CA GLU D 287 -17.09 -42.97 12.08
C GLU D 287 -18.35 -42.16 12.41
N ASN D 288 -18.35 -40.85 12.14
CA ASN D 288 -19.34 -39.89 12.69
C ASN D 288 -19.97 -39.08 11.55
N SER D 289 -21.23 -38.65 11.75
CA SER D 289 -22.07 -37.99 10.72
C SER D 289 -21.73 -36.50 10.62
N ARG D 290 -21.11 -35.94 11.65
CA ARG D 290 -20.58 -34.55 11.68
C ARG D 290 -19.09 -34.60 11.98
N PRO D 291 -18.32 -33.63 11.48
CA PRO D 291 -16.88 -33.57 11.76
C PRO D 291 -16.54 -32.85 13.08
N THR D 292 -15.27 -32.76 13.40
CA THR D 292 -14.75 -31.97 14.55
C THR D 292 -14.66 -30.50 14.14
N ARG D 293 -14.56 -29.62 15.11
CA ARG D 293 -14.42 -28.17 14.89
C ARG D 293 -13.08 -27.92 14.19
N ALA D 294 -12.06 -28.72 14.53
CA ALA D 294 -10.73 -28.69 13.89
C ALA D 294 -10.86 -29.01 12.42
N GLU D 295 -11.66 -30.02 12.10
CA GLU D 295 -11.84 -30.51 10.73
C GLU D 295 -12.54 -29.44 9.89
N ALA D 296 -13.68 -28.95 10.36
CA ALA D 296 -14.38 -27.82 9.73
C ALA D 296 -13.37 -26.69 9.46
N SER D 297 -12.56 -26.32 10.45
CA SER D 297 -11.53 -25.24 10.36
C SER D 297 -10.52 -25.59 9.28
N ASP D 298 -10.07 -26.84 9.25
CA ASP D 298 -8.97 -27.28 8.36
C ASP D 298 -9.39 -27.05 6.91
N VAL D 299 -10.63 -27.39 6.60
CA VAL D 299 -11.23 -27.27 5.24
C VAL D 299 -11.36 -25.77 4.88
N ALA D 300 -11.96 -24.96 5.76
CA ALA D 300 -12.14 -23.50 5.55
C ALA D 300 -10.78 -22.85 5.27
N ASN D 301 -9.74 -23.28 5.97
CA ASN D 301 -8.39 -22.64 5.92
C ASN D 301 -7.68 -23.08 4.62
N ALA D 302 -7.89 -24.31 4.15
CA ALA D 302 -7.42 -24.80 2.83
C ALA D 302 -8.00 -23.92 1.72
N VAL D 303 -9.26 -23.51 1.86
CA VAL D 303 -9.95 -22.60 0.89
C VAL D 303 -9.25 -21.25 0.90
N LEU D 304 -9.06 -20.63 2.08
CA LEU D 304 -8.49 -19.25 2.21
C LEU D 304 -7.01 -19.28 1.83
N ASP D 305 -6.35 -20.43 2.00
CA ASP D 305 -4.95 -20.68 1.58
C ASP D 305 -4.84 -20.54 0.06
N GLY D 306 -5.88 -20.96 -0.68
CA GLY D 306 -5.99 -20.79 -2.14
C GLY D 306 -5.93 -22.12 -2.88
N ALA D 307 -6.25 -23.21 -2.20
CA ALA D 307 -6.24 -24.58 -2.76
C ALA D 307 -7.24 -24.67 -3.92
N ASP D 308 -6.81 -25.20 -5.06
CA ASP D 308 -7.69 -25.51 -6.20
C ASP D 308 -8.75 -26.52 -5.69
N ALA D 309 -8.31 -27.56 -4.98
CA ALA D 309 -9.14 -28.72 -4.65
C ALA D 309 -8.77 -29.29 -3.26
N LEU D 310 -9.80 -29.71 -2.51
CA LEU D 310 -9.68 -30.49 -1.25
C LEU D 310 -10.04 -31.94 -1.53
N MET D 311 -9.38 -32.88 -0.85
CA MET D 311 -9.55 -34.33 -1.12
C MET D 311 -10.11 -35.02 0.12
N LEU D 312 -10.87 -36.06 -0.09
CA LEU D 312 -11.31 -37.01 0.93
C LEU D 312 -10.69 -38.35 0.62
N SER D 313 -10.09 -39.01 1.60
CA SER D 313 -9.42 -40.30 1.39
C SER D 313 -10.29 -41.41 1.97
N GLY D 314 -10.10 -41.75 3.24
CA GLY D 314 -10.88 -42.78 3.92
C GLY D 314 -12.32 -42.34 4.14
N GLU D 315 -12.59 -41.04 4.12
CA GLU D 315 -13.94 -40.50 4.35
C GLU D 315 -14.90 -41.10 3.32
N THR D 316 -14.44 -41.31 2.08
CA THR D 316 -15.30 -41.82 0.97
C THR D 316 -14.93 -43.26 0.65
N SER D 317 -13.66 -43.63 0.77
CA SER D 317 -13.12 -44.95 0.33
C SER D 317 -13.65 -46.08 1.22
N VAL D 318 -13.59 -45.94 2.55
CA VAL D 318 -13.97 -47.03 3.50
C VAL D 318 -14.95 -46.53 4.56
N GLY D 319 -15.30 -45.25 4.53
CA GLY D 319 -16.05 -44.58 5.62
C GLY D 319 -17.52 -44.99 5.66
N LYS D 320 -18.22 -44.57 6.69
CA LYS D 320 -19.64 -44.90 6.93
C LYS D 320 -20.52 -43.81 6.34
N TYR D 321 -19.96 -42.66 6.04
CA TYR D 321 -20.72 -41.47 5.58
C TYR D 321 -20.00 -40.80 4.42
N PRO D 322 -19.78 -41.53 3.31
CA PRO D 322 -19.04 -40.99 2.18
C PRO D 322 -19.79 -39.79 1.58
N LEU D 323 -21.11 -39.91 1.57
CA LEU D 323 -22.03 -38.91 1.01
C LEU D 323 -22.02 -37.66 1.90
N ALA D 324 -22.29 -37.83 3.19
CA ALA D 324 -22.29 -36.74 4.19
C ALA D 324 -20.93 -36.01 4.14
N ALA D 325 -19.85 -36.76 3.95
CA ALA D 325 -18.48 -36.22 3.92
C ALA D 325 -18.36 -35.23 2.77
N VAL D 326 -18.82 -35.61 1.58
CA VAL D 326 -18.78 -34.76 0.36
C VAL D 326 -19.73 -33.56 0.59
N ARG D 327 -20.96 -33.82 1.00
CA ARG D 327 -21.95 -32.75 1.27
C ARG D 327 -21.37 -31.78 2.29
N THR D 328 -20.80 -32.28 3.39
CA THR D 328 -20.28 -31.45 4.50
C THR D 328 -19.11 -30.60 3.97
N MET D 329 -18.17 -31.22 3.26
CA MET D 329 -17.01 -30.50 2.69
C MET D 329 -17.55 -29.39 1.79
N SER D 330 -18.60 -29.66 1.03
CA SER D 330 -19.21 -28.70 0.08
C SER D 330 -19.80 -27.51 0.84
N ARG D 331 -20.56 -27.75 1.91
CA ARG D 331 -21.19 -26.68 2.71
C ARG D 331 -20.09 -25.75 3.23
N ILE D 332 -19.00 -26.30 3.78
CA ILE D 332 -17.90 -25.51 4.39
C ILE D 332 -17.28 -24.61 3.32
N ILE D 333 -16.89 -25.17 2.20
CA ILE D 333 -16.28 -24.39 1.10
C ILE D 333 -17.24 -23.25 0.72
N CYS D 334 -18.52 -23.55 0.58
CA CYS D 334 -19.56 -22.61 0.12
C CYS D 334 -19.69 -21.49 1.16
N ALA D 335 -19.70 -21.85 2.45
CA ALA D 335 -19.77 -20.88 3.57
C ALA D 335 -18.66 -19.85 3.41
N VAL D 336 -17.43 -20.30 3.16
CA VAL D 336 -16.23 -19.42 3.07
C VAL D 336 -16.38 -18.50 1.84
N GLU D 337 -16.72 -19.05 0.69
CA GLU D 337 -16.74 -18.33 -0.62
C GLU D 337 -17.90 -17.30 -0.65
N GLU D 338 -19.04 -17.60 0.00
CA GLU D 338 -20.16 -16.64 0.21
C GLU D 338 -19.59 -15.35 0.78
N ASN D 339 -18.77 -15.47 1.81
CA ASN D 339 -18.10 -14.33 2.48
C ASN D 339 -17.14 -13.66 1.49
N SER D 340 -16.21 -14.44 0.91
CA SER D 340 -15.20 -13.95 -0.08
C SER D 340 -14.51 -15.13 -0.75
N THR D 341 -14.23 -15.00 -2.05
CA THR D 341 -13.49 -16.00 -2.87
C THR D 341 -12.02 -15.61 -2.89
N ALA D 342 -11.68 -14.45 -2.30
CA ALA D 342 -10.32 -13.83 -2.31
C ALA D 342 -9.25 -14.84 -1.87
N ALA D 343 -8.10 -14.81 -2.53
CA ALA D 343 -6.91 -15.65 -2.28
C ALA D 343 -5.72 -14.77 -1.94
N PRO D 344 -4.68 -15.32 -1.28
CA PRO D 344 -3.46 -14.57 -1.03
C PRO D 344 -2.88 -14.04 -2.34
N PRO D 345 -2.62 -12.74 -2.45
CA PRO D 345 -2.10 -12.18 -3.70
C PRO D 345 -0.84 -12.92 -4.20
N LEU D 346 -0.58 -12.88 -5.50
CA LEU D 346 0.68 -13.40 -6.11
C LEU D 346 1.81 -12.41 -5.82
N THR D 347 3.03 -12.90 -5.64
CA THR D 347 4.22 -12.08 -5.25
C THR D 347 4.99 -11.66 -6.50
N HIS D 348 4.39 -11.80 -7.68
CA HIS D 348 4.97 -11.36 -8.97
C HIS D 348 3.86 -10.86 -9.91
N ILE D 349 4.13 -9.78 -10.63
CA ILE D 349 3.32 -9.34 -11.81
C ILE D 349 3.54 -10.35 -12.92
N PRO D 350 2.45 -10.87 -13.51
CA PRO D 350 2.57 -11.81 -14.63
C PRO D 350 3.50 -11.26 -15.75
N ARG D 351 4.29 -12.16 -16.38
CA ARG D 351 5.25 -11.83 -17.47
C ARG D 351 4.86 -12.55 -18.80
N THR D 352 4.23 -13.72 -18.73
CA THR D 352 3.87 -14.54 -19.92
C THR D 352 2.59 -13.99 -20.53
N LYS D 353 2.50 -14.05 -21.86
CA LYS D 353 1.39 -13.48 -22.64
C LYS D 353 0.06 -13.93 -22.03
N ARG D 354 -0.05 -15.20 -21.68
CA ARG D 354 -1.34 -15.81 -21.24
C ARG D 354 -1.68 -15.33 -19.83
N GLY D 355 -0.65 -15.19 -18.96
CA GLY D 355 -0.80 -14.63 -17.60
C GLY D 355 -1.31 -13.19 -17.64
N VAL D 356 -0.62 -12.33 -18.40
CA VAL D 356 -0.92 -10.89 -18.52
C VAL D 356 -2.36 -10.71 -19.00
N ILE D 357 -2.78 -11.48 -20.00
CA ILE D 357 -4.08 -11.32 -20.69
C ILE D 357 -5.19 -11.82 -19.78
N SER D 358 -4.98 -12.93 -19.10
CA SER D 358 -5.98 -13.53 -18.17
C SER D 358 -6.15 -12.61 -16.96
N TYR D 359 -5.06 -12.00 -16.50
CA TYR D 359 -5.09 -11.01 -15.40
C TYR D 359 -5.96 -9.83 -15.85
N ALA D 360 -5.66 -9.27 -17.02
CA ALA D 360 -6.42 -8.16 -17.65
C ALA D 360 -7.89 -8.57 -17.80
N ALA D 361 -8.16 -9.80 -18.24
CA ALA D 361 -9.53 -10.29 -18.49
C ALA D 361 -10.33 -10.22 -17.19
N ARG D 362 -9.76 -10.72 -16.10
CA ARG D 362 -10.37 -10.65 -14.75
C ARG D 362 -10.72 -9.21 -14.44
N ASP D 363 -9.79 -8.29 -14.68
CA ASP D 363 -9.93 -6.85 -14.33
C ASP D 363 -11.17 -6.33 -15.01
N ILE D 364 -11.27 -6.54 -16.32
CA ILE D 364 -12.35 -5.97 -17.18
C ILE D 364 -13.70 -6.56 -16.72
N GLY D 365 -13.75 -7.88 -16.56
CA GLY D 365 -14.94 -8.58 -16.06
C GLY D 365 -15.46 -7.95 -14.79
N GLU D 366 -14.63 -7.84 -13.78
CA GLU D 366 -15.06 -7.49 -12.40
C GLU D 366 -15.51 -6.05 -12.40
N ARG D 367 -14.75 -5.18 -13.07
CA ARG D 367 -14.97 -3.72 -13.13
C ARG D 367 -16.26 -3.41 -13.90
N LEU D 368 -16.65 -4.26 -14.86
CA LEU D 368 -17.83 -4.04 -15.71
C LEU D 368 -19.01 -4.90 -15.23
N ASP D 369 -18.82 -5.61 -14.11
CA ASP D 369 -19.88 -6.42 -13.46
C ASP D 369 -20.43 -7.39 -14.50
N ALA D 370 -19.55 -7.99 -15.27
CA ALA D 370 -19.87 -9.01 -16.29
C ALA D 370 -20.52 -10.19 -15.59
N LYS D 371 -21.27 -11.00 -16.35
CA LYS D 371 -22.02 -12.18 -15.83
C LYS D 371 -21.11 -13.40 -15.83
N ALA D 372 -20.05 -13.37 -16.63
CA ALA D 372 -19.11 -14.50 -16.81
C ALA D 372 -17.79 -14.05 -17.45
N LEU D 373 -16.70 -14.70 -17.06
CA LEU D 373 -15.43 -14.74 -17.80
C LEU D 373 -15.38 -16.03 -18.61
N VAL D 374 -15.05 -15.93 -19.88
CA VAL D 374 -14.99 -17.08 -20.81
C VAL D 374 -13.59 -17.11 -21.38
N ALA D 375 -12.91 -18.23 -21.28
CA ALA D 375 -11.60 -18.42 -21.93
C ALA D 375 -11.61 -19.66 -22.81
N PHE D 376 -11.09 -19.52 -24.03
CA PHE D 376 -10.85 -20.61 -24.99
C PHE D 376 -9.45 -21.16 -24.72
N THR D 377 -9.33 -22.48 -24.61
CA THR D 377 -8.11 -23.16 -24.18
C THR D 377 -8.01 -24.56 -24.83
N GLN D 378 -6.82 -24.87 -25.32
CA GLN D 378 -6.46 -26.17 -25.95
C GLN D 378 -5.83 -27.09 -24.91
N SER D 379 -4.94 -26.56 -24.06
CA SER D 379 -4.22 -27.32 -23.01
C SER D 379 -4.82 -27.00 -21.63
N GLY D 380 -5.65 -25.97 -21.53
CA GLY D 380 -6.22 -25.48 -20.25
C GLY D 380 -5.35 -24.39 -19.60
N ASP D 381 -4.16 -24.13 -20.17
CA ASP D 381 -3.15 -23.18 -19.61
C ASP D 381 -3.76 -21.81 -19.42
N THR D 382 -4.33 -21.23 -20.47
CA THR D 382 -4.92 -19.86 -20.43
C THR D 382 -5.97 -19.78 -19.31
N VAL D 383 -6.76 -20.84 -19.13
CA VAL D 383 -7.84 -20.91 -18.12
C VAL D 383 -7.21 -20.93 -16.74
N ARG D 384 -6.08 -21.62 -16.60
CA ARG D 384 -5.49 -21.92 -15.28
C ARG D 384 -4.82 -20.65 -14.73
N ARG D 385 -4.44 -19.72 -15.61
CA ARG D 385 -3.82 -18.43 -15.22
C ARG D 385 -4.92 -17.46 -14.77
N LEU D 386 -6.17 -17.71 -15.15
CA LEU D 386 -7.34 -16.93 -14.66
C LEU D 386 -7.86 -17.55 -13.35
N ALA D 387 -7.84 -18.88 -13.22
CA ALA D 387 -8.40 -19.63 -12.06
C ALA D 387 -7.64 -19.24 -10.80
N ARG D 388 -6.31 -19.27 -10.87
CA ARG D 388 -5.40 -19.05 -9.74
C ARG D 388 -5.69 -17.68 -9.11
N LEU D 389 -6.33 -16.76 -9.84
CA LEU D 389 -6.58 -15.37 -9.40
C LEU D 389 -7.79 -15.33 -8.47
N HIS D 390 -8.69 -16.27 -8.62
CA HIS D 390 -9.88 -16.46 -7.76
C HIS D 390 -10.86 -15.28 -7.89
N THR D 391 -11.46 -15.07 -9.05
CA THR D 391 -12.56 -14.09 -9.19
C THR D 391 -13.88 -14.70 -8.72
N PRO D 392 -14.81 -13.87 -8.18
CA PRO D 392 -16.15 -14.35 -7.82
C PRO D 392 -17.03 -14.56 -9.06
N LEU D 393 -16.59 -14.06 -10.21
CA LEU D 393 -17.29 -14.23 -11.51
C LEU D 393 -17.20 -15.70 -11.92
N PRO D 394 -18.29 -16.29 -12.50
CA PRO D 394 -18.18 -17.59 -13.15
C PRO D 394 -17.02 -17.61 -14.15
N LEU D 395 -16.27 -18.70 -14.17
CA LEU D 395 -15.14 -18.92 -15.11
C LEU D 395 -15.48 -20.12 -15.99
N LEU D 396 -15.70 -19.87 -17.28
CA LEU D 396 -16.20 -20.86 -18.25
C LEU D 396 -15.11 -21.13 -19.30
N ALA D 397 -14.52 -22.31 -19.24
CA ALA D 397 -13.49 -22.79 -20.18
C ALA D 397 -14.18 -23.38 -21.41
N PHE D 398 -13.78 -22.95 -22.59
CA PHE D 398 -14.29 -23.48 -23.86
C PHE D 398 -13.15 -24.17 -24.57
N THR D 399 -13.37 -25.42 -24.98
CA THR D 399 -12.35 -26.31 -25.53
C THR D 399 -13.00 -27.27 -26.53
N ALA D 400 -12.23 -27.79 -27.46
CA ALA D 400 -12.72 -28.81 -28.42
C ALA D 400 -12.27 -30.18 -27.96
N TRP D 401 -11.42 -30.26 -26.93
CA TRP D 401 -10.76 -31.51 -26.47
C TRP D 401 -11.42 -31.99 -25.17
N PRO D 402 -12.28 -33.05 -25.26
CA PRO D 402 -13.10 -33.50 -24.13
C PRO D 402 -12.30 -33.80 -22.88
N GLU D 403 -11.09 -34.35 -23.04
CA GLU D 403 -10.17 -34.71 -21.95
C GLU D 403 -9.86 -33.45 -21.10
N VAL D 404 -9.82 -32.29 -21.73
CA VAL D 404 -9.43 -31.01 -21.09
C VAL D 404 -10.52 -30.62 -20.09
N ARG D 405 -11.77 -30.98 -20.37
CA ARG D 405 -12.92 -30.74 -19.45
C ARG D 405 -12.71 -31.58 -18.18
N SER D 406 -12.25 -32.81 -18.35
CA SER D 406 -11.93 -33.74 -17.23
C SER D 406 -10.69 -33.23 -16.46
N GLN D 407 -9.70 -32.68 -17.16
CA GLN D 407 -8.46 -32.15 -16.57
C GLN D 407 -8.77 -30.89 -15.74
N LEU D 408 -9.67 -30.06 -16.19
CA LEU D 408 -10.00 -28.77 -15.53
C LEU D 408 -11.00 -28.99 -14.41
N ALA D 409 -11.44 -30.23 -14.20
CA ALA D 409 -12.33 -30.59 -13.08
C ALA D 409 -11.63 -30.30 -11.74
N MET D 410 -10.29 -30.26 -11.70
CA MET D 410 -9.53 -30.01 -10.46
C MET D 410 -8.95 -28.59 -10.45
N THR D 411 -9.34 -27.74 -11.39
CA THR D 411 -8.94 -26.31 -11.43
C THR D 411 -10.04 -25.46 -10.79
N TRP D 412 -9.66 -24.53 -9.91
CA TRP D 412 -10.56 -23.70 -9.10
C TRP D 412 -11.61 -23.04 -10.00
N GLY D 413 -12.87 -23.03 -9.57
CA GLY D 413 -13.93 -22.09 -10.00
C GLY D 413 -14.38 -22.32 -11.44
N THR D 414 -13.96 -23.41 -12.05
CA THR D 414 -14.01 -23.59 -13.52
C THR D 414 -15.05 -24.66 -13.90
N GLU D 415 -16.04 -24.24 -14.69
CA GLU D 415 -16.96 -25.10 -15.50
C GLU D 415 -16.44 -25.11 -16.96
N THR D 416 -16.48 -26.24 -17.64
CA THR D 416 -15.92 -26.38 -19.00
C THR D 416 -17.05 -26.73 -19.97
N PHE D 417 -16.89 -26.30 -21.23
CA PHE D 417 -17.87 -26.47 -22.34
C PHE D 417 -17.14 -27.01 -23.56
N ILE D 418 -17.55 -28.18 -24.02
CA ILE D 418 -16.97 -28.79 -25.25
C ILE D 418 -17.71 -28.20 -26.44
N VAL D 419 -16.95 -27.76 -27.44
CA VAL D 419 -17.47 -27.12 -28.68
C VAL D 419 -16.67 -27.64 -29.84
N PRO D 420 -17.24 -27.63 -31.05
CA PRO D 420 -16.49 -27.96 -32.25
C PRO D 420 -15.21 -27.14 -32.33
N LYS D 421 -14.15 -27.69 -32.95
CA LYS D 421 -12.91 -26.95 -33.26
C LYS D 421 -13.25 -25.85 -34.25
N MET D 422 -13.05 -24.58 -33.86
CA MET D 422 -13.42 -23.39 -34.68
C MET D 422 -12.19 -22.96 -35.49
N GLN D 423 -12.41 -22.26 -36.60
CA GLN D 423 -11.33 -21.82 -37.52
C GLN D 423 -11.22 -20.29 -37.50
N SER D 424 -12.01 -19.61 -36.67
CA SER D 424 -12.07 -18.12 -36.56
C SER D 424 -12.39 -17.69 -35.12
N THR D 425 -11.99 -16.48 -34.71
CA THR D 425 -12.35 -15.87 -33.39
C THR D 425 -13.86 -15.59 -33.36
N ASP D 426 -14.44 -15.08 -34.47
CA ASP D 426 -15.90 -14.75 -34.58
C ASP D 426 -16.69 -16.04 -34.40
N GLY D 427 -16.13 -17.17 -34.86
CA GLY D 427 -16.72 -18.49 -34.69
C GLY D 427 -16.77 -18.89 -33.22
N MET D 428 -15.68 -18.67 -32.50
CA MET D 428 -15.57 -18.96 -31.06
C MET D 428 -16.67 -18.19 -30.31
N ILE D 429 -16.89 -16.93 -30.69
CA ILE D 429 -17.86 -16.04 -30.01
C ILE D 429 -19.29 -16.49 -30.32
N ARG D 430 -19.59 -16.89 -31.56
CA ARG D 430 -20.90 -17.48 -31.92
C ARG D 430 -21.14 -18.76 -31.09
N GLN D 431 -20.12 -19.63 -30.97
CA GLN D 431 -20.12 -20.86 -30.13
C GLN D 431 -20.54 -20.50 -28.69
N VAL D 432 -19.89 -19.50 -28.10
CA VAL D 432 -20.16 -19.05 -26.71
C VAL D 432 -21.64 -18.75 -26.59
N ASP D 433 -22.13 -17.80 -27.41
CA ASP D 433 -23.54 -17.37 -27.46
C ASP D 433 -24.44 -18.61 -27.48
N LYS D 434 -24.15 -19.56 -28.37
CA LYS D 434 -24.99 -20.75 -28.62
C LYS D 434 -25.00 -21.61 -27.34
N SER D 435 -23.81 -22.03 -26.87
CA SER D 435 -23.65 -22.89 -25.66
C SER D 435 -24.33 -22.24 -24.47
N LEU D 436 -24.10 -20.94 -24.25
CA LEU D 436 -24.52 -20.24 -23.03
C LEU D 436 -26.04 -20.04 -23.06
N LEU D 437 -26.61 -19.86 -24.22
CA LEU D 437 -28.04 -19.51 -24.31
C LEU D 437 -28.90 -20.74 -24.05
N GLU D 438 -28.31 -21.94 -24.12
CA GLU D 438 -29.00 -23.23 -23.80
C GLU D 438 -29.38 -23.23 -22.31
N LEU D 439 -28.49 -22.74 -21.45
CA LEU D 439 -28.70 -22.63 -19.97
C LEU D 439 -29.72 -21.52 -19.71
N ALA D 440 -30.70 -21.77 -18.83
CA ALA D 440 -31.66 -20.76 -18.32
C ALA D 440 -30.88 -19.51 -17.88
N ARG D 441 -29.81 -19.73 -17.12
CA ARG D 441 -29.07 -18.72 -16.32
C ARG D 441 -28.58 -17.56 -17.23
N TYR D 442 -28.15 -17.83 -18.46
CA TYR D 442 -27.71 -16.77 -19.42
C TYR D 442 -28.85 -16.43 -20.39
N LYS D 443 -29.01 -15.14 -20.70
CA LYS D 443 -30.02 -14.58 -21.65
C LYS D 443 -29.34 -13.62 -22.62
N ARG D 444 -30.03 -13.28 -23.71
N ARG D 444 -30.05 -13.24 -23.69
CA ARG D 444 -29.54 -12.30 -24.72
CA ARG D 444 -29.58 -12.27 -24.71
C ARG D 444 -29.40 -10.93 -24.05
C ARG D 444 -29.41 -10.90 -24.05
N GLY D 445 -28.28 -10.23 -24.32
CA GLY D 445 -27.97 -8.93 -23.72
C GLY D 445 -26.95 -9.03 -22.61
N ASP D 446 -26.97 -10.13 -21.85
CA ASP D 446 -26.02 -10.40 -20.72
C ASP D 446 -24.59 -10.11 -21.18
N LEU D 447 -23.85 -9.39 -20.36
CA LEU D 447 -22.48 -8.91 -20.63
C LEU D 447 -21.50 -10.02 -20.23
N VAL D 448 -20.51 -10.30 -21.07
CA VAL D 448 -19.59 -11.44 -20.89
C VAL D 448 -18.24 -11.05 -21.48
N VAL D 449 -17.14 -11.45 -20.85
CA VAL D 449 -15.76 -11.13 -21.34
C VAL D 449 -15.16 -12.42 -21.88
N ILE D 450 -14.68 -12.41 -23.10
CA ILE D 450 -14.19 -13.61 -23.80
C ILE D 450 -12.70 -13.46 -24.11
N VAL D 451 -11.92 -14.46 -23.72
CA VAL D 451 -10.47 -14.58 -24.02
C VAL D 451 -10.29 -15.63 -25.11
N ALA D 452 -9.52 -15.31 -26.13
CA ALA D 452 -9.36 -16.17 -27.31
C ALA D 452 -8.00 -15.94 -27.94
N GLY D 453 -7.72 -16.71 -28.99
CA GLY D 453 -6.41 -16.74 -29.65
C GLY D 453 -6.54 -17.00 -31.13
N ALA D 454 -5.46 -16.76 -31.85
CA ALA D 454 -5.32 -17.02 -33.28
C ALA D 454 -3.83 -17.14 -33.60
N PRO D 455 -3.43 -18.11 -34.47
CA PRO D 455 -4.39 -18.96 -35.18
C PRO D 455 -5.05 -20.01 -34.25
N PRO D 456 -6.38 -20.23 -34.39
CA PRO D 456 -7.11 -21.07 -33.46
C PRO D 456 -6.53 -22.48 -33.41
N GLY D 457 -6.85 -23.21 -32.34
CA GLY D 457 -6.36 -24.58 -32.09
C GLY D 457 -4.83 -24.65 -32.04
N THR D 458 -4.20 -23.61 -31.53
CA THR D 458 -2.74 -23.52 -31.30
C THR D 458 -2.52 -23.13 -29.83
N VAL D 459 -1.70 -23.89 -29.10
CA VAL D 459 -1.50 -23.65 -27.63
C VAL D 459 -0.56 -22.44 -27.49
N GLY D 460 -0.89 -21.53 -26.56
CA GLY D 460 -0.11 -20.31 -26.27
C GLY D 460 -0.34 -19.24 -27.30
N SER D 461 -1.37 -19.39 -28.13
CA SER D 461 -1.72 -18.46 -29.22
C SER D 461 -2.62 -17.36 -28.65
N THR D 462 -3.24 -17.62 -27.49
CA THR D 462 -4.18 -16.68 -26.79
C THR D 462 -3.64 -15.24 -26.90
N ASN D 463 -4.42 -14.30 -27.47
CA ASN D 463 -3.92 -12.93 -27.78
C ASN D 463 -5.06 -11.91 -27.89
N LEU D 464 -6.23 -12.17 -27.33
CA LEU D 464 -7.42 -11.35 -27.63
C LEU D 464 -8.40 -11.37 -26.46
N ILE D 465 -8.94 -10.22 -26.09
CA ILE D 465 -10.09 -10.10 -25.14
C ILE D 465 -11.20 -9.37 -25.84
N HIS D 466 -12.42 -9.86 -25.70
CA HIS D 466 -13.60 -9.29 -26.36
C HIS D 466 -14.71 -9.11 -25.34
N VAL D 467 -15.15 -7.88 -25.13
CA VAL D 467 -16.32 -7.59 -24.26
C VAL D 467 -17.56 -7.72 -25.11
N HIS D 468 -18.35 -8.78 -24.87
CA HIS D 468 -19.48 -9.18 -25.73
C HIS D 468 -20.79 -9.22 -24.93
N ARG D 469 -21.84 -8.68 -25.49
CA ARG D 469 -23.20 -8.89 -24.99
C ARG D 469 -23.79 -10.07 -25.76
N ILE D 470 -24.43 -11.00 -25.06
CA ILE D 470 -24.89 -12.27 -25.67
C ILE D 470 -25.94 -11.97 -26.73
N GLY D 471 -25.66 -12.35 -27.97
CA GLY D 471 -26.63 -12.34 -29.09
C GLY D 471 -26.58 -11.05 -29.88
N GLU D 472 -25.83 -10.05 -29.41
CA GLU D 472 -25.77 -8.69 -30.01
C GLU D 472 -24.67 -8.67 -31.08
N ASP D 473 -24.71 -7.68 -31.97
CA ASP D 473 -23.92 -7.62 -33.22
C ASP D 473 -22.67 -6.75 -32.98
N ASP D 474 -21.76 -7.19 -32.10
CA ASP D 474 -20.64 -6.33 -31.60
C ASP D 474 -19.28 -6.99 -31.85
N VAL D 475 -19.14 -7.74 -32.95
CA VAL D 475 -17.90 -8.52 -33.25
C VAL D 475 -17.17 -7.89 -34.44
MG MG E . 26.57 30.52 -7.11
C1 OXL F . 23.69 30.43 -7.19
C2 OXL F . 24.07 30.82 -5.75
O1 OXL F . 22.49 30.39 -7.51
O2 OXL F . 23.17 31.12 -4.95
O3 OXL F . 24.62 30.16 -7.96
O4 OXL F . 25.29 30.83 -5.47
C1 R5P G . 24.58 10.60 9.64
O1 R5P G . 25.08 11.71 9.66
C2 R5P G . 23.26 10.34 8.93
O2 R5P G . 22.47 11.49 9.07
C3 R5P G . 22.56 8.99 9.48
O3 R5P G . 23.52 7.98 9.58
C4 R5P G . 21.33 8.63 8.56
O4 R5P G . 20.66 9.81 8.36
C5 R5P G . 20.43 7.55 9.18
O5 R5P G . 19.66 8.20 10.08
P R5P G . 17.93 7.64 10.39
O1P R5P G . 17.21 8.21 9.20
O2P R5P G . 17.69 8.33 11.71
O3P R5P G . 18.15 6.13 10.43
P AMP H . 21.33 15.90 20.34
O1P AMP H . 19.95 16.36 20.10
O2P AMP H . 21.61 14.47 20.12
O3P AMP H . 22.42 16.82 20.00
O5' AMP H . 21.37 15.97 21.95
C5' AMP H . 20.18 15.88 22.73
C4' AMP H . 20.53 16.21 24.17
O4' AMP H . 20.37 17.59 24.40
C3' AMP H . 19.59 15.56 25.11
O3' AMP H . 20.19 14.35 25.61
C2' AMP H . 19.45 16.56 26.21
O2' AMP H . 19.87 15.99 27.44
C1' AMP H . 20.41 17.66 25.81
N9 AMP H . 19.92 18.97 26.26
C8 AMP H . 19.24 19.84 25.55
N7 AMP H . 18.97 20.89 26.31
C5 AMP H . 19.49 20.66 27.50
C6 AMP H . 19.50 21.40 28.62
N6 AMP H . 18.88 22.58 28.57
N1 AMP H . 20.11 20.96 29.72
C2 AMP H . 20.74 19.70 29.68
N3 AMP H . 20.71 18.96 28.52
C4 AMP H . 20.09 19.46 27.46
MG MG I . -7.36 35.33 -19.72
C1 OXL J . -4.81 33.96 -18.86
C2 OXL J . -5.17 33.44 -20.26
O1 OXL J . -5.67 34.66 -18.26
O2 OXL J . -6.31 33.73 -20.69
O3 OXL J . -3.71 33.65 -18.38
O4 OXL J . -4.31 32.76 -20.88
C1 R5P K . -18.12 11.47 -18.38
O1 R5P K . -18.16 12.44 -19.12
C2 R5P K . -16.94 11.23 -17.49
O2 R5P K . -15.79 11.39 -18.26
C3 R5P K . -17.04 9.81 -16.74
O3 R5P K . -18.26 9.71 -16.08
C4 R5P K . -15.81 9.67 -15.80
O4 R5P K . -14.71 10.10 -16.56
C5 R5P K . -15.63 8.25 -15.31
O5 R5P K . -15.08 7.57 -16.32
P R5P K . -13.86 6.27 -15.99
O1P R5P K . -13.62 5.71 -17.37
O2P R5P K . -14.72 5.46 -15.02
O3P R5P K . -12.73 7.08 -15.38
P AMP L . -14.78 6.36 -29.32
O1P AMP L . -15.32 7.67 -29.72
O2P AMP L . -13.32 6.23 -29.27
O3P AMP L . -15.56 5.62 -28.32
O5' AMP L . -15.09 5.53 -30.63
C5' AMP L . -14.38 4.33 -30.92
C4' AMP L . -15.08 3.65 -32.06
O4' AMP L . -14.67 4.27 -33.32
C3' AMP L . -14.67 2.19 -32.16
O3' AMP L . -15.81 1.39 -32.55
C2' AMP L . -13.70 2.23 -33.26
O2' AMP L . -13.59 0.96 -33.86
C1' AMP L . -14.35 3.20 -34.20
N9 AMP L . -13.42 3.57 -35.26
C8 AMP L . -12.31 4.25 -35.11
N7 AMP L . -11.70 4.38 -36.28
C5 AMP L . -12.44 3.75 -37.18
C6 AMP L . -12.27 3.56 -38.50
N6 AMP L . -11.17 4.09 -39.08
N1 AMP L . -13.18 2.89 -39.20
C2 AMP L . -14.30 2.36 -38.55
N3 AMP L . -14.45 2.56 -37.19
C4 AMP L . -13.52 3.25 -36.53
MG MG M . -19.96 -24.92 26.01
C1 OXL N . -17.75 -25.19 24.12
C2 OXL N . -17.04 -24.84 25.45
O1 OXL N . -17.06 -25.63 23.19
O2 OXL N . -15.79 -25.02 25.55
O3 OXL N . -18.98 -25.03 24.07
O4 OXL N . -17.76 -24.38 26.36
C1 R5P O . -12.32 0.58 25.42
O1 R5P O . -12.65 -0.17 26.32
C2 R5P O . -11.74 0.03 24.14
O2 R5P O . -10.94 -1.07 24.46
C3 R5P O . -10.99 1.19 23.30
O3 R5P O . -11.82 2.29 23.17
C4 R5P O . -10.53 0.60 21.96
O4 R5P O . -9.93 -0.62 22.29
C5 R5P O . -9.57 1.50 21.24
O5 R5P O . -8.36 1.15 21.70
P R5P O . -6.88 1.73 20.85
O1P R5P O . -6.76 0.61 19.83
O2P R5P O . -7.34 3.10 20.37
O3P R5P O . -5.88 1.68 21.98
P AMP P . -2.61 0.36 33.39
O1P AMP P . -1.57 -0.39 32.67
O2P AMP P . -3.15 1.57 32.73
O3P AMP P . -3.57 -0.41 34.18
O5' AMP P . -1.70 1.01 34.54
C5' AMP P . -0.46 1.64 34.24
C4' AMP P . 0.15 2.08 35.56
O4' AMP P . 0.69 0.97 36.22
C3' AMP P . 1.34 2.99 35.34
O3' AMP P . 0.97 4.34 35.62
C2' AMP P . 2.31 2.49 36.38
O2' AMP P . 2.75 3.57 37.19
C1' AMP P . 1.50 1.57 37.20
N9 AMP P . 2.34 0.59 37.88
C8 AMP P . 2.60 -0.64 37.46
N7 AMP P . 3.42 -1.23 38.33
C5 AMP P . 3.68 -0.36 39.29
C6 AMP P . 4.45 -0.44 40.40
N6 AMP P . 5.09 -1.62 40.61
N1 AMP P . 4.56 0.58 41.24
C2 AMP P . 3.86 1.76 40.96
N3 AMP P . 3.07 1.84 39.80
C4 AMP P . 3.00 0.77 39.00
MG MG Q . 0.82 -40.87 0.69
C1 OXL R . -1.07 -39.06 1.93
C2 OXL R . -1.75 -39.37 0.60
O1 OXL R . 0.13 -39.43 2.06
O2 OXL R . -1.07 -39.95 -0.26
O3 OXL R . -1.71 -38.48 2.81
O4 OXL R . -2.96 -39.03 0.46
C1 R5P S . 5.96 -21.90 -16.53
O1 R5P S . 5.77 -23.10 -16.66
C2 R5P S . 5.45 -21.16 -15.33
O2 R5P S . 4.14 -21.58 -15.10
C3 R5P S . 5.65 -19.56 -15.50
O3 R5P S . 7.03 -19.28 -15.64
C4 R5P S . 4.97 -18.86 -14.32
O4 R5P S . 3.69 -19.41 -14.25
C5 R5P S . 4.96 -17.31 -14.46
O5 R5P S . 4.09 -17.04 -15.42
P R5P S . 2.84 -15.67 -15.19
O1P R5P S . 1.71 -16.13 -16.09
O2P R5P S . 3.71 -14.54 -15.68
O3P R5P S . 2.57 -15.72 -13.71
P AMP T . -3.89 -22.65 -24.33
O1P AMP T . -3.65 -24.09 -24.20
O2P AMP T . -4.90 -22.07 -23.45
O3P AMP T . -2.72 -21.82 -24.63
O5' AMP T . -4.70 -22.61 -25.70
C5' AMP T . -5.34 -21.44 -26.15
C4' AMP T . -5.82 -21.70 -27.56
O4' AMP T . -6.86 -22.68 -27.54
C3' AMP T . -6.46 -20.45 -28.15
O3' AMP T . -5.75 -20.04 -29.33
C2' AMP T . -7.81 -20.92 -28.52
O2' AMP T . -8.21 -20.36 -29.74
C1' AMP T . -7.62 -22.40 -28.67
N9 AMP T . -8.93 -23.08 -28.67
C8 AMP T . -9.61 -23.41 -27.59
N7 AMP T . -10.76 -23.98 -27.97
C5 AMP T . -10.80 -23.97 -29.28
C6 AMP T . -11.73 -24.42 -30.14
N6 AMP T . -12.84 -24.95 -29.61
N1 AMP T . -11.54 -24.31 -31.46
C2 AMP T . -10.34 -23.74 -31.93
N3 AMP T . -9.40 -23.28 -31.01
C4 AMP T . -9.64 -23.41 -29.72
#